data_4UOV
#
_entry.id   4UOV
#
_cell.length_a   163.750
_cell.length_b   283.020
_cell.length_c   52.170
_cell.angle_alpha   90.00
_cell.angle_beta   90.00
_cell.angle_gamma   90.00
#
_symmetry.space_group_name_H-M   'P 21 21 2'
#
loop_
_entity.id
_entity.type
_entity.pdbx_description
1 polymer 'CARBONATE DEHYDRATASE'
2 non-polymer 'ZINC ION'
3 non-polymer 5-ACETAMIDO-1,3,4-THIADIAZOLE-2-SULFONAMIDE
4 non-polymer 3,6,9,12,15,18,21,24,27,30,33,36,39-TRIDECAOXAHENTETRACONTANE-1,41-DIOL
5 non-polymer 2-[3-(2-HYDROXY-1,1-DIHYDROXYMETHYL-ETHYLAMINO)-PROPYLAMINO]-2-HYDROXYMETHYL-PROPANE-1,3-DIOL
6 non-polymer 'SULFATE ION'
7 non-polymer 'CHLORIDE ION'
8 non-polymer DI(HYDROXYETHYL)ETHER
9 non-polymer 'L(+)-TARTARIC ACID'
10 non-polymer 'TRIETHYLENE GLYCOL'
11 non-polymer 1-METHOXY-2-[2-(2-METHOXY-ETHOXY]-ETHANE
12 water water
#
_entity_poly.entity_id   1
_entity_poly.type   'polypeptide(L)'
_entity_poly.pdbx_seq_one_letter_code
;MKRVLVTLGAVAALATGAVAGGGAHWGYSGSIGPEHWGDLSPEYLMCKIGKNQSPIDINSADAVKACLAPVSVYYVSDAK
YVVNNGHTIKVVMGGRGYVVVDGKRFYLKQFHFHAPSEHTVNGKHYPFEAHFVHLDKNGNITVLGVFFKVGKENPELEKV
WRVMPEEPGQKRHLTARIDPEKLLPENRDYYRYSGSLTTPPCSEGVRWIVFKEPVEMSREQLEKFRKVMGFDNNRPVQPL
NARKVMK
;
_entity_poly.pdbx_strand_id   A,B,C,D,E,F
#
loop_
_chem_comp.id
_chem_comp.type
_chem_comp.name
_chem_comp.formula
AZM non-polymer 5-ACETAMIDO-1,3,4-THIADIAZOLE-2-SULFONAMIDE 'C4 H6 N4 O3 S2'
B3P non-polymer 2-[3-(2-HYDROXY-1,1-DIHYDROXYMETHYL-ETHYLAMINO)-PROPYLAMINO]-2-HYDROXYMETHYL-PROPANE-1,3-DIOL 'C11 H26 N2 O6'
CL non-polymer 'CHLORIDE ION' 'Cl -1'
PE3 non-polymer 3,6,9,12,15,18,21,24,27,30,33,36,39-TRIDECAOXAHENTETRACONTANE-1,41-DIOL 'C28 H58 O15'
PEG non-polymer DI(HYDROXYETHYL)ETHER 'C4 H10 O3'
PG5 non-polymer 1-METHOXY-2-[2-(2-METHOXY-ETHOXY]-ETHANE 'C8 H18 O4'
PGE non-polymer 'TRIETHYLENE GLYCOL' 'C6 H14 O4'
SO4 non-polymer 'SULFATE ION' 'O4 S -2'
TLA non-polymer 'L(+)-TARTARIC ACID' 'C4 H6 O6'
ZN non-polymer 'ZINC ION' 'Zn 2'
#
# COMPACT_ATOMS: atom_id res chain seq x y z
N GLY A 23 -5.09 -2.11 -25.08
CA GLY A 23 -4.22 -0.91 -24.87
C GLY A 23 -2.74 -1.21 -24.98
N ALA A 24 -1.91 -0.19 -24.83
CA ALA A 24 -0.47 -0.29 -25.02
C ALA A 24 0.23 -1.10 -23.92
N HIS A 25 1.38 -1.71 -24.25
CA HIS A 25 2.21 -2.40 -23.23
C HIS A 25 2.73 -1.43 -22.18
N TRP A 26 2.76 -1.89 -20.93
CA TRP A 26 3.20 -1.08 -19.80
C TRP A 26 3.96 -1.99 -18.85
N GLY A 27 4.74 -1.39 -17.95
CA GLY A 27 5.43 -2.16 -16.90
C GLY A 27 5.70 -1.33 -15.67
N TYR A 28 6.67 -1.77 -14.87
CA TYR A 28 6.96 -1.15 -13.59
C TYR A 28 8.28 -0.38 -13.53
N SER A 29 9.02 -0.38 -14.64
CA SER A 29 10.28 0.38 -14.72
C SER A 29 10.55 0.84 -16.15
N GLY A 30 11.50 1.76 -16.27
CA GLY A 30 12.00 2.20 -17.57
C GLY A 30 11.00 3.08 -18.27
N SER A 31 11.03 3.03 -19.60
CA SER A 31 10.21 3.89 -20.43
C SER A 31 8.73 3.54 -20.41
N ILE A 32 8.41 2.30 -20.01
CA ILE A 32 7.01 1.87 -19.88
C ILE A 32 6.51 1.87 -18.41
N GLY A 33 7.27 2.54 -17.52
CA GLY A 33 7.01 2.53 -16.06
C GLY A 33 5.92 3.50 -15.64
N PRO A 34 5.52 3.46 -14.34
CA PRO A 34 4.32 4.16 -13.86
C PRO A 34 4.26 5.66 -14.15
N GLU A 35 5.37 6.38 -14.06
CA GLU A 35 5.37 7.81 -14.34
CA GLU A 35 5.35 7.81 -14.34
C GLU A 35 5.05 8.11 -15.82
N HIS A 36 5.10 7.07 -16.67
CA HIS A 36 4.85 7.23 -18.12
C HIS A 36 3.54 6.65 -18.60
N TRP A 37 2.81 5.97 -17.71
CA TRP A 37 1.58 5.27 -18.12
C TRP A 37 0.59 6.20 -18.83
N GLY A 38 0.39 7.39 -18.27
CA GLY A 38 -0.54 8.38 -18.83
C GLY A 38 -0.22 8.80 -20.27
N ASP A 39 1.03 8.56 -20.70
CA ASP A 39 1.47 8.90 -22.05
C ASP A 39 1.57 7.72 -23.01
N LEU A 40 1.29 6.51 -22.53
CA LEU A 40 1.42 5.31 -23.34
C LEU A 40 0.23 5.07 -24.27
N SER A 41 -0.93 5.61 -23.91
CA SER A 41 -2.17 5.35 -24.64
C SER A 41 -3.24 6.36 -24.24
N PRO A 42 -4.11 6.76 -25.20
CA PRO A 42 -5.25 7.63 -24.86
C PRO A 42 -6.18 6.99 -23.84
N GLU A 43 -6.27 5.65 -23.86
CA GLU A 43 -7.11 4.89 -22.94
CA GLU A 43 -7.11 4.89 -22.94
C GLU A 43 -6.67 5.04 -21.48
N TYR A 44 -5.40 5.44 -21.28
CA TYR A 44 -4.79 5.52 -19.94
C TYR A 44 -4.78 6.95 -19.38
N LEU A 45 -5.62 7.80 -19.94
CA LEU A 45 -5.70 9.21 -19.57
C LEU A 45 -5.87 9.48 -18.05
N MET A 46 -6.62 8.64 -17.35
CA MET A 46 -6.84 8.87 -15.91
CA MET A 46 -6.84 8.81 -15.90
C MET A 46 -5.53 8.84 -15.11
N CYS A 47 -4.52 8.11 -15.58
CA CYS A 47 -3.21 8.11 -14.92
CA CYS A 47 -3.22 8.09 -14.93
C CYS A 47 -2.64 9.51 -14.85
N LYS A 48 -2.89 10.30 -15.89
CA LYS A 48 -2.38 11.68 -16.00
CA LYS A 48 -2.37 11.67 -15.98
C LYS A 48 -3.29 12.70 -15.34
N ILE A 49 -4.60 12.61 -15.62
CA ILE A 49 -5.54 13.64 -15.19
C ILE A 49 -6.36 13.32 -13.93
N GLY A 50 -6.43 12.06 -13.52
CA GLY A 50 -7.24 11.68 -12.35
C GLY A 50 -6.80 12.33 -11.05
N LYS A 51 -7.79 12.72 -10.23
CA LYS A 51 -7.55 13.31 -8.91
C LYS A 51 -7.97 12.35 -7.78
N ASN A 52 -8.42 11.16 -8.15
CA ASN A 52 -8.85 10.14 -7.20
C ASN A 52 -8.18 8.78 -7.48
N GLN A 53 -6.85 8.80 -7.55
CA GLN A 53 -6.04 7.64 -7.93
C GLN A 53 -5.58 6.83 -6.73
N SER A 54 -5.27 5.56 -7.00
CA SER A 54 -4.73 4.62 -6.02
C SER A 54 -3.41 4.02 -6.54
N PRO A 55 -2.55 3.50 -5.64
CA PRO A 55 -2.71 3.42 -4.19
C PRO A 55 -2.38 4.78 -3.53
N ILE A 56 -2.49 4.86 -2.21
CA ILE A 56 -2.19 6.08 -1.46
C ILE A 56 -1.37 5.73 -0.22
N ASP A 57 -0.72 6.74 0.35
CA ASP A 57 -0.22 6.63 1.72
C ASP A 57 -1.39 6.89 2.65
N ILE A 58 -1.57 6.00 3.62
CA ILE A 58 -2.58 6.16 4.65
C ILE A 58 -1.90 6.70 5.89
N ASN A 59 -2.05 8.00 6.12
CA ASN A 59 -1.56 8.63 7.34
C ASN A 59 -2.63 8.46 8.40
N SER A 60 -2.33 7.70 9.44
CA SER A 60 -3.36 7.26 10.38
C SER A 60 -3.94 8.40 11.20
N ALA A 61 -3.11 9.40 11.52
CA ALA A 61 -3.57 10.59 12.22
C ALA A 61 -4.45 11.47 11.36
N ASP A 62 -4.15 11.56 10.05
CA ASP A 62 -4.98 12.31 9.10
C ASP A 62 -6.31 11.62 8.74
N ALA A 63 -6.40 10.31 8.95
CA ALA A 63 -7.64 9.58 8.64
C ALA A 63 -8.73 10.00 9.64
N VAL A 64 -9.98 10.01 9.19
CA VAL A 64 -11.12 10.44 10.02
CA VAL A 64 -11.09 10.43 10.05
C VAL A 64 -11.82 9.23 10.64
N LYS A 65 -11.86 9.19 11.97
CA LYS A 65 -12.61 8.17 12.67
C LYS A 65 -14.08 8.25 12.26
N ALA A 66 -14.66 7.11 11.86
CA ALA A 66 -15.98 7.10 11.23
C ALA A 66 -16.75 5.82 11.51
N CYS A 67 -18.07 5.92 11.56
CA CYS A 67 -18.93 4.81 11.96
C CYS A 67 -19.18 3.85 10.80
N LEU A 68 -18.10 3.22 10.32
CA LEU A 68 -18.12 2.32 9.17
C LEU A 68 -18.82 1.00 9.51
N ALA A 69 -19.63 0.52 8.56
CA ALA A 69 -20.34 -0.76 8.68
C ALA A 69 -19.37 -1.93 8.60
N PRO A 70 -19.66 -3.03 9.32
CA PRO A 70 -18.84 -4.24 9.12
C PRO A 70 -18.96 -4.70 7.66
N VAL A 71 -17.86 -5.18 7.09
CA VAL A 71 -17.89 -5.74 5.74
C VAL A 71 -18.04 -7.26 5.90
N SER A 72 -19.24 -7.76 5.68
CA SER A 72 -19.54 -9.19 5.85
CA SER A 72 -19.50 -9.19 5.86
C SER A 72 -18.98 -10.00 4.69
N VAL A 73 -18.37 -11.14 5.00
CA VAL A 73 -17.71 -11.95 3.98
C VAL A 73 -18.45 -13.28 3.80
N TYR A 74 -18.84 -13.57 2.55
CA TYR A 74 -19.53 -14.82 2.20
C TYR A 74 -18.79 -15.48 1.03
N TYR A 75 -17.56 -15.89 1.29
CA TYR A 75 -16.74 -16.49 0.25
C TYR A 75 -17.04 -17.98 0.08
N VAL A 76 -16.79 -18.50 -1.12
CA VAL A 76 -16.94 -19.92 -1.40
C VAL A 76 -15.67 -20.46 -2.03
N SER A 77 -15.48 -21.77 -2.00
CA SER A 77 -14.26 -22.38 -2.55
C SER A 77 -14.43 -22.67 -4.03
N ASP A 78 -14.40 -21.62 -4.85
CA ASP A 78 -14.58 -21.78 -6.30
C ASP A 78 -13.43 -21.29 -7.17
N ALA A 79 -12.21 -21.41 -6.64
CA ALA A 79 -11.00 -21.12 -7.40
C ALA A 79 -10.88 -22.04 -8.63
N LYS A 80 -10.60 -21.42 -9.79
CA LYS A 80 -10.52 -22.14 -11.06
CA LYS A 80 -10.53 -22.14 -11.06
C LYS A 80 -9.10 -22.55 -11.40
N TYR A 81 -8.18 -21.60 -11.34
CA TYR A 81 -6.77 -21.82 -11.65
C TYR A 81 -5.95 -20.64 -11.18
N VAL A 82 -4.63 -20.83 -11.17
CA VAL A 82 -3.69 -19.76 -10.88
CA VAL A 82 -3.70 -19.75 -10.88
C VAL A 82 -2.94 -19.43 -12.17
N VAL A 83 -2.69 -18.14 -12.40
CA VAL A 83 -2.00 -17.70 -13.61
C VAL A 83 -0.88 -16.72 -13.28
N ASN A 84 0.26 -16.87 -13.95
CA ASN A 84 1.30 -15.85 -13.99
C ASN A 84 1.03 -15.03 -15.25
N ASN A 85 0.53 -13.80 -15.08
CA ASN A 85 0.15 -13.00 -16.24
C ASN A 85 1.20 -11.99 -16.65
N GLY A 86 2.39 -12.11 -16.07
CA GLY A 86 3.48 -11.18 -16.41
C GLY A 86 3.57 -9.93 -15.54
N HIS A 87 2.51 -9.65 -14.79
CA HIS A 87 2.45 -8.48 -13.90
CA HIS A 87 2.57 -8.51 -13.87
C HIS A 87 2.20 -8.86 -12.43
N THR A 88 1.69 -10.07 -12.23
CA THR A 88 1.31 -10.58 -10.91
C THR A 88 1.09 -12.10 -10.95
N ILE A 89 0.86 -12.69 -9.79
CA ILE A 89 0.35 -14.05 -9.67
C ILE A 89 -1.11 -13.91 -9.23
N LYS A 90 -2.01 -14.49 -10.02
CA LYS A 90 -3.44 -14.27 -9.83
C LYS A 90 -4.21 -15.57 -9.75
N VAL A 91 -5.04 -15.69 -8.71
CA VAL A 91 -5.98 -16.80 -8.59
C VAL A 91 -7.34 -16.37 -9.15
N VAL A 92 -7.81 -17.07 -10.15
CA VAL A 92 -9.07 -16.74 -10.81
C VAL A 92 -10.18 -17.55 -10.15
N MET A 93 -11.25 -16.87 -9.76
CA MET A 93 -12.38 -17.51 -9.06
C MET A 93 -13.59 -17.68 -9.96
N GLY A 94 -14.54 -18.49 -9.50
CA GLY A 94 -15.78 -18.69 -10.23
C GLY A 94 -16.76 -17.55 -10.10
N GLY A 95 -16.57 -16.68 -9.10
CA GLY A 95 -17.41 -15.49 -8.96
C GLY A 95 -18.69 -15.65 -8.16
N ARG A 96 -18.81 -16.74 -7.39
CA ARG A 96 -20.02 -16.98 -6.60
CA ARG A 96 -20.02 -16.99 -6.59
C ARG A 96 -19.91 -16.43 -5.17
N GLY A 97 -18.70 -16.33 -4.64
CA GLY A 97 -18.51 -15.76 -3.32
C GLY A 97 -18.66 -14.25 -3.39
N TYR A 98 -19.01 -13.61 -2.28
CA TYR A 98 -19.19 -12.15 -2.29
C TYR A 98 -18.93 -11.53 -0.91
N VAL A 99 -18.68 -10.21 -0.93
CA VAL A 99 -18.70 -9.39 0.30
C VAL A 99 -19.86 -8.42 0.21
N VAL A 100 -20.30 -7.91 1.34
CA VAL A 100 -21.37 -6.90 1.38
C VAL A 100 -20.77 -5.55 1.75
N VAL A 101 -20.91 -4.58 0.84
CA VAL A 101 -20.41 -3.21 0.99
C VAL A 101 -21.55 -2.29 0.54
N ASP A 102 -21.88 -1.29 1.36
CA ASP A 102 -22.98 -0.37 1.06
C ASP A 102 -24.30 -1.11 0.78
N GLY A 103 -24.52 -2.19 1.51
CA GLY A 103 -25.73 -3.01 1.38
C GLY A 103 -25.84 -3.84 0.12
N LYS A 104 -24.76 -3.90 -0.67
CA LYS A 104 -24.77 -4.60 -1.96
CA LYS A 104 -24.77 -4.59 -1.96
C LYS A 104 -23.76 -5.72 -1.99
N ARG A 105 -24.06 -6.75 -2.80
CA ARG A 105 -23.17 -7.89 -2.98
C ARG A 105 -22.13 -7.57 -4.06
N PHE A 106 -20.85 -7.66 -3.69
CA PHE A 106 -19.75 -7.53 -4.63
C PHE A 106 -19.07 -8.88 -4.74
N TYR A 107 -19.09 -9.47 -5.94
CA TYR A 107 -18.67 -10.87 -6.13
C TYR A 107 -17.18 -11.01 -6.38
N LEU A 108 -16.55 -11.94 -5.65
CA LEU A 108 -15.10 -12.18 -5.77
C LEU A 108 -14.74 -12.85 -7.09
N LYS A 109 -14.02 -12.11 -7.93
CA LYS A 109 -13.65 -12.57 -9.27
CA LYS A 109 -13.65 -12.57 -9.27
C LYS A 109 -12.25 -13.17 -9.31
N GLN A 110 -11.33 -12.60 -8.54
CA GLN A 110 -9.93 -13.02 -8.55
C GLN A 110 -9.25 -12.37 -7.38
N PHE A 111 -8.13 -12.93 -6.95
CA PHE A 111 -7.23 -12.23 -6.05
C PHE A 111 -5.80 -12.36 -6.54
N HIS A 112 -4.97 -11.37 -6.22
CA HIS A 112 -3.60 -11.32 -6.73
C HIS A 112 -2.69 -10.57 -5.77
N PHE A 113 -1.42 -10.41 -6.13
CA PHE A 113 -0.42 -10.00 -5.16
C PHE A 113 0.60 -8.96 -5.67
N HIS A 114 1.07 -8.11 -4.75
CA HIS A 114 2.12 -7.13 -5.00
C HIS A 114 3.22 -7.20 -3.95
N ALA A 115 4.46 -7.01 -4.38
CA ALA A 115 5.59 -6.83 -3.48
C ALA A 115 6.51 -5.76 -4.07
N PRO A 116 6.91 -4.74 -3.28
CA PRO A 116 6.45 -4.42 -1.91
C PRO A 116 4.98 -3.96 -1.94
N SER A 117 4.41 -3.59 -0.79
CA SER A 117 2.99 -3.22 -0.73
C SER A 117 2.74 -2.00 -1.64
N GLU A 118 1.52 -1.89 -2.16
CA GLU A 118 1.12 -0.72 -2.93
C GLU A 118 0.73 0.43 -2.00
N HIS A 119 -0.17 0.16 -1.06
CA HIS A 119 -0.48 1.15 -0.03
C HIS A 119 0.65 1.23 0.99
N THR A 120 0.88 2.41 1.54
CA THR A 120 1.78 2.57 2.68
C THR A 120 0.96 3.06 3.87
N VAL A 121 1.48 2.88 5.08
CA VAL A 121 0.83 3.40 6.27
C VAL A 121 1.86 4.25 7.00
N ASN A 122 1.51 5.52 7.25
CA ASN A 122 2.45 6.48 7.83
C ASN A 122 3.80 6.52 7.11
N GLY A 123 3.76 6.41 5.78
CA GLY A 123 4.97 6.53 4.98
C GLY A 123 5.80 5.26 4.85
N LYS A 124 5.34 4.15 5.41
CA LYS A 124 6.10 2.90 5.39
C LYS A 124 5.40 1.79 4.61
N HIS A 125 6.18 1.04 3.83
CA HIS A 125 5.66 -0.13 3.13
C HIS A 125 5.60 -1.35 4.02
N TYR A 126 4.64 -2.22 3.74
CA TYR A 126 4.74 -3.62 4.12
C TYR A 126 5.46 -4.37 3.00
N PRO A 127 6.00 -5.57 3.29
CA PRO A 127 6.74 -6.24 2.21
C PRO A 127 5.87 -6.86 1.11
N PHE A 128 4.57 -7.01 1.37
CA PHE A 128 3.69 -7.78 0.51
C PHE A 128 2.23 -7.31 0.74
N GLU A 129 1.43 -7.34 -0.32
CA GLU A 129 0.01 -6.94 -0.24
C GLU A 129 -0.83 -7.76 -1.19
N ALA A 130 -1.95 -8.30 -0.69
CA ALA A 130 -2.91 -9.03 -1.49
C ALA A 130 -4.14 -8.16 -1.80
N HIS A 131 -4.68 -8.35 -3.00
CA HIS A 131 -5.88 -7.64 -3.47
C HIS A 131 -6.95 -8.63 -3.88
N PHE A 132 -8.13 -8.48 -3.27
CA PHE A 132 -9.29 -9.32 -3.57
C PHE A 132 -10.26 -8.46 -4.38
N VAL A 133 -10.45 -8.83 -5.64
CA VAL A 133 -11.14 -7.94 -6.60
C VAL A 133 -12.57 -8.40 -6.81
N HIS A 134 -13.52 -7.49 -6.57
CA HIS A 134 -14.95 -7.80 -6.60
C HIS A 134 -15.75 -6.91 -7.54
N LEU A 135 -16.80 -7.49 -8.13
CA LEU A 135 -17.71 -6.71 -8.97
CA LEU A 135 -17.72 -6.76 -9.01
C LEU A 135 -19.15 -6.94 -8.53
N ASP A 136 -19.91 -5.86 -8.41
CA ASP A 136 -21.34 -6.00 -8.12
C ASP A 136 -22.08 -6.31 -9.43
N LYS A 137 -23.39 -6.53 -9.36
CA LYS A 137 -24.15 -6.91 -10.57
C LYS A 137 -24.12 -5.86 -11.68
N ASN A 138 -23.80 -4.62 -11.32
CA ASN A 138 -23.72 -3.55 -12.30
C ASN A 138 -22.29 -3.22 -12.76
N GLY A 139 -21.32 -3.99 -12.30
CA GLY A 139 -19.95 -3.80 -12.74
C GLY A 139 -19.12 -2.83 -11.90
N ASN A 140 -19.70 -2.33 -10.81
CA ASN A 140 -18.96 -1.49 -9.85
CA ASN A 140 -18.96 -1.49 -9.85
C ASN A 140 -17.91 -2.32 -9.10
N ILE A 141 -16.70 -1.78 -8.96
CA ILE A 141 -15.59 -2.55 -8.39
C ILE A 141 -15.30 -2.20 -6.93
N THR A 142 -15.11 -3.22 -6.11
CA THR A 142 -14.58 -3.07 -4.76
C THR A 142 -13.34 -3.96 -4.63
N VAL A 143 -12.25 -3.37 -4.14
CA VAL A 143 -11.04 -4.13 -3.83
C VAL A 143 -10.79 -4.17 -2.31
N LEU A 144 -10.57 -5.37 -1.80
CA LEU A 144 -10.14 -5.55 -0.42
C LEU A 144 -8.63 -5.76 -0.43
N GLY A 145 -7.92 -4.99 0.38
CA GLY A 145 -6.47 -5.11 0.48
C GLY A 145 -6.05 -5.68 1.83
N VAL A 146 -5.12 -6.63 1.80
CA VAL A 146 -4.58 -7.26 2.99
C VAL A 146 -3.08 -7.10 2.99
N PHE A 147 -2.53 -6.48 4.05
CA PHE A 147 -1.09 -6.35 4.22
C PHE A 147 -0.51 -7.64 4.81
N PHE A 148 0.71 -8.00 4.41
CA PHE A 148 1.40 -9.16 5.00
C PHE A 148 2.70 -8.67 5.60
N LYS A 149 3.04 -9.20 6.77
CA LYS A 149 4.37 -9.04 7.35
C LYS A 149 5.11 -10.40 7.40
N VAL A 150 6.44 -10.37 7.49
CA VAL A 150 7.22 -11.60 7.60
CA VAL A 150 7.18 -11.63 7.59
C VAL A 150 7.09 -12.19 9.01
N GLY A 151 6.71 -13.45 9.08
CA GLY A 151 6.57 -14.17 10.35
C GLY A 151 6.48 -15.64 10.02
N LYS A 152 5.42 -16.29 10.52
CA LYS A 152 5.22 -17.71 10.25
CA LYS A 152 5.18 -17.71 10.26
C LYS A 152 4.69 -17.95 8.84
N GLU A 153 5.03 -19.12 8.30
CA GLU A 153 4.52 -19.57 7.01
C GLU A 153 2.99 -19.56 7.02
N ASN A 154 2.40 -19.08 5.92
CA ASN A 154 0.97 -18.96 5.82
C ASN A 154 0.39 -20.18 5.13
N PRO A 155 -0.42 -20.97 5.87
CA PRO A 155 -0.91 -22.24 5.36
C PRO A 155 -1.79 -22.11 4.13
N GLU A 156 -2.68 -21.11 4.10
CA GLU A 156 -3.59 -20.98 2.97
C GLU A 156 -2.85 -20.48 1.73
N LEU A 157 -1.91 -19.56 1.93
CA LEU A 157 -1.08 -19.06 0.84
C LEU A 157 -0.21 -20.18 0.27
N GLU A 158 0.29 -21.05 1.15
CA GLU A 158 1.08 -22.21 0.71
C GLU A 158 0.34 -23.10 -0.29
N LYS A 159 -0.98 -23.19 -0.18
CA LYS A 159 -1.77 -23.95 -1.13
C LYS A 159 -1.61 -23.41 -2.54
N VAL A 160 -1.42 -22.10 -2.66
CA VAL A 160 -1.24 -21.47 -3.96
C VAL A 160 0.24 -21.51 -4.32
N TRP A 161 1.09 -21.19 -3.36
CA TRP A 161 2.53 -21.10 -3.61
C TRP A 161 3.14 -22.40 -4.13
N ARG A 162 2.63 -23.55 -3.66
CA ARG A 162 3.12 -24.85 -4.11
CA ARG A 162 3.16 -24.84 -4.10
C ARG A 162 2.96 -25.04 -5.60
N VAL A 163 1.91 -24.43 -6.17
CA VAL A 163 1.64 -24.55 -7.61
C VAL A 163 1.83 -23.23 -8.40
N MET A 164 2.65 -22.31 -7.88
CA MET A 164 2.87 -21.02 -8.54
C MET A 164 3.44 -21.18 -9.95
N PRO A 165 2.74 -20.67 -10.98
CA PRO A 165 3.29 -20.73 -12.34
C PRO A 165 4.52 -19.85 -12.48
N GLU A 166 5.63 -20.45 -12.95
CA GLU A 166 6.92 -19.77 -12.89
C GLU A 166 7.22 -18.83 -14.06
N GLU A 167 6.47 -18.98 -15.15
CA GLU A 167 6.70 -18.18 -16.36
CA GLU A 167 6.71 -18.16 -16.33
C GLU A 167 5.45 -17.39 -16.74
N PRO A 168 5.65 -16.15 -17.25
CA PRO A 168 4.50 -15.39 -17.76
C PRO A 168 3.73 -16.17 -18.81
N GLY A 169 2.41 -16.17 -18.70
CA GLY A 169 1.57 -16.92 -19.63
C GLY A 169 1.17 -18.30 -19.15
N GLN A 170 1.83 -18.81 -18.12
CA GLN A 170 1.50 -20.15 -17.59
C GLN A 170 0.35 -20.12 -16.60
N LYS A 171 -0.51 -21.12 -16.70
CA LYS A 171 -1.62 -21.34 -15.78
C LYS A 171 -1.41 -22.71 -15.12
N ARG A 172 -1.89 -22.86 -13.89
CA ARG A 172 -1.78 -24.13 -13.17
CA ARG A 172 -1.77 -24.12 -13.15
C ARG A 172 -3.08 -24.43 -12.45
N HIS A 173 -3.44 -25.71 -12.41
CA HIS A 173 -4.63 -26.14 -11.69
C HIS A 173 -4.32 -26.16 -10.20
N LEU A 174 -5.34 -25.90 -9.38
CA LEU A 174 -5.15 -25.89 -7.94
C LEU A 174 -5.39 -27.28 -7.38
N THR A 175 -4.35 -27.84 -6.78
CA THR A 175 -4.41 -29.21 -6.26
C THR A 175 -5.12 -29.31 -4.90
N ALA A 176 -5.05 -28.25 -4.10
CA ALA A 176 -5.77 -28.18 -2.83
C ALA A 176 -6.97 -27.23 -2.93
N ARG A 177 -7.94 -27.41 -2.03
CA ARG A 177 -9.13 -26.56 -1.98
CA ARG A 177 -9.12 -26.55 -2.02
C ARG A 177 -8.78 -25.20 -1.39
N ILE A 178 -9.00 -24.13 -2.16
CA ILE A 178 -8.71 -22.77 -1.71
C ILE A 178 -9.90 -22.20 -0.93
N ASP A 179 -9.62 -21.75 0.29
CA ASP A 179 -10.58 -21.05 1.13
CA ASP A 179 -10.58 -21.03 1.12
C ASP A 179 -10.11 -19.57 1.25
N PRO A 180 -10.58 -18.70 0.34
CA PRO A 180 -10.04 -17.32 0.35
C PRO A 180 -10.23 -16.52 1.65
N GLU A 181 -11.30 -16.79 2.41
CA GLU A 181 -11.48 -16.05 3.67
CA GLU A 181 -11.53 -16.12 3.70
C GLU A 181 -10.36 -16.33 4.66
N LYS A 182 -9.66 -17.46 4.51
CA LYS A 182 -8.55 -17.76 5.42
C LYS A 182 -7.31 -16.91 5.19
N LEU A 183 -7.30 -16.15 4.09
CA LEU A 183 -6.22 -15.18 3.85
C LEU A 183 -6.48 -13.80 4.50
N LEU A 184 -7.71 -13.53 4.90
CA LEU A 184 -8.04 -12.26 5.58
C LEU A 184 -7.59 -12.28 7.04
N PRO A 185 -7.29 -11.08 7.60
CA PRO A 185 -6.96 -11.05 9.04
C PRO A 185 -8.18 -11.41 9.89
N GLU A 186 -7.94 -11.83 11.14
CA GLU A 186 -9.02 -12.17 12.07
CA GLU A 186 -9.02 -12.17 12.07
C GLU A 186 -9.77 -10.91 12.48
N ASN A 187 -9.02 -9.86 12.78
CA ASN A 187 -9.62 -8.57 13.05
CA ASN A 187 -9.54 -8.52 13.06
C ASN A 187 -9.98 -7.90 11.73
N ARG A 188 -11.24 -7.48 11.61
CA ARG A 188 -11.75 -6.97 10.34
C ARG A 188 -11.96 -5.45 10.28
N ASP A 189 -11.32 -4.74 11.21
CA ASP A 189 -11.28 -3.28 11.13
C ASP A 189 -10.54 -2.86 9.87
N TYR A 190 -10.97 -1.74 9.29
CA TYR A 190 -10.43 -1.32 7.99
C TYR A 190 -10.43 0.19 7.81
N TYR A 191 -9.59 0.60 6.86
CA TYR A 191 -9.59 1.94 6.27
C TYR A 191 -10.44 1.88 5.00
N ARG A 192 -11.17 2.94 4.72
CA ARG A 192 -11.93 3.03 3.47
C ARG A 192 -11.69 4.37 2.79
N TYR A 193 -11.50 4.33 1.46
CA TYR A 193 -11.44 5.53 0.64
C TYR A 193 -11.93 5.21 -0.78
N SER A 194 -12.21 6.25 -1.56
CA SER A 194 -12.63 6.15 -2.97
CA SER A 194 -12.59 6.06 -2.96
C SER A 194 -11.42 6.36 -3.87
N GLY A 195 -11.13 5.41 -4.75
CA GLY A 195 -9.93 5.51 -5.58
C GLY A 195 -10.05 4.88 -6.96
N SER A 196 -9.00 4.18 -7.37
CA SER A 196 -8.89 3.69 -8.73
C SER A 196 -8.26 2.30 -8.77
N LEU A 197 -8.28 1.66 -9.94
CA LEU A 197 -7.41 0.50 -10.14
C LEU A 197 -5.95 0.96 -10.16
N THR A 198 -5.02 0.10 -9.75
CA THR A 198 -3.62 0.49 -9.68
C THR A 198 -2.79 0.05 -10.88
N THR A 199 -3.41 -0.57 -11.87
CA THR A 199 -2.76 -0.82 -13.17
C THR A 199 -3.55 -0.14 -14.29
N PRO A 200 -2.89 0.24 -15.40
CA PRO A 200 -3.62 0.86 -16.51
C PRO A 200 -4.86 0.05 -16.90
N PRO A 201 -5.99 0.73 -17.22
CA PRO A 201 -6.17 2.16 -17.42
C PRO A 201 -6.43 3.00 -16.16
N CYS A 202 -6.28 2.40 -14.97
CA CYS A 202 -6.41 3.11 -13.69
CA CYS A 202 -6.41 3.11 -13.69
C CYS A 202 -7.76 3.83 -13.56
N SER A 203 -8.83 3.12 -13.92
CA SER A 203 -10.18 3.66 -13.86
CA SER A 203 -10.17 3.69 -13.85
C SER A 203 -10.55 4.05 -12.43
N GLU A 204 -11.28 5.16 -12.30
CA GLU A 204 -11.74 5.61 -10.99
C GLU A 204 -13.12 5.05 -10.65
N GLY A 205 -13.70 5.53 -9.55
CA GLY A 205 -14.95 4.96 -9.03
C GLY A 205 -14.81 3.61 -8.34
N VAL A 206 -13.62 3.33 -7.82
CA VAL A 206 -13.34 2.05 -7.13
C VAL A 206 -13.43 2.21 -5.62
N ARG A 207 -14.18 1.32 -4.95
CA ARG A 207 -14.22 1.30 -3.48
C ARG A 207 -13.03 0.51 -2.93
N TRP A 208 -12.24 1.12 -2.04
CA TRP A 208 -11.11 0.45 -1.40
C TRP A 208 -11.39 0.18 0.07
N ILE A 209 -11.23 -1.09 0.46
CA ILE A 209 -11.36 -1.54 1.86
C ILE A 209 -10.00 -2.14 2.22
N VAL A 210 -9.19 -1.41 2.99
CA VAL A 210 -7.84 -1.86 3.31
C VAL A 210 -7.80 -2.24 4.79
N PHE A 211 -7.64 -3.53 5.08
CA PHE A 211 -7.69 -3.98 6.49
C PHE A 211 -6.49 -3.48 7.26
N LYS A 212 -6.73 -3.04 8.50
CA LYS A 212 -5.67 -2.43 9.29
C LYS A 212 -4.66 -3.47 9.79
N GLU A 213 -5.11 -4.68 10.10
CA GLU A 213 -4.26 -5.71 10.73
CA GLU A 213 -4.23 -5.67 10.72
C GLU A 213 -3.57 -6.55 9.66
N PRO A 214 -2.21 -6.62 9.69
CA PRO A 214 -1.55 -7.45 8.68
C PRO A 214 -1.60 -8.93 9.04
N VAL A 215 -1.41 -9.78 8.04
CA VAL A 215 -1.30 -11.22 8.27
CA VAL A 215 -1.33 -11.22 8.19
C VAL A 215 0.15 -11.62 8.04
N GLU A 216 0.49 -12.86 8.36
CA GLU A 216 1.89 -13.31 8.31
C GLU A 216 2.20 -14.19 7.11
N MET A 217 3.44 -14.10 6.63
CA MET A 217 3.98 -15.05 5.65
C MET A 217 5.44 -15.34 6.01
N SER A 218 5.99 -16.48 5.56
CA SER A 218 7.40 -16.75 5.82
C SER A 218 8.31 -15.94 4.88
N ARG A 219 9.52 -15.64 5.34
CA ARG A 219 10.56 -15.06 4.50
C ARG A 219 10.70 -15.86 3.20
N GLU A 220 10.60 -17.18 3.31
CA GLU A 220 10.72 -18.08 2.17
CA GLU A 220 10.71 -18.09 2.17
C GLU A 220 9.59 -17.87 1.17
N GLN A 221 8.36 -17.72 1.67
CA GLN A 221 7.21 -17.49 0.81
C GLN A 221 7.34 -16.18 0.05
N LEU A 222 7.83 -15.14 0.73
CA LEU A 222 8.06 -13.84 0.14
C LEU A 222 9.13 -13.94 -0.96
N GLU A 223 10.22 -14.65 -0.65
CA GLU A 223 11.33 -14.77 -1.57
C GLU A 223 11.00 -15.57 -2.82
N LYS A 224 10.16 -16.60 -2.69
CA LYS A 224 9.69 -17.33 -3.87
C LYS A 224 8.89 -16.43 -4.80
N PHE A 225 8.01 -15.60 -4.23
CA PHE A 225 7.27 -14.62 -5.04
C PHE A 225 8.20 -13.64 -5.73
N ARG A 226 9.15 -13.06 -5.00
CA ARG A 226 10.07 -12.08 -5.60
C ARG A 226 10.96 -12.73 -6.67
N LYS A 227 11.34 -13.99 -6.46
CA LYS A 227 12.18 -14.70 -7.44
C LYS A 227 11.40 -14.94 -8.74
N VAL A 228 10.17 -15.45 -8.60
CA VAL A 228 9.34 -15.74 -9.77
C VAL A 228 8.97 -14.48 -10.55
N MET A 229 8.59 -13.42 -9.83
CA MET A 229 8.21 -12.17 -10.49
C MET A 229 9.39 -11.56 -11.21
N GLY A 230 10.51 -11.44 -10.53
CA GLY A 230 11.71 -10.86 -11.09
C GLY A 230 11.78 -9.35 -11.04
N PHE A 231 10.77 -8.69 -10.44
CA PHE A 231 10.74 -7.23 -10.32
C PHE A 231 9.68 -6.79 -9.30
N ASP A 232 9.87 -5.60 -8.72
CA ASP A 232 8.84 -4.96 -7.88
C ASP A 232 7.65 -4.65 -8.76
N ASN A 233 6.44 -4.95 -8.25
CA ASN A 233 5.24 -4.67 -9.02
C ASN A 233 4.21 -3.78 -8.28
N ASN A 234 4.72 -2.75 -7.59
CA ASN A 234 3.85 -1.75 -6.92
C ASN A 234 3.84 -0.41 -7.67
N ARG A 235 2.64 0.12 -7.90
CA ARG A 235 2.53 1.48 -8.43
C ARG A 235 2.85 2.42 -7.28
N PRO A 236 3.59 3.52 -7.54
CA PRO A 236 3.86 4.51 -6.51
C PRO A 236 2.57 5.11 -5.94
N VAL A 237 2.59 5.51 -4.68
CA VAL A 237 1.46 6.20 -4.04
C VAL A 237 1.09 7.50 -4.76
N GLN A 238 -0.20 7.82 -4.75
CA GLN A 238 -0.75 8.96 -5.48
C GLN A 238 -1.30 9.97 -4.47
N PRO A 239 -1.38 11.28 -4.83
CA PRO A 239 -1.84 12.28 -3.88
CA PRO A 239 -1.85 12.27 -3.87
C PRO A 239 -3.31 12.10 -3.48
N LEU A 240 -3.60 12.33 -2.20
CA LEU A 240 -4.96 12.25 -1.68
CA LEU A 240 -4.96 12.24 -1.69
C LEU A 240 -5.89 13.29 -2.32
N ASN A 241 -5.34 14.48 -2.59
CA ASN A 241 -6.10 15.61 -3.14
C ASN A 241 -7.27 15.97 -2.21
N ALA A 242 -8.51 15.92 -2.68
CA ALA A 242 -9.64 16.34 -1.83
C ALA A 242 -10.16 15.26 -0.89
N ARG A 243 -9.68 14.04 -1.04
CA ARG A 243 -10.20 12.90 -0.27
C ARG A 243 -9.79 12.83 1.19
N LYS A 244 -10.64 12.21 2.01
CA LYS A 244 -10.27 11.75 3.34
C LYS A 244 -10.36 10.24 3.37
N VAL A 245 -9.49 9.61 4.15
CA VAL A 245 -9.58 8.19 4.43
C VAL A 245 -10.38 8.08 5.71
N MET A 246 -11.32 7.13 5.75
CA MET A 246 -12.08 6.84 6.98
CA MET A 246 -12.09 6.85 6.96
C MET A 246 -11.46 5.66 7.70
N LYS A 247 -11.46 5.72 9.03
CA LYS A 247 -10.86 4.67 9.88
C LYS A 247 -11.76 4.29 11.05
N GLY B 23 -36.69 0.57 53.53
CA GLY B 23 -36.84 1.86 52.80
C GLY B 23 -37.74 2.87 53.50
N ALA B 24 -37.12 3.90 54.05
CA ALA B 24 -37.84 4.99 54.73
C ALA B 24 -38.64 5.87 53.77
N HIS B 25 -39.63 6.58 54.31
CA HIS B 25 -40.41 7.53 53.53
CA HIS B 25 -40.41 7.54 53.53
C HIS B 25 -39.51 8.65 53.02
N TRP B 26 -39.71 9.04 51.76
CA TRP B 26 -38.92 10.14 51.17
C TRP B 26 -39.88 10.95 50.32
N GLY B 27 -39.49 12.17 50.00
CA GLY B 27 -40.33 13.02 49.15
C GLY B 27 -39.50 14.04 48.41
N TYR B 28 -40.14 15.10 47.94
CA TYR B 28 -39.48 16.11 47.11
C TYR B 28 -39.26 17.47 47.77
N SER B 29 -39.64 17.59 49.05
CA SER B 29 -39.40 18.84 49.78
C SER B 29 -39.31 18.61 51.28
N GLY B 30 -38.89 19.64 52.01
CA GLY B 30 -38.85 19.59 53.47
C GLY B 30 -37.75 18.69 53.99
N SER B 31 -38.01 18.08 55.15
CA SER B 31 -37.00 17.28 55.84
C SER B 31 -36.71 15.93 55.15
N ILE B 32 -37.58 15.52 54.23
CA ILE B 32 -37.42 14.26 53.50
C ILE B 32 -37.09 14.46 52.00
N GLY B 33 -36.70 15.68 51.65
CA GLY B 33 -36.41 16.08 50.27
C GLY B 33 -35.05 15.62 49.78
N PRO B 34 -34.76 15.82 48.47
CA PRO B 34 -33.60 15.23 47.80
C PRO B 34 -32.24 15.45 48.49
N GLU B 35 -32.00 16.63 49.07
CA GLU B 35 -30.73 16.90 49.75
CA GLU B 35 -30.73 16.89 49.73
C GLU B 35 -30.56 16.07 51.02
N HIS B 36 -31.66 15.51 51.53
CA HIS B 36 -31.63 14.69 52.75
C HIS B 36 -31.76 13.18 52.49
N TRP B 37 -32.03 12.76 51.25
CA TRP B 37 -32.28 11.33 50.99
C TRP B 37 -31.22 10.40 51.58
N GLY B 38 -29.95 10.78 51.41
CA GLY B 38 -28.82 9.96 51.85
C GLY B 38 -28.80 9.74 53.35
N ASP B 39 -29.50 10.59 54.09
CA ASP B 39 -29.54 10.50 55.55
C ASP B 39 -30.79 9.81 56.11
N LEU B 40 -31.72 9.45 55.23
CA LEU B 40 -33.00 8.89 55.66
C LEU B 40 -32.96 7.40 55.99
N SER B 41 -32.01 6.69 55.40
CA SER B 41 -31.90 5.24 55.54
CA SER B 41 -31.90 5.24 55.54
C SER B 41 -30.52 4.75 55.11
N PRO B 42 -29.97 3.74 55.84
CA PRO B 42 -28.72 3.12 55.39
C PRO B 42 -28.83 2.56 53.96
N GLU B 43 -30.05 2.23 53.54
CA GLU B 43 -30.31 1.69 52.21
CA GLU B 43 -30.31 1.69 52.21
C GLU B 43 -30.07 2.73 51.12
N TYR B 44 -30.13 4.00 51.50
CA TYR B 44 -30.07 5.11 50.54
C TYR B 44 -28.69 5.70 50.42
N LEU B 45 -27.68 4.92 50.81
CA LEU B 45 -26.30 5.41 50.90
C LEU B 45 -25.75 5.96 49.58
N MET B 46 -26.13 5.39 48.45
CA MET B 46 -25.58 5.85 47.16
CA MET B 46 -25.60 5.84 47.15
C MET B 46 -25.94 7.32 46.87
N CYS B 47 -27.03 7.81 47.45
CA CYS B 47 -27.36 9.24 47.31
C CYS B 47 -26.24 10.13 47.83
N LYS B 48 -25.60 9.69 48.91
CA LYS B 48 -24.56 10.52 49.51
CA LYS B 48 -24.54 10.45 49.60
C LYS B 48 -23.16 10.24 48.98
N ILE B 49 -22.84 8.98 48.67
CA ILE B 49 -21.46 8.63 48.26
C ILE B 49 -21.27 8.34 46.75
N GLY B 50 -22.36 8.15 46.02
CA GLY B 50 -22.25 7.76 44.61
C GLY B 50 -21.60 8.82 43.75
N LYS B 51 -20.78 8.40 42.78
CA LYS B 51 -20.11 9.30 41.85
CA LYS B 51 -20.11 9.30 41.85
C LYS B 51 -20.66 9.13 40.43
N ASN B 52 -21.65 8.25 40.27
CA ASN B 52 -22.27 8.05 38.97
C ASN B 52 -23.80 8.18 39.07
N GLN B 53 -24.25 9.33 39.60
CA GLN B 53 -25.68 9.56 39.86
C GLN B 53 -26.43 10.26 38.71
N SER B 54 -27.76 10.11 38.73
CA SER B 54 -28.67 10.74 37.77
C SER B 54 -29.75 11.55 38.52
N PRO B 55 -30.37 12.55 37.86
CA PRO B 55 -30.14 12.99 36.50
C PRO B 55 -28.89 13.91 36.42
N ILE B 56 -28.59 14.39 35.23
CA ILE B 56 -27.44 15.26 34.98
C ILE B 56 -27.87 16.38 34.05
N ASP B 57 -27.04 17.42 33.99
CA ASP B 57 -27.11 18.38 32.90
C ASP B 57 -26.34 17.79 31.72
N ILE B 58 -26.95 17.81 30.55
CA ILE B 58 -26.31 17.39 29.32
C ILE B 58 -25.86 18.62 28.55
N ASN B 59 -24.57 18.91 28.63
CA ASN B 59 -24.00 20.02 27.86
C ASN B 59 -23.63 19.44 26.50
N SER B 60 -24.30 19.93 25.45
CA SER B 60 -24.22 19.30 24.14
C SER B 60 -22.84 19.43 23.51
N ALA B 61 -22.16 20.54 23.77
CA ALA B 61 -20.78 20.75 23.30
C ALA B 61 -19.79 19.79 23.98
N ASP B 62 -20.02 19.48 25.26
CA ASP B 62 -19.12 18.61 26.05
C ASP B 62 -19.36 17.13 25.76
N ALA B 63 -20.53 16.81 25.23
CA ALA B 63 -20.85 15.42 24.88
C ALA B 63 -19.94 14.98 23.74
N VAL B 64 -19.56 13.70 23.75
CA VAL B 64 -18.67 13.19 22.72
CA VAL B 64 -18.66 13.13 22.75
C VAL B 64 -19.44 12.50 21.60
N LYS B 65 -19.25 12.99 20.38
CA LYS B 65 -19.82 12.36 19.19
C LYS B 65 -19.32 10.90 19.09
N ALA B 66 -20.25 9.96 18.95
CA ALA B 66 -19.89 8.54 19.06
C ALA B 66 -20.76 7.68 18.18
N CYS B 67 -20.25 6.48 17.85
CA CYS B 67 -20.97 5.60 16.93
C CYS B 67 -21.99 4.76 17.70
N LEU B 68 -23.00 5.44 18.24
CA LEU B 68 -24.04 4.80 19.05
C LEU B 68 -24.98 3.97 18.17
N ALA B 69 -25.30 2.75 18.59
CA ALA B 69 -26.20 1.86 17.82
C ALA B 69 -27.65 2.34 17.87
N PRO B 70 -28.43 2.13 16.80
CA PRO B 70 -29.89 2.39 16.92
C PRO B 70 -30.46 1.56 18.08
N VAL B 71 -31.36 2.16 18.87
CA VAL B 71 -32.06 1.43 19.92
C VAL B 71 -33.37 0.95 19.32
N SER B 72 -33.43 -0.34 18.93
CA SER B 72 -34.61 -0.91 18.28
CA SER B 72 -34.63 -0.86 18.28
C SER B 72 -35.74 -1.10 19.28
N VAL B 73 -36.96 -0.71 18.89
CA VAL B 73 -38.11 -0.74 19.78
C VAL B 73 -39.14 -1.78 19.33
N TYR B 74 -39.47 -2.72 20.22
CA TYR B 74 -40.43 -3.80 19.95
C TYR B 74 -41.48 -3.78 21.06
N TYR B 75 -42.22 -2.69 21.14
CA TYR B 75 -43.20 -2.52 22.18
C TYR B 75 -44.53 -3.20 21.81
N VAL B 76 -45.30 -3.58 22.82
CA VAL B 76 -46.64 -4.12 22.62
C VAL B 76 -47.64 -3.29 23.44
N SER B 77 -48.89 -3.32 23.02
CA SER B 77 -49.90 -2.58 23.76
C SER B 77 -50.43 -3.39 24.94
N ASP B 78 -49.60 -3.51 25.99
CA ASP B 78 -50.00 -4.25 27.19
C ASP B 78 -50.04 -3.42 28.47
N ALA B 79 -50.39 -2.13 28.33
CA ALA B 79 -50.60 -1.25 29.49
C ALA B 79 -51.81 -1.76 30.24
N LYS B 80 -51.67 -1.93 31.55
CA LYS B 80 -52.74 -2.49 32.36
C LYS B 80 -53.54 -1.41 33.09
N TYR B 81 -52.84 -0.58 33.86
CA TYR B 81 -53.48 0.44 34.66
C TYR B 81 -52.55 1.60 34.93
N VAL B 82 -53.14 2.70 35.39
CA VAL B 82 -52.39 3.88 35.79
CA VAL B 82 -52.41 3.91 35.79
C VAL B 82 -52.57 4.11 37.29
N VAL B 83 -51.48 4.45 37.96
CA VAL B 83 -51.50 4.64 39.40
C VAL B 83 -50.92 6.00 39.78
N ASN B 84 -51.55 6.67 40.74
CA ASN B 84 -50.97 7.83 41.39
C ASN B 84 -50.35 7.33 42.69
N ASN B 85 -49.01 7.25 42.76
CA ASN B 85 -48.37 6.69 43.94
C ASN B 85 -47.85 7.73 44.93
N GLY B 86 -48.26 8.97 44.75
CA GLY B 86 -47.80 10.06 45.63
C GLY B 86 -46.50 10.74 45.22
N HIS B 87 -45.73 10.10 44.32
CA HIS B 87 -44.43 10.60 43.82
CA HIS B 87 -44.53 10.77 43.83
C HIS B 87 -44.48 10.89 42.33
N THR B 88 -45.42 10.26 41.63
CA THR B 88 -45.54 10.36 40.16
C THR B 88 -46.88 9.79 39.70
N ILE B 89 -47.15 9.90 38.40
CA ILE B 89 -48.22 9.17 37.74
C ILE B 89 -47.55 8.09 36.88
N LYS B 90 -47.90 6.82 37.13
CA LYS B 90 -47.19 5.71 36.51
C LYS B 90 -48.15 4.76 35.79
N VAL B 91 -47.78 4.38 34.57
CA VAL B 91 -48.53 3.37 33.80
C VAL B 91 -47.79 2.05 33.93
N VAL B 92 -48.48 1.04 34.48
CA VAL B 92 -47.89 -0.28 34.68
C VAL B 92 -48.24 -1.18 33.49
N MET B 93 -47.21 -1.83 32.92
CA MET B 93 -47.34 -2.68 31.72
C MET B 93 -47.26 -4.14 32.11
N GLY B 94 -47.72 -5.02 31.21
CA GLY B 94 -47.55 -6.46 31.35
C GLY B 94 -46.12 -6.96 31.23
N GLY B 95 -45.25 -6.17 30.59
CA GLY B 95 -43.82 -6.49 30.55
C GLY B 95 -43.35 -7.32 29.35
N ARG B 96 -44.17 -7.40 28.30
CA ARG B 96 -43.86 -8.21 27.11
CA ARG B 96 -43.79 -8.22 27.15
C ARG B 96 -43.09 -7.43 26.04
N GLY B 97 -43.30 -6.11 26.00
CA GLY B 97 -42.61 -5.27 25.01
C GLY B 97 -41.17 -5.06 25.46
N TYR B 98 -40.27 -4.73 24.53
CA TYR B 98 -38.86 -4.55 24.87
C TYR B 98 -38.13 -3.63 23.90
N VAL B 99 -36.99 -3.10 24.36
CA VAL B 99 -36.04 -2.44 23.49
C VAL B 99 -34.76 -3.26 23.46
N VAL B 100 -33.95 -3.06 22.43
CA VAL B 100 -32.65 -3.73 22.33
C VAL B 100 -31.53 -2.73 22.57
N VAL B 101 -30.78 -2.96 23.64
CA VAL B 101 -29.62 -2.15 23.98
C VAL B 101 -28.45 -3.10 24.25
N ASP B 102 -27.28 -2.78 23.69
CA ASP B 102 -26.09 -3.64 23.88
C ASP B 102 -26.38 -5.11 23.48
N GLY B 103 -27.19 -5.28 22.44
CA GLY B 103 -27.52 -6.61 21.90
C GLY B 103 -28.46 -7.44 22.75
N LYS B 104 -29.05 -6.83 23.79
CA LYS B 104 -29.90 -7.54 24.77
CA LYS B 104 -29.95 -7.59 24.67
C LYS B 104 -31.30 -6.93 24.86
N ARG B 105 -32.28 -7.76 25.23
CA ARG B 105 -33.67 -7.32 25.40
C ARG B 105 -33.89 -6.79 26.82
N PHE B 106 -34.34 -5.54 26.89
CA PHE B 106 -34.74 -4.91 28.16
C PHE B 106 -36.26 -4.70 28.06
N TYR B 107 -36.99 -5.36 28.94
CA TYR B 107 -38.46 -5.38 28.88
C TYR B 107 -39.11 -4.20 29.57
N LEU B 108 -40.01 -3.53 28.87
CA LEU B 108 -40.74 -2.37 29.40
C LEU B 108 -41.73 -2.75 30.49
N LYS B 109 -41.42 -2.35 31.72
CA LYS B 109 -42.22 -2.69 32.89
CA LYS B 109 -42.23 -2.69 32.89
C LYS B 109 -43.26 -1.62 33.23
N GLN B 110 -42.88 -0.36 33.01
CA GLN B 110 -43.72 0.79 33.38
C GLN B 110 -43.16 2.04 32.73
N PHE B 111 -43.99 3.07 32.61
CA PHE B 111 -43.49 4.42 32.33
C PHE B 111 -44.18 5.44 33.23
N HIS B 112 -43.48 6.54 33.52
CA HIS B 112 -44.00 7.53 34.48
C HIS B 112 -43.41 8.89 34.13
N PHE B 113 -43.76 9.91 34.92
CA PHE B 113 -43.54 11.29 34.49
C PHE B 113 -42.98 12.21 35.57
N HIS B 114 -42.22 13.21 35.14
CA HIS B 114 -41.66 14.24 36.04
C HIS B 114 -41.91 15.62 35.46
N ALA B 115 -42.15 16.59 36.33
CA ALA B 115 -42.25 17.99 35.96
C ALA B 115 -41.67 18.84 37.07
N PRO B 116 -40.76 19.79 36.74
CA PRO B 116 -40.16 19.99 35.42
C PRO B 116 -39.23 18.82 35.07
N SER B 117 -38.53 18.90 33.94
CA SER B 117 -37.68 17.75 33.52
C SER B 117 -36.60 17.49 34.58
N GLU B 118 -36.16 16.23 34.67
CA GLU B 118 -35.08 15.87 35.59
C GLU B 118 -33.72 16.20 34.93
N HIS B 119 -33.47 15.66 33.73
CA HIS B 119 -32.33 16.08 32.93
C HIS B 119 -32.49 17.50 32.42
N THR B 120 -31.38 18.22 32.31
CA THR B 120 -31.40 19.50 31.63
C THR B 120 -30.52 19.40 30.41
N VAL B 121 -30.70 20.32 29.46
CA VAL B 121 -29.86 20.35 28.26
C VAL B 121 -29.29 21.77 28.18
N ASN B 122 -27.96 21.88 28.24
CA ASN B 122 -27.29 23.19 28.25
C ASN B 122 -27.82 24.11 29.34
N GLY B 123 -28.07 23.51 30.50
CA GLY B 123 -28.49 24.21 31.69
C GLY B 123 -29.97 24.55 31.77
N LYS B 124 -30.75 24.15 30.76
CA LYS B 124 -32.19 24.48 30.68
CA LYS B 124 -32.19 24.48 30.73
C LYS B 124 -33.10 23.27 30.87
N HIS B 125 -34.19 23.44 31.63
CA HIS B 125 -35.21 22.39 31.79
C HIS B 125 -36.19 22.40 30.64
N TYR B 126 -36.72 21.23 30.29
CA TYR B 126 -38.02 21.14 29.61
C TYR B 126 -39.09 21.11 30.71
N PRO B 127 -40.36 21.43 30.37
CA PRO B 127 -41.38 21.45 31.43
C PRO B 127 -41.81 20.06 31.94
N PHE B 128 -41.42 19.00 31.22
CA PHE B 128 -41.98 17.66 31.44
C PHE B 128 -41.05 16.60 30.83
N GLU B 129 -40.92 15.46 31.51
CA GLU B 129 -40.06 14.36 31.04
C GLU B 129 -40.72 13.04 31.39
N ALA B 130 -40.77 12.13 30.42
CA ALA B 130 -41.30 10.78 30.62
C ALA B 130 -40.12 9.80 30.72
N HIS B 131 -40.23 8.83 31.63
CA HIS B 131 -39.25 7.76 31.76
C HIS B 131 -39.87 6.39 31.50
N PHE B 132 -39.28 5.67 30.55
CA PHE B 132 -39.69 4.30 30.22
C PHE B 132 -38.69 3.31 30.83
N VAL B 133 -39.16 2.52 31.80
CA VAL B 133 -38.28 1.74 32.67
C VAL B 133 -38.27 0.29 32.21
N HIS B 134 -37.08 -0.20 31.87
CA HIS B 134 -36.90 -1.55 31.32
C HIS B 134 -35.95 -2.40 32.17
N LEU B 135 -36.22 -3.70 32.24
CA LEU B 135 -35.32 -4.63 32.93
CA LEU B 135 -35.36 -4.66 32.96
C LEU B 135 -34.97 -5.78 31.99
N ASP B 136 -33.69 -6.16 31.97
CA ASP B 136 -33.30 -7.32 31.18
C ASP B 136 -33.57 -8.58 32.02
N LYS B 137 -33.28 -9.76 31.47
CA LYS B 137 -33.60 -11.02 32.18
C LYS B 137 -32.85 -11.19 33.50
N ASN B 138 -31.74 -10.45 33.65
CA ASN B 138 -30.97 -10.46 34.88
C ASN B 138 -31.27 -9.27 35.81
N GLY B 139 -32.29 -8.49 35.49
CA GLY B 139 -32.68 -7.35 36.32
C GLY B 139 -31.83 -6.09 36.16
N ASN B 140 -30.95 -6.08 35.16
CA ASN B 140 -30.27 -4.81 34.79
C ASN B 140 -31.25 -3.79 34.22
N ILE B 141 -31.11 -2.54 34.64
CA ILE B 141 -32.08 -1.50 34.27
C ILE B 141 -31.59 -0.58 33.14
N THR B 142 -32.47 -0.35 32.17
CA THR B 142 -32.29 0.72 31.16
C THR B 142 -33.51 1.65 31.22
N VAL B 143 -33.28 2.96 31.31
CA VAL B 143 -34.37 3.92 31.25
C VAL B 143 -34.23 4.76 29.98
N LEU B 144 -35.33 4.85 29.22
CA LEU B 144 -35.43 5.77 28.11
C LEU B 144 -36.13 7.03 28.56
N GLY B 145 -35.54 8.17 28.22
CA GLY B 145 -36.06 9.47 28.65
C GLY B 145 -36.55 10.24 27.45
N VAL B 146 -37.75 10.81 27.56
CA VAL B 146 -38.35 11.61 26.49
C VAL B 146 -38.74 12.97 27.07
N PHE B 147 -38.21 14.03 26.47
CA PHE B 147 -38.57 15.40 26.86
C PHE B 147 -39.87 15.80 26.18
N PHE B 148 -40.68 16.60 26.87
CA PHE B 148 -41.88 17.22 26.26
C PHE B 148 -41.79 18.74 26.33
N LYS B 149 -42.27 19.40 25.28
CA LYS B 149 -42.46 20.85 25.30
C LYS B 149 -43.95 21.17 25.09
N VAL B 150 -44.35 22.40 25.43
CA VAL B 150 -45.73 22.83 25.23
C VAL B 150 -45.99 23.10 23.74
N GLY B 151 -47.05 22.48 23.21
CA GLY B 151 -47.43 22.63 21.81
C GLY B 151 -48.82 22.06 21.61
N LYS B 152 -48.96 21.20 20.62
CA LYS B 152 -50.23 20.56 20.33
CA LYS B 152 -50.25 20.59 20.36
C LYS B 152 -50.54 19.45 21.34
N GLU B 153 -51.83 19.22 21.59
CA GLU B 153 -52.28 18.11 22.42
C GLU B 153 -51.71 16.79 21.91
N ASN B 154 -51.19 15.98 22.84
CA ASN B 154 -50.64 14.67 22.52
C ASN B 154 -51.74 13.62 22.63
N PRO B 155 -52.16 13.02 21.50
CA PRO B 155 -53.34 12.15 21.51
C PRO B 155 -53.13 10.87 22.30
N GLU B 156 -51.95 10.29 22.20
CA GLU B 156 -51.64 9.08 22.96
C GLU B 156 -51.58 9.34 24.47
N LEU B 157 -50.95 10.45 24.86
CA LEU B 157 -50.92 10.85 26.26
C LEU B 157 -52.35 11.12 26.80
N GLU B 158 -53.18 11.74 25.97
CA GLU B 158 -54.56 12.10 26.37
C GLU B 158 -55.38 10.88 26.85
N LYS B 159 -55.11 9.72 26.28
CA LYS B 159 -55.75 8.47 26.71
C LYS B 159 -55.49 8.16 28.17
N VAL B 160 -54.26 8.41 28.62
CA VAL B 160 -53.89 8.20 30.01
C VAL B 160 -54.40 9.36 30.87
N TRP B 161 -54.27 10.59 30.35
CA TRP B 161 -54.67 11.80 31.08
C TRP B 161 -56.17 11.78 31.42
N ARG B 162 -56.96 11.22 30.49
CA ARG B 162 -58.42 11.11 30.65
C ARG B 162 -58.82 10.36 31.93
N VAL B 163 -58.01 9.38 32.31
CA VAL B 163 -58.27 8.55 33.48
C VAL B 163 -57.19 8.68 34.56
N MET B 164 -56.52 9.84 34.60
CA MET B 164 -55.50 10.07 35.61
C MET B 164 -56.08 9.98 37.04
N PRO B 165 -55.50 9.11 37.89
CA PRO B 165 -55.95 9.05 39.28
C PRO B 165 -55.55 10.32 40.02
N GLU B 166 -56.52 10.98 40.63
CA GLU B 166 -56.29 12.33 41.14
C GLU B 166 -55.74 12.35 42.57
N GLU B 167 -55.83 11.23 43.27
CA GLU B 167 -55.35 11.16 44.64
CA GLU B 167 -55.37 11.14 44.65
C GLU B 167 -54.30 10.08 44.80
N PRO B 168 -53.28 10.34 45.65
CA PRO B 168 -52.30 9.29 45.89
C PRO B 168 -52.98 8.01 46.41
N GLY B 169 -52.55 6.87 45.91
CA GLY B 169 -53.11 5.59 46.32
C GLY B 169 -54.17 5.07 45.38
N GLN B 170 -54.65 5.91 44.48
CA GLN B 170 -55.70 5.51 43.55
C GLN B 170 -55.11 4.87 42.29
N LYS B 171 -55.79 3.83 41.81
CA LYS B 171 -55.46 3.19 40.53
CA LYS B 171 -55.45 3.26 40.50
C LYS B 171 -56.65 3.30 39.59
N ARG B 172 -56.40 3.34 38.29
CA ARG B 172 -57.45 3.40 37.29
C ARG B 172 -57.11 2.44 36.16
N HIS B 173 -58.03 1.53 35.85
CA HIS B 173 -57.87 0.58 34.75
CA HIS B 173 -57.83 0.59 34.75
C HIS B 173 -57.91 1.28 33.39
N LEU B 174 -57.09 0.82 32.44
CA LEU B 174 -57.10 1.39 31.10
C LEU B 174 -57.97 0.55 30.16
N THR B 175 -59.05 1.15 29.67
CA THR B 175 -59.87 0.51 28.64
C THR B 175 -59.33 0.88 27.26
N ALA B 176 -58.95 2.14 27.09
CA ALA B 176 -58.25 2.56 25.88
C ALA B 176 -56.97 1.72 25.71
N ARG B 177 -56.60 1.41 24.47
CA ARG B 177 -55.39 0.65 24.22
CA ARG B 177 -55.39 0.64 24.20
C ARG B 177 -54.23 1.61 24.03
N ILE B 178 -53.32 1.63 24.99
CA ILE B 178 -52.15 2.52 24.95
C ILE B 178 -51.01 1.89 24.12
N ASP B 179 -50.54 2.62 23.12
CA ASP B 179 -49.37 2.20 22.35
CA ASP B 179 -49.37 2.20 22.33
C ASP B 179 -48.17 3.03 22.79
N PRO B 180 -47.31 2.46 23.65
CA PRO B 180 -46.24 3.32 24.21
C PRO B 180 -45.24 3.85 23.17
N GLU B 181 -45.06 3.16 22.03
CA GLU B 181 -44.16 3.62 20.96
CA GLU B 181 -44.11 3.67 21.04
C GLU B 181 -44.58 5.00 20.44
N LYS B 182 -45.89 5.28 20.51
CA LYS B 182 -46.42 6.54 19.99
C LYS B 182 -46.08 7.74 20.87
N LEU B 183 -45.55 7.47 22.06
CA LEU B 183 -45.07 8.54 22.93
C LEU B 183 -43.60 8.91 22.66
N LEU B 184 -42.87 8.09 21.92
CA LEU B 184 -41.47 8.40 21.59
C LEU B 184 -41.37 9.41 20.45
N PRO B 185 -40.27 10.21 20.38
CA PRO B 185 -40.12 11.09 19.21
C PRO B 185 -39.91 10.31 17.94
N GLU B 186 -40.23 10.92 16.79
CA GLU B 186 -40.03 10.27 15.50
CA GLU B 186 -40.03 10.30 15.48
C GLU B 186 -38.54 10.14 15.19
N ASN B 187 -37.76 11.17 15.51
CA ASN B 187 -36.30 11.12 15.38
C ASN B 187 -35.75 10.37 16.59
N ARG B 188 -34.99 9.30 16.36
CA ARG B 188 -34.55 8.43 17.46
C ARG B 188 -33.07 8.64 17.91
N ASP B 189 -32.48 9.77 17.52
CA ASP B 189 -31.14 10.14 17.97
C ASP B 189 -31.17 10.36 19.47
N TYR B 190 -30.11 9.96 20.16
CA TYR B 190 -30.10 9.99 21.62
C TYR B 190 -28.74 10.31 22.22
N TYR B 191 -28.78 10.78 23.47
CA TYR B 191 -27.60 10.86 24.35
C TYR B 191 -27.57 9.59 25.18
N ARG B 192 -26.37 9.06 25.44
CA ARG B 192 -26.24 7.91 26.33
C ARG B 192 -25.19 8.20 27.41
N TYR B 193 -25.52 7.81 28.64
CA TYR B 193 -24.54 7.78 29.72
C TYR B 193 -24.89 6.69 30.74
N SER B 194 -23.97 6.44 31.66
CA SER B 194 -24.16 5.45 32.73
CA SER B 194 -24.26 5.46 32.71
C SER B 194 -24.49 6.21 34.02
N GLY B 195 -25.56 5.83 34.70
CA GLY B 195 -25.99 6.59 35.89
C GLY B 195 -26.74 5.75 36.90
N SER B 196 -27.83 6.32 37.42
CA SER B 196 -28.55 5.73 38.56
C SER B 196 -30.04 5.95 38.41
N LEU B 197 -30.81 5.30 39.28
CA LEU B 197 -32.22 5.69 39.46
C LEU B 197 -32.25 7.09 40.08
N THR B 198 -33.28 7.85 39.75
CA THR B 198 -33.39 9.22 40.27
C THR B 198 -34.25 9.34 41.56
N THR B 199 -34.72 8.21 42.07
CA THR B 199 -35.42 8.17 43.37
C THR B 199 -34.74 7.14 44.28
N PRO B 200 -34.83 7.31 45.61
CA PRO B 200 -34.15 6.36 46.50
C PRO B 200 -34.55 4.91 46.16
N PRO B 201 -33.59 3.96 46.20
CA PRO B 201 -32.24 4.10 46.76
C PRO B 201 -31.17 4.65 45.79
N CYS B 202 -31.57 5.12 44.60
CA CYS B 202 -30.63 5.74 43.66
C CYS B 202 -29.47 4.80 43.30
N SER B 203 -29.83 3.53 43.10
CA SER B 203 -28.86 2.49 42.73
CA SER B 203 -28.84 2.51 42.75
C SER B 203 -28.20 2.83 41.40
N GLU B 204 -26.90 2.54 41.30
CA GLU B 204 -26.14 2.80 40.08
C GLU B 204 -26.16 1.56 39.19
N GLY B 205 -25.37 1.57 38.13
CA GLY B 205 -25.41 0.53 37.11
C GLY B 205 -26.61 0.64 36.18
N VAL B 206 -27.18 1.84 36.05
CA VAL B 206 -28.35 2.09 35.19
C VAL B 206 -27.93 2.68 33.84
N ARG B 207 -28.43 2.10 32.75
CA ARG B 207 -28.19 2.65 31.42
C ARG B 207 -29.24 3.73 31.12
N TRP B 208 -28.77 4.90 30.68
CA TRP B 208 -29.67 6.01 30.30
C TRP B 208 -29.59 6.31 28.82
N ILE B 209 -30.76 6.34 28.19
CA ILE B 209 -30.91 6.66 26.77
C ILE B 209 -31.87 7.85 26.77
N VAL B 210 -31.35 9.03 26.47
CA VAL B 210 -32.18 10.25 26.53
C VAL B 210 -32.30 10.80 25.11
N PHE B 211 -33.52 10.75 24.55
CA PHE B 211 -33.72 11.17 23.16
C PHE B 211 -33.54 12.67 23.02
N LYS B 212 -32.87 13.10 21.93
CA LYS B 212 -32.57 14.52 21.74
C LYS B 212 -33.80 15.37 21.41
N GLU B 213 -34.72 14.80 20.62
CA GLU B 213 -35.87 15.55 20.09
CA GLU B 213 -35.86 15.56 20.11
C GLU B 213 -37.05 15.49 21.06
N PRO B 214 -37.61 16.67 21.45
CA PRO B 214 -38.75 16.64 22.35
C PRO B 214 -40.04 16.32 21.60
N VAL B 215 -41.04 15.85 22.35
CA VAL B 215 -42.37 15.69 21.78
CA VAL B 215 -42.39 15.60 21.87
C VAL B 215 -43.29 16.74 22.40
N GLU B 216 -44.46 16.93 21.83
CA GLU B 216 -45.37 18.00 22.29
C GLU B 216 -46.48 17.51 23.20
N MET B 217 -46.90 18.37 24.13
CA MET B 217 -48.12 18.20 24.91
C MET B 217 -48.82 19.57 24.97
N SER B 218 -50.13 19.59 25.23
CA SER B 218 -50.82 20.88 25.32
C SER B 218 -50.58 21.51 26.68
N ARG B 219 -50.74 22.83 26.74
CA ARG B 219 -50.75 23.54 28.02
C ARG B 219 -51.71 22.89 29.02
N GLU B 220 -52.89 22.51 28.53
CA GLU B 220 -53.93 21.87 29.37
CA GLU B 220 -53.93 21.86 29.35
C GLU B 220 -53.44 20.54 29.94
N GLN B 221 -52.74 19.75 29.13
CA GLN B 221 -52.20 18.46 29.63
C GLN B 221 -51.15 18.68 30.72
N LEU B 222 -50.27 19.66 30.50
CA LEU B 222 -49.25 20.02 31.49
C LEU B 222 -49.88 20.53 32.78
N GLU B 223 -50.85 21.45 32.65
CA GLU B 223 -51.56 22.02 33.80
CA GLU B 223 -51.54 22.03 33.81
C GLU B 223 -52.24 20.96 34.64
N LYS B 224 -52.81 19.95 33.97
CA LYS B 224 -53.50 18.89 34.72
C LYS B 224 -52.54 18.05 35.55
N PHE B 225 -51.40 17.67 34.96
CA PHE B 225 -50.38 16.92 35.68
C PHE B 225 -49.88 17.72 36.88
N ARG B 226 -49.56 18.99 36.64
CA ARG B 226 -49.06 19.88 37.70
CA ARG B 226 -49.06 19.88 37.69
C ARG B 226 -50.07 20.08 38.82
N LYS B 227 -51.35 20.20 38.45
CA LYS B 227 -52.41 20.38 39.45
C LYS B 227 -52.60 19.11 40.29
N VAL B 228 -52.66 17.95 39.62
CA VAL B 228 -52.80 16.68 40.34
C VAL B 228 -51.62 16.38 41.26
N MET B 229 -50.40 16.54 40.75
CA MET B 229 -49.22 16.34 41.58
C MET B 229 -49.19 17.33 42.74
N GLY B 230 -49.39 18.61 42.44
CA GLY B 230 -49.32 19.68 43.47
C GLY B 230 -47.93 20.19 43.82
N PHE B 231 -46.88 19.54 43.31
CA PHE B 231 -45.50 19.95 43.62
C PHE B 231 -44.57 19.42 42.51
N ASP B 232 -43.42 20.07 42.34
CA ASP B 232 -42.35 19.60 41.42
C ASP B 232 -41.84 18.25 41.89
N ASN B 233 -41.62 17.32 40.96
CA ASN B 233 -41.12 16.00 41.34
C ASN B 233 -39.83 15.59 40.59
N ASN B 234 -38.91 16.54 40.45
CA ASN B 234 -37.57 16.26 39.87
C ASN B 234 -36.46 16.29 40.92
N ARG B 235 -35.58 15.29 40.86
CA ARG B 235 -34.36 15.30 41.64
C ARG B 235 -33.42 16.33 40.98
N PRO B 236 -32.66 17.10 41.78
CA PRO B 236 -31.70 18.03 41.19
C PRO B 236 -30.62 17.27 40.40
N VAL B 237 -30.06 17.93 39.39
CA VAL B 237 -28.98 17.37 38.59
C VAL B 237 -27.74 17.09 39.46
N GLN B 238 -27.02 16.05 39.08
CA GLN B 238 -25.86 15.55 39.82
C GLN B 238 -24.59 15.75 38.97
N PRO B 239 -23.41 15.88 39.63
CA PRO B 239 -22.18 16.08 38.87
C PRO B 239 -21.80 14.90 37.98
N LEU B 240 -21.31 15.19 36.78
CA LEU B 240 -20.84 14.18 35.85
CA LEU B 240 -20.85 14.15 35.85
C LEU B 240 -19.67 13.38 36.42
N ASN B 241 -18.79 14.07 37.15
CA ASN B 241 -17.57 13.46 37.70
C ASN B 241 -16.67 12.90 36.59
N ALA B 242 -16.36 11.60 36.61
CA ALA B 242 -15.45 11.04 35.59
C ALA B 242 -16.11 10.74 34.23
N ARG B 243 -17.43 10.84 34.18
CA ARG B 243 -18.20 10.36 33.02
C ARG B 243 -18.20 11.27 31.82
N LYS B 244 -18.36 10.69 30.63
CA LYS B 244 -18.74 11.48 29.44
C LYS B 244 -20.13 11.04 28.98
N VAL B 245 -20.89 11.99 28.42
CA VAL B 245 -22.13 11.66 27.72
C VAL B 245 -21.77 11.45 26.26
N MET B 246 -22.30 10.39 25.65
CA MET B 246 -22.09 10.17 24.22
CA MET B 246 -22.09 10.13 24.23
C MET B 246 -23.28 10.68 23.44
N LYS B 247 -23.04 11.20 22.23
CA LYS B 247 -24.10 11.78 21.40
C LYS B 247 -23.99 11.40 19.93
N GLY C 23 -13.98 25.30 -24.20
CA GLY C 23 -14.37 26.72 -23.95
C GLY C 23 -15.70 27.10 -24.60
N ALA C 24 -16.48 26.09 -24.99
CA ALA C 24 -17.73 26.27 -25.71
C ALA C 24 -18.84 26.85 -24.83
N HIS C 25 -19.81 27.52 -25.48
CA HIS C 25 -21.01 28.02 -24.80
C HIS C 25 -21.80 26.86 -24.18
N TRP C 26 -22.31 27.09 -22.98
CA TRP C 26 -23.10 26.07 -22.29
C TRP C 26 -24.22 26.76 -21.54
N GLY C 27 -25.28 26.01 -21.25
CA GLY C 27 -26.37 26.56 -20.44
C GLY C 27 -27.03 25.52 -19.55
N TYR C 28 -28.21 25.87 -19.05
CA TYR C 28 -28.93 25.03 -18.10
C TYR C 28 -30.13 24.33 -18.72
N SER C 29 -30.34 24.53 -20.02
CA SER C 29 -31.44 23.86 -20.72
C SER C 29 -31.16 23.73 -22.21
N GLY C 30 -31.99 22.93 -22.90
CA GLY C 30 -31.91 22.81 -24.35
C GLY C 30 -30.68 22.07 -24.84
N SER C 31 -30.23 22.42 -26.04
CA SER C 31 -29.15 21.72 -26.74
C SER C 31 -27.79 21.88 -26.08
N ILE C 32 -27.64 22.91 -25.25
CA ILE C 32 -26.40 23.18 -24.54
C ILE C 32 -26.54 22.99 -23.01
N GLY C 33 -27.56 22.22 -22.63
CA GLY C 33 -27.88 21.96 -21.21
C GLY C 33 -26.99 20.89 -20.59
N PRO C 34 -27.14 20.64 -19.29
CA PRO C 34 -26.16 19.82 -18.55
C PRO C 34 -25.93 18.40 -19.07
N GLU C 35 -26.96 17.74 -19.60
CA GLU C 35 -26.77 16.38 -20.13
CA GLU C 35 -26.81 16.38 -20.15
C GLU C 35 -25.90 16.39 -21.38
N HIS C 36 -25.67 17.58 -21.95
CA HIS C 36 -24.86 17.70 -23.17
C HIS C 36 -23.48 18.31 -22.94
N TRP C 37 -23.22 18.79 -21.73
CA TRP C 37 -21.95 19.50 -21.45
C TRP C 37 -20.72 18.71 -21.88
N GLY C 38 -20.72 17.41 -21.58
CA GLY C 38 -19.61 16.53 -21.93
C GLY C 38 -19.37 16.43 -23.44
N ASP C 39 -20.37 16.80 -24.24
CA ASP C 39 -20.27 16.71 -25.71
C ASP C 39 -19.96 18.05 -26.38
N LEU C 40 -19.95 19.13 -25.60
CA LEU C 40 -19.81 20.46 -26.15
C LEU C 40 -18.37 20.85 -26.47
N SER C 41 -17.41 20.18 -25.82
CA SER C 41 -16.00 20.56 -25.92
C SER C 41 -15.11 19.44 -25.36
N PRO C 42 -13.92 19.23 -25.97
CA PRO C 42 -12.95 18.29 -25.39
C PRO C 42 -12.53 18.72 -23.98
N GLU C 43 -12.55 20.02 -23.71
CA GLU C 43 -12.23 20.59 -22.39
CA GLU C 43 -12.22 20.57 -22.39
C GLU C 43 -13.20 20.11 -21.30
N TYR C 44 -14.39 19.67 -21.68
CA TYR C 44 -15.45 19.36 -20.71
C TYR C 44 -15.59 17.85 -20.46
N LEU C 45 -14.55 17.11 -20.82
CA LEU C 45 -14.54 15.66 -20.76
C LEU C 45 -14.97 15.07 -19.39
N MET C 46 -14.60 15.74 -18.30
CA MET C 46 -14.92 15.21 -16.96
CA MET C 46 -14.92 15.22 -16.95
C MET C 46 -16.43 15.12 -16.71
N CYS C 47 -17.21 15.97 -17.38
CA CYS C 47 -18.67 15.89 -17.28
C CYS C 47 -19.15 14.53 -17.75
N LYS C 48 -18.48 14.01 -18.76
CA LYS C 48 -18.84 12.75 -19.41
C LYS C 48 -18.20 11.54 -18.70
N ILE C 49 -16.93 11.66 -18.33
CA ILE C 49 -16.19 10.50 -17.79
C ILE C 49 -15.95 10.49 -16.27
N GLY C 50 -16.12 11.62 -15.60
CA GLY C 50 -15.82 11.70 -14.15
C GLY C 50 -16.68 10.80 -13.28
N LYS C 51 -16.07 10.19 -12.25
CA LYS C 51 -16.81 9.36 -11.31
C LYS C 51 -16.96 10.04 -9.94
N ASN C 52 -16.45 11.26 -9.83
CA ASN C 52 -16.48 12.01 -8.56
C ASN C 52 -17.02 13.43 -8.78
N GLN C 53 -18.21 13.49 -9.38
CA GLN C 53 -18.83 14.76 -9.81
C GLN C 53 -19.78 15.34 -8.75
N SER C 54 -19.98 16.66 -8.86
CA SER C 54 -20.91 17.41 -8.00
C SER C 54 -21.97 18.12 -8.86
N PRO C 55 -23.15 18.47 -8.29
CA PRO C 55 -23.58 18.23 -6.91
C PRO C 55 -24.10 16.80 -6.75
N ILE C 56 -24.54 16.46 -5.54
CA ILE C 56 -25.07 15.13 -5.28
C ILE C 56 -26.33 15.26 -4.42
N ASP C 57 -27.09 14.18 -4.35
CA ASP C 57 -28.10 14.04 -3.32
C ASP C 57 -27.40 13.53 -2.07
N ILE C 58 -27.64 14.20 -0.95
CA ILE C 58 -27.13 13.77 0.34
C ILE C 58 -28.23 13.03 1.08
N ASN C 59 -28.18 11.70 1.04
CA ASN C 59 -29.07 10.86 1.82
C ASN C 59 -28.50 10.76 3.22
N SER C 60 -29.19 11.30 4.21
CA SER C 60 -28.61 11.43 5.56
C SER C 60 -28.39 10.09 6.25
N ALA C 61 -29.25 9.10 5.97
CA ALA C 61 -29.07 7.75 6.51
C ALA C 61 -27.86 7.02 5.91
N ASP C 62 -27.57 7.28 4.63
CA ASP C 62 -26.41 6.65 3.96
C ASP C 62 -25.08 7.35 4.28
N ALA C 63 -25.13 8.59 4.75
CA ALA C 63 -23.93 9.33 5.14
C ALA C 63 -23.33 8.67 6.38
N VAL C 64 -22.02 8.77 6.52
CA VAL C 64 -21.33 8.10 7.61
CA VAL C 64 -21.37 8.10 7.63
C VAL C 64 -21.01 9.10 8.73
N LYS C 65 -21.53 8.84 9.93
CA LYS C 65 -21.22 9.68 11.09
C LYS C 65 -19.69 9.61 11.33
N ALA C 66 -19.06 10.77 11.45
CA ALA C 66 -17.60 10.82 11.46
C ALA C 66 -17.06 11.98 12.28
N CYS C 67 -15.82 11.84 12.75
CA CYS C 67 -15.20 12.85 13.61
C CYS C 67 -14.61 14.03 12.82
N LEU C 68 -15.48 14.73 12.10
CA LEU C 68 -15.11 15.88 11.28
C LEU C 68 -14.67 17.07 12.15
N ALA C 69 -13.55 17.70 11.78
CA ALA C 69 -12.99 18.83 12.50
C ALA C 69 -13.84 20.10 12.28
N PRO C 70 -13.91 20.99 13.29
CA PRO C 70 -14.56 22.28 13.05
C PRO C 70 -13.85 23.02 11.92
N VAL C 71 -14.60 23.71 11.08
CA VAL C 71 -14.02 24.48 9.98
C VAL C 71 -13.96 25.93 10.49
N SER C 72 -12.77 26.37 10.92
CA SER C 72 -12.61 27.71 11.46
CA SER C 72 -12.65 27.71 11.47
C SER C 72 -12.64 28.77 10.37
N VAL C 73 -13.36 29.86 10.64
CA VAL C 73 -13.61 30.89 9.65
C VAL C 73 -12.92 32.19 10.06
N TYR C 74 -12.05 32.68 9.19
CA TYR C 74 -11.29 33.94 9.40
C TYR C 74 -11.52 34.88 8.22
N TYR C 75 -12.78 35.29 8.05
CA TYR C 75 -13.14 36.14 6.91
C TYR C 75 -12.85 37.61 7.19
N VAL C 76 -12.63 38.38 6.11
CA VAL C 76 -12.49 39.83 6.19
C VAL C 76 -13.47 40.51 5.23
N SER C 77 -13.74 41.79 5.48
CA SER C 77 -14.60 42.56 4.60
C SER C 77 -13.81 43.13 3.42
N ASP C 78 -13.49 42.30 2.44
CA ASP C 78 -12.74 42.77 1.26
C ASP C 78 -13.45 42.52 -0.08
N ALA C 79 -14.77 42.60 -0.06
CA ALA C 79 -15.59 42.53 -1.27
C ALA C 79 -15.24 43.67 -2.24
N LYS C 80 -15.02 43.33 -3.50
CA LYS C 80 -14.62 44.30 -4.51
CA LYS C 80 -14.62 44.29 -4.52
C LYS C 80 -15.82 44.80 -5.32
N TYR C 81 -16.64 43.88 -5.81
CA TYR C 81 -17.81 44.20 -6.62
C TYR C 81 -18.72 42.99 -6.76
N VAL C 82 -19.93 43.24 -7.26
CA VAL C 82 -20.90 42.20 -7.59
CA VAL C 82 -20.89 42.20 -7.58
C VAL C 82 -21.09 42.19 -9.10
N VAL C 83 -21.11 40.99 -9.69
CA VAL C 83 -21.25 40.84 -11.13
C VAL C 83 -22.36 39.85 -11.50
N ASN C 84 -23.09 40.19 -12.56
CA ASN C 84 -24.01 39.27 -13.19
C ASN C 84 -23.23 38.73 -14.39
N ASN C 85 -22.82 37.46 -14.33
CA ASN C 85 -21.96 36.91 -15.37
C ASN C 85 -22.70 36.05 -16.39
N GLY C 86 -24.03 36.07 -16.34
CA GLY C 86 -24.84 35.31 -17.28
C GLY C 86 -25.26 33.93 -16.79
N HIS C 87 -24.60 33.43 -15.75
CA HIS C 87 -24.99 32.13 -15.19
CA HIS C 87 -24.87 32.09 -15.19
C HIS C 87 -25.21 32.16 -13.69
N THR C 88 -24.80 33.25 -13.04
CA THR C 88 -25.04 33.47 -11.61
C THR C 88 -24.87 34.95 -11.25
N ILE C 89 -25.12 35.28 -9.99
CA ILE C 89 -24.76 36.57 -9.41
C ILE C 89 -23.63 36.28 -8.44
N LYS C 90 -22.50 36.96 -8.62
CA LYS C 90 -21.28 36.62 -7.90
C LYS C 90 -20.65 37.86 -7.27
N VAL C 91 -20.33 37.74 -5.99
CA VAL C 91 -19.57 38.75 -5.27
C VAL C 91 -18.09 38.38 -5.29
N VAL C 92 -17.26 39.23 -5.90
CA VAL C 92 -15.81 39.00 -6.01
C VAL C 92 -15.09 39.64 -4.83
N MET C 93 -14.21 38.86 -4.17
CA MET C 93 -13.51 39.31 -2.96
C MET C 93 -12.04 39.57 -3.25
N GLY C 94 -11.37 40.23 -2.31
CA GLY C 94 -9.94 40.50 -2.41
C GLY C 94 -9.06 39.29 -2.14
N GLY C 95 -9.60 38.28 -1.48
CA GLY C 95 -8.88 37.02 -1.26
C GLY C 95 -7.99 36.94 -0.03
N ARG C 96 -8.24 37.83 0.94
CA ARG C 96 -7.46 37.88 2.17
CA ARG C 96 -7.45 37.88 2.17
C ARG C 96 -8.07 37.04 3.29
N GLY C 97 -9.39 36.90 3.29
CA GLY C 97 -10.09 36.07 4.27
C GLY C 97 -9.89 34.61 3.89
N TYR C 98 -10.05 33.71 4.86
CA TYR C 98 -9.83 32.28 4.64
C TYR C 98 -10.59 31.42 5.65
N VAL C 99 -10.74 30.15 5.28
CA VAL C 99 -11.19 29.12 6.22
C VAL C 99 -10.06 28.11 6.41
N VAL C 100 -10.09 27.38 7.51
CA VAL C 100 -9.11 26.34 7.75
C VAL C 100 -9.76 24.96 7.54
N VAL C 101 -9.21 24.21 6.58
CA VAL C 101 -9.69 22.85 6.24
C VAL C 101 -8.43 21.99 6.10
N ASP C 102 -8.44 20.80 6.72
CA ASP C 102 -7.26 19.90 6.72
C ASP C 102 -5.99 20.64 7.17
N GLY C 103 -6.14 21.52 8.16
CA GLY C 103 -5.01 22.32 8.70
C GLY C 103 -4.41 23.36 7.76
N LYS C 104 -5.06 23.59 6.61
CA LYS C 104 -4.54 24.55 5.62
CA LYS C 104 -4.57 24.51 5.56
C LYS C 104 -5.48 25.71 5.42
N ARG C 105 -4.90 26.86 5.04
CA ARG C 105 -5.70 28.07 4.78
C ARG C 105 -6.21 28.06 3.33
N PHE C 106 -7.53 28.17 3.19
CA PHE C 106 -8.18 28.27 1.89
C PHE C 106 -8.84 29.65 1.80
N TYR C 107 -8.34 30.47 0.87
CA TYR C 107 -8.68 31.90 0.79
C TYR C 107 -9.95 32.15 0.01
N LEU C 108 -10.88 32.89 0.60
CA LEU C 108 -12.15 33.23 -0.05
C LEU C 108 -11.99 34.18 -1.24
N LYS C 109 -12.22 33.65 -2.43
CA LYS C 109 -12.06 34.41 -3.67
CA LYS C 109 -12.06 34.39 -3.70
C LYS C 109 -13.36 35.05 -4.17
N GLN C 110 -14.48 34.37 -3.94
CA GLN C 110 -15.78 34.83 -4.41
C GLN C 110 -16.87 34.01 -3.75
N PHE C 111 -18.08 34.56 -3.72
CA PHE C 111 -19.27 33.76 -3.43
C PHE C 111 -20.38 34.04 -4.44
N HIS C 112 -21.23 33.04 -4.69
CA HIS C 112 -22.26 33.15 -5.72
C HIS C 112 -23.46 32.28 -5.36
N PHE C 113 -24.50 32.31 -6.20
CA PHE C 113 -25.78 31.74 -5.79
C PHE C 113 -26.43 30.87 -6.85
N HIS C 114 -27.23 29.91 -6.38
CA HIS C 114 -28.03 29.05 -7.26
C HIS C 114 -29.47 28.94 -6.75
N ALA C 115 -30.40 28.86 -7.69
CA ALA C 115 -31.80 28.57 -7.39
C ALA C 115 -32.38 27.71 -8.49
N PRO C 116 -33.03 26.59 -8.12
CA PRO C 116 -33.13 25.99 -6.79
C PRO C 116 -31.76 25.46 -6.33
N SER C 117 -31.70 24.83 -5.14
CA SER C 117 -30.41 24.34 -4.62
C SER C 117 -29.78 23.33 -5.59
N GLU C 118 -28.45 23.27 -5.62
CA GLU C 118 -27.75 22.26 -6.43
C GLU C 118 -27.74 20.91 -5.69
N HIS C 119 -27.28 20.93 -4.44
CA HIS C 119 -27.34 19.74 -3.61
C HIS C 119 -28.76 19.53 -3.13
N THR C 120 -29.15 18.27 -2.99
CA THR C 120 -30.43 17.93 -2.36
C THR C 120 -30.14 17.16 -1.09
N VAL C 121 -31.11 17.10 -0.17
CA VAL C 121 -30.99 16.32 1.06
C VAL C 121 -32.21 15.41 1.11
N ASN C 122 -31.95 14.11 1.16
CA ASN C 122 -33.02 13.11 1.12
C ASN C 122 -33.97 13.30 -0.05
N GLY C 123 -33.40 13.66 -1.20
CA GLY C 123 -34.17 13.78 -2.44
C GLY C 123 -34.90 15.10 -2.63
N LYS C 124 -34.76 16.03 -1.69
CA LYS C 124 -35.47 17.32 -1.72
CA LYS C 124 -35.47 17.30 -1.77
C LYS C 124 -34.55 18.52 -1.91
N HIS C 125 -34.98 19.47 -2.73
CA HIS C 125 -34.24 20.73 -2.92
C HIS C 125 -34.60 21.74 -1.84
N TYR C 126 -33.64 22.59 -1.50
CA TYR C 126 -33.94 23.89 -0.88
C TYR C 126 -34.16 24.88 -2.03
N PRO C 127 -34.86 26.00 -1.78
CA PRO C 127 -35.10 26.95 -2.87
C PRO C 127 -33.87 27.72 -3.33
N PHE C 128 -32.81 27.73 -2.54
CA PHE C 128 -31.67 28.61 -2.78
C PHE C 128 -30.40 28.02 -2.12
N GLU C 129 -29.26 28.19 -2.76
CA GLU C 129 -27.99 27.70 -2.20
C GLU C 129 -26.87 28.69 -2.53
N ALA C 130 -26.07 29.04 -1.53
CA ALA C 130 -24.90 29.90 -1.76
C ALA C 130 -23.61 29.07 -1.74
N HIS C 131 -22.66 29.44 -2.59
CA HIS C 131 -21.34 28.78 -2.64
C HIS C 131 -20.23 29.77 -2.38
N PHE C 132 -19.40 29.48 -1.39
CA PHE C 132 -18.22 30.28 -1.05
C PHE C 132 -16.99 29.56 -1.57
N VAL C 133 -16.32 30.14 -2.55
CA VAL C 133 -15.25 29.45 -3.30
C VAL C 133 -13.88 29.88 -2.79
N HIS C 134 -13.07 28.89 -2.40
CA HIS C 134 -11.77 29.16 -1.76
C HIS C 134 -10.64 28.43 -2.48
N LEU C 135 -9.47 29.06 -2.51
CA LEU C 135 -8.25 28.44 -3.04
CA LEU C 135 -8.24 28.46 -3.06
C LEU C 135 -7.13 28.49 -2.01
N ASP C 136 -6.43 27.36 -1.83
CA ASP C 136 -5.26 27.38 -0.99
C ASP C 136 -4.07 27.91 -1.81
N LYS C 137 -2.91 28.01 -1.18
CA LYS C 137 -1.76 28.64 -1.87
C LYS C 137 -1.30 27.87 -3.11
N ASN C 138 -1.72 26.61 -3.21
CA ASN C 138 -1.38 25.75 -4.33
C ASN C 138 -2.49 25.62 -5.38
N GLY C 139 -3.57 26.36 -5.20
CA GLY C 139 -4.68 26.34 -6.17
C GLY C 139 -5.72 25.24 -5.94
N ASN C 140 -5.59 24.49 -4.85
CA ASN C 140 -6.62 23.51 -4.48
C ASN C 140 -7.88 24.24 -4.04
N ILE C 141 -9.04 23.73 -4.47
CA ILE C 141 -10.34 24.39 -4.24
C ILE C 141 -11.15 23.75 -3.13
N THR C 142 -11.69 24.57 -2.22
CA THR C 142 -12.70 24.14 -1.26
C THR C 142 -13.92 25.02 -1.45
N VAL C 143 -15.09 24.41 -1.59
CA VAL C 143 -16.33 25.17 -1.67
C VAL C 143 -17.17 24.90 -0.42
N LEU C 144 -17.61 25.99 0.23
CA LEU C 144 -18.56 25.88 1.32
C LEU C 144 -19.94 26.17 0.76
N GLY C 145 -20.88 25.29 1.08
CA GLY C 145 -22.26 25.43 0.63
C GLY C 145 -23.20 25.77 1.78
N VAL C 146 -24.09 26.73 1.56
CA VAL C 146 -25.09 27.13 2.55
C VAL C 146 -26.45 27.07 1.91
N PHE C 147 -27.37 26.31 2.50
CA PHE C 147 -28.75 26.23 2.04
C PHE C 147 -29.54 27.42 2.62
N PHE C 148 -30.51 27.90 1.85
CA PHE C 148 -31.46 28.93 2.34
C PHE C 148 -32.88 28.41 2.27
N LYS C 149 -33.67 28.75 3.27
CA LYS C 149 -35.12 28.53 3.24
C LYS C 149 -35.87 29.88 3.28
N VAL C 150 -37.12 29.90 2.87
CA VAL C 150 -37.94 31.13 2.93
CA VAL C 150 -37.89 31.15 2.93
C VAL C 150 -38.35 31.43 4.37
N GLY C 151 -38.10 32.65 4.81
CA GLY C 151 -38.47 33.11 6.15
C GLY C 151 -38.24 34.60 6.26
N LYS C 152 -37.51 35.03 7.28
CA LYS C 152 -37.18 36.45 7.50
C LYS C 152 -36.19 36.98 6.46
N GLU C 153 -36.34 38.25 6.09
CA GLU C 153 -35.39 38.92 5.21
C GLU C 153 -33.97 38.81 5.78
N ASN C 154 -33.03 38.43 4.93
CA ASN C 154 -31.63 38.28 5.33
C ASN C 154 -30.91 39.61 5.21
N PRO C 155 -30.50 40.19 6.36
CA PRO C 155 -29.92 41.53 6.34
C PRO C 155 -28.60 41.62 5.59
N GLU C 156 -27.75 40.62 5.72
CA GLU C 156 -26.47 40.63 5.02
C GLU C 156 -26.66 40.47 3.51
N LEU C 157 -27.57 39.59 3.11
CA LEU C 157 -27.85 39.38 1.70
C LEU C 157 -28.44 40.65 1.07
N GLU C 158 -29.28 41.35 1.83
CA GLU C 158 -29.90 42.58 1.35
C GLU C 158 -28.88 43.63 0.91
N LYS C 159 -27.71 43.64 1.55
CA LYS C 159 -26.61 44.52 1.14
C LYS C 159 -26.20 44.28 -0.31
N VAL C 160 -26.21 43.02 -0.72
CA VAL C 160 -25.88 42.67 -2.10
C VAL C 160 -27.09 42.84 -3.02
N TRP C 161 -28.26 42.42 -2.54
CA TRP C 161 -29.49 42.46 -3.34
C TRP C 161 -29.86 43.89 -3.77
N ARG C 162 -29.58 44.86 -2.88
CA ARG C 162 -29.81 46.30 -3.17
CA ARG C 162 -29.78 46.30 -3.14
C ARG C 162 -29.12 46.74 -4.44
N VAL C 163 -27.96 46.16 -4.73
CA VAL C 163 -27.17 46.57 -5.90
C VAL C 163 -26.99 45.46 -6.95
N MET C 164 -27.92 44.50 -6.97
CA MET C 164 -27.83 43.36 -7.88
C MET C 164 -27.83 43.81 -9.35
N PRO C 165 -26.76 43.48 -10.10
CA PRO C 165 -26.70 43.82 -11.53
C PRO C 165 -27.74 43.03 -12.31
N GLU C 166 -28.57 43.74 -13.07
CA GLU C 166 -29.74 43.12 -13.67
C GLU C 166 -29.50 42.52 -15.05
N GLU C 167 -28.41 42.90 -15.71
CA GLU C 167 -28.12 42.33 -17.02
C GLU C 167 -26.79 41.59 -17.04
N PRO C 168 -26.71 40.49 -17.82
CA PRO C 168 -25.44 39.80 -18.03
C PRO C 168 -24.35 40.76 -18.48
N GLY C 169 -23.18 40.64 -17.86
CA GLY C 169 -22.03 41.49 -18.18
C GLY C 169 -21.88 42.69 -17.28
N GLN C 170 -22.93 43.03 -16.54
CA GLN C 170 -22.90 44.21 -15.66
C GLN C 170 -22.24 43.94 -14.30
N LYS C 171 -21.41 44.90 -13.88
CA LYS C 171 -20.78 44.89 -12.56
CA LYS C 171 -20.83 44.88 -12.54
C LYS C 171 -21.23 46.12 -11.75
N ARG C 172 -21.35 45.96 -10.44
CA ARG C 172 -21.76 47.05 -9.55
CA ARG C 172 -21.76 47.05 -9.55
C ARG C 172 -20.87 47.12 -8.33
N HIS C 173 -20.48 48.35 -7.94
CA HIS C 173 -19.67 48.50 -6.74
CA HIS C 173 -19.68 48.60 -6.73
C HIS C 173 -20.55 48.39 -5.49
N LEU C 174 -19.94 47.97 -4.39
CA LEU C 174 -20.70 47.71 -3.17
C LEU C 174 -20.79 48.91 -2.23
N THR C 175 -22.03 49.36 -2.00
CA THR C 175 -22.29 50.55 -1.19
C THR C 175 -22.15 50.31 0.32
N ALA C 176 -22.41 49.08 0.77
CA ALA C 176 -22.23 48.73 2.18
C ALA C 176 -21.07 47.75 2.38
N ARG C 177 -20.61 47.66 3.63
CA ARG C 177 -19.55 46.72 4.00
CA ARG C 177 -19.54 46.72 4.00
C ARG C 177 -20.11 45.30 4.09
N ILE C 178 -19.56 44.38 3.31
CA ILE C 178 -20.03 43.00 3.32
C ILE C 178 -19.25 42.23 4.35
N ASP C 179 -19.95 41.57 5.27
CA ASP C 179 -19.34 40.63 6.21
CA ASP C 179 -19.32 40.61 6.20
C ASP C 179 -19.78 39.21 5.82
N PRO C 180 -18.96 38.50 5.02
CA PRO C 180 -19.42 37.20 4.50
C PRO C 180 -19.78 36.16 5.58
N GLU C 181 -19.15 36.23 6.75
CA GLU C 181 -19.43 35.23 7.80
CA GLU C 181 -19.39 35.28 7.85
C GLU C 181 -20.86 35.32 8.30
N LYS C 182 -21.49 36.48 8.15
CA LYS C 182 -22.88 36.64 8.58
C LYS C 182 -23.87 35.91 7.68
N LEU C 183 -23.41 35.41 6.53
CA LEU C 183 -24.24 34.57 5.67
C LEU C 183 -24.23 33.08 6.05
N LEU C 184 -23.27 32.65 6.87
CA LEU C 184 -23.21 31.25 7.31
C LEU C 184 -24.20 30.98 8.44
N PRO C 185 -24.69 29.72 8.56
CA PRO C 185 -25.52 29.38 9.71
C PRO C 185 -24.76 29.48 11.04
N GLU C 186 -25.48 29.72 12.15
CA GLU C 186 -24.85 29.78 13.46
CA GLU C 186 -24.87 29.76 13.47
C GLU C 186 -24.35 28.38 13.86
N ASN C 187 -25.17 27.37 13.60
CA ASN C 187 -24.77 25.98 13.80
C ASN C 187 -23.85 25.62 12.64
N ARG C 188 -22.63 25.19 12.95
CA ARG C 188 -21.63 24.94 11.91
C ARG C 188 -21.40 23.44 11.58
N ASP C 189 -22.33 22.59 12.00
CA ASP C 189 -22.27 21.16 11.60
C ASP C 189 -22.40 21.03 10.09
N TYR C 190 -21.67 20.09 9.50
CA TYR C 190 -21.62 19.99 8.04
C TYR C 190 -21.46 18.57 7.51
N TYR C 191 -21.83 18.40 6.24
CA TYR C 191 -21.54 17.20 5.46
C TYR C 191 -20.28 17.48 4.67
N ARG C 192 -19.43 16.46 4.50
CA ARG C 192 -18.24 16.62 3.68
C ARG C 192 -18.12 15.47 2.68
N TYR C 193 -17.75 15.80 1.44
CA TYR C 193 -17.41 14.81 0.42
C TYR C 193 -16.41 15.39 -0.58
N SER C 194 -15.82 14.52 -1.41
CA SER C 194 -14.86 14.91 -2.46
CA SER C 194 -14.91 15.00 -2.44
C SER C 194 -15.60 14.94 -3.79
N GLY C 195 -15.53 16.06 -4.52
CA GLY C 195 -16.29 16.19 -5.76
C GLY C 195 -15.66 17.08 -6.81
N SER C 196 -16.50 17.90 -7.44
CA SER C 196 -16.07 18.68 -8.60
C SER C 196 -16.70 20.07 -8.58
N LEU C 197 -16.28 20.94 -9.50
CA LEU C 197 -17.02 22.18 -9.75
C LEU C 197 -18.32 21.79 -10.48
N THR C 198 -19.36 22.60 -10.34
CA THR C 198 -20.67 22.26 -10.90
C THR C 198 -21.00 22.99 -12.22
N THR C 199 -20.03 23.72 -12.76
CA THR C 199 -20.14 24.29 -14.12
C THR C 199 -18.94 23.81 -14.94
N PRO C 200 -19.09 23.71 -16.27
CA PRO C 200 -17.94 23.27 -17.07
C PRO C 200 -16.67 24.08 -16.78
N PRO C 201 -15.49 23.43 -16.76
CA PRO C 201 -15.19 22.05 -17.15
C PRO C 201 -15.45 20.95 -16.08
N CYS C 202 -16.06 21.32 -14.96
CA CYS C 202 -16.43 20.34 -13.91
C CYS C 202 -15.20 19.56 -13.39
N SER C 203 -14.11 20.28 -13.14
CA SER C 203 -12.85 19.68 -12.69
CA SER C 203 -12.86 19.64 -12.71
C SER C 203 -13.04 19.03 -11.33
N GLU C 204 -12.39 17.88 -11.13
CA GLU C 204 -12.49 17.15 -9.88
C GLU C 204 -11.38 17.55 -8.89
N GLY C 205 -11.27 16.86 -7.75
CA GLY C 205 -10.33 17.27 -6.72
C GLY C 205 -10.81 18.45 -5.88
N VAL C 206 -12.12 18.64 -5.81
CA VAL C 206 -12.73 19.75 -5.03
C VAL C 206 -13.24 19.25 -3.68
N ARG C 207 -12.84 19.95 -2.61
CA ARG C 207 -13.37 19.66 -1.28
C ARG C 207 -14.74 20.36 -1.11
N TRP C 208 -15.76 19.61 -0.74
CA TRP C 208 -17.10 20.17 -0.47
C TRP C 208 -17.45 20.12 1.00
N ILE C 209 -17.80 21.28 1.56
CA ILE C 209 -18.26 21.41 2.93
C ILE C 209 -19.67 21.99 2.85
N VAL C 210 -20.69 21.19 3.17
CA VAL C 210 -22.07 21.62 2.99
C VAL C 210 -22.74 21.67 4.36
N PHE C 211 -23.05 22.89 4.81
CA PHE C 211 -23.63 23.07 6.13
C PHE C 211 -25.02 22.47 6.22
N LYS C 212 -25.31 21.84 7.35
CA LYS C 212 -26.58 21.12 7.50
C LYS C 212 -27.76 22.06 7.72
N GLU C 213 -27.56 23.12 8.51
CA GLU C 213 -28.63 24.04 8.91
CA GLU C 213 -28.66 24.01 8.87
C GLU C 213 -28.83 25.16 7.86
N PRO C 214 -30.06 25.34 7.33
CA PRO C 214 -30.25 26.42 6.38
C PRO C 214 -30.37 27.77 7.06
N VAL C 215 -30.11 28.82 6.29
CA VAL C 215 -30.34 30.17 6.80
CA VAL C 215 -30.27 30.21 6.72
C VAL C 215 -31.56 30.73 6.08
N GLU C 216 -32.12 31.82 6.62
CA GLU C 216 -33.37 32.39 6.08
C GLU C 216 -33.12 33.53 5.10
N MET C 217 -33.99 33.59 4.09
CA MET C 217 -34.13 34.76 3.20
C MET C 217 -35.62 35.04 3.02
N SER C 218 -36.00 36.25 2.61
CA SER C 218 -37.43 36.53 2.39
C SER C 218 -37.89 35.97 1.05
N ARG C 219 -39.20 35.69 0.94
CA ARG C 219 -39.80 35.32 -0.35
C ARG C 219 -39.45 36.37 -1.40
N GLU C 220 -39.46 37.63 -0.97
CA GLU C 220 -39.16 38.74 -1.86
CA GLU C 220 -39.15 38.77 -1.85
C GLU C 220 -37.71 38.69 -2.37
N GLN C 221 -36.78 38.35 -1.49
CA GLN C 221 -35.36 38.24 -1.87
C GLN C 221 -35.16 37.11 -2.89
N LEU C 222 -35.82 35.98 -2.64
CA LEU C 222 -35.75 34.83 -3.54
C LEU C 222 -36.32 35.18 -4.91
N GLU C 223 -37.48 35.84 -4.90
CA GLU C 223 -38.17 36.15 -6.16
C GLU C 223 -37.40 37.16 -7.00
N LYS C 224 -36.71 38.10 -6.35
CA LYS C 224 -35.84 39.02 -7.06
C LYS C 224 -34.70 38.30 -7.78
N PHE C 225 -34.03 37.38 -7.09
CA PHE C 225 -32.96 36.58 -7.72
C PHE C 225 -33.50 35.82 -8.92
N ARG C 226 -34.63 35.16 -8.75
CA ARG C 226 -35.23 34.36 -9.84
C ARG C 226 -35.67 35.21 -11.03
N LYS C 227 -36.23 36.38 -10.75
CA LYS C 227 -36.63 37.33 -11.80
C LYS C 227 -35.42 37.82 -12.59
N VAL C 228 -34.37 38.24 -11.90
CA VAL C 228 -33.18 38.76 -12.56
C VAL C 228 -32.48 37.68 -13.40
N MET C 229 -32.37 36.46 -12.84
CA MET C 229 -31.68 35.39 -13.55
CA MET C 229 -31.74 35.32 -13.52
C MET C 229 -32.45 34.96 -14.79
N GLY C 230 -33.75 34.74 -14.66
CA GLY C 230 -34.61 34.34 -15.77
C GLY C 230 -34.65 32.85 -16.01
N PHE C 231 -33.90 32.08 -15.22
CA PHE C 231 -33.85 30.63 -15.40
C PHE C 231 -33.22 29.93 -14.18
N ASP C 232 -33.58 28.66 -13.99
CA ASP C 232 -32.95 27.79 -12.98
C ASP C 232 -31.48 27.59 -13.35
N ASN C 233 -30.59 27.74 -12.38
CA ASN C 233 -29.16 27.61 -12.64
C ASN C 233 -28.48 26.52 -11.77
N ASN C 234 -29.17 25.40 -11.56
CA ASN C 234 -28.62 24.24 -10.85
C ASN C 234 -28.27 23.09 -11.79
N ARG C 235 -27.06 22.54 -11.66
CA ARG C 235 -26.70 21.31 -12.35
C ARG C 235 -27.44 20.16 -11.67
N PRO C 236 -27.96 19.18 -12.45
CA PRO C 236 -28.60 18.01 -11.86
C PRO C 236 -27.62 17.24 -10.97
N VAL C 237 -28.14 16.59 -9.93
CA VAL C 237 -27.30 15.78 -9.03
C VAL C 237 -26.66 14.61 -9.78
N GLN C 238 -25.48 14.21 -9.32
CA GLN C 238 -24.65 13.21 -9.99
C GLN C 238 -24.49 11.99 -9.07
N PRO C 239 -24.22 10.78 -9.65
CA PRO C 239 -24.14 9.57 -8.82
CA PRO C 239 -24.13 9.57 -8.83
C PRO C 239 -22.95 9.59 -7.85
N LEU C 240 -23.17 9.10 -6.63
CA LEU C 240 -22.09 9.01 -5.62
C LEU C 240 -20.95 8.10 -6.06
N ASN C 241 -21.31 7.03 -6.77
CA ASN C 241 -20.35 5.99 -7.19
C ASN C 241 -19.65 5.39 -5.94
N ALA C 242 -18.32 5.49 -5.86
CA ALA C 242 -17.61 4.84 -4.76
C ALA C 242 -17.56 5.66 -3.47
N ARG C 243 -18.03 6.91 -3.53
CA ARG C 243 -17.87 7.85 -2.42
C ARG C 243 -18.83 7.64 -1.27
N LYS C 244 -18.40 8.05 -0.07
CA LYS C 244 -19.29 8.26 1.07
C LYS C 244 -19.31 9.73 1.43
N VAL C 245 -20.45 10.19 1.90
CA VAL C 245 -20.56 11.51 2.50
C VAL C 245 -20.35 11.29 3.98
N MET C 246 -19.51 12.14 4.59
CA MET C 246 -19.35 12.10 6.04
CA MET C 246 -19.31 12.11 6.03
C MET C 246 -20.24 13.15 6.68
N LYS C 247 -20.77 12.83 7.87
CA LYS C 247 -21.70 13.73 8.57
C LYS C 247 -21.41 13.86 10.06
N GLY D 23 -6.55 1.89 57.03
CA GLY D 23 -7.53 0.76 57.06
C GLY D 23 -6.86 -0.60 57.14
N ALA D 24 -7.66 -1.65 56.99
CA ALA D 24 -7.21 -3.03 57.20
C ALA D 24 -6.19 -3.55 56.18
N HIS D 25 -5.35 -4.47 56.64
CA HIS D 25 -4.40 -5.20 55.81
C HIS D 25 -5.09 -5.94 54.67
N TRP D 26 -4.52 -5.85 53.48
CA TRP D 26 -5.07 -6.47 52.28
C TRP D 26 -3.92 -6.96 51.41
N GLY D 27 -4.19 -7.93 50.55
CA GLY D 27 -3.17 -8.42 49.62
C GLY D 27 -3.77 -8.96 48.33
N TYR D 28 -2.97 -9.72 47.60
CA TYR D 28 -3.39 -10.24 46.30
C TYR D 28 -3.74 -11.73 46.27
N SER D 29 -3.67 -12.38 47.42
CA SER D 29 -4.05 -13.80 47.51
C SER D 29 -4.52 -14.18 48.91
N GLY D 30 -5.07 -15.39 49.03
CA GLY D 30 -5.46 -15.94 50.32
C GLY D 30 -6.64 -15.24 50.97
N SER D 31 -6.63 -15.24 52.30
CA SER D 31 -7.73 -14.72 53.13
C SER D 31 -7.94 -13.21 53.01
N ILE D 32 -6.90 -12.49 52.56
CA ILE D 32 -6.95 -11.04 52.41
C ILE D 32 -6.86 -10.63 50.92
N GLY D 33 -7.18 -11.56 50.04
CA GLY D 33 -7.11 -11.35 48.59
C GLY D 33 -8.29 -10.58 48.03
N PRO D 34 -8.24 -10.22 46.72
CA PRO D 34 -9.22 -9.32 46.09
C PRO D 34 -10.70 -9.67 46.30
N GLU D 35 -11.07 -10.94 46.25
CA GLU D 35 -12.47 -11.33 46.41
CA GLU D 35 -12.47 -11.31 46.40
C GLU D 35 -12.98 -11.06 47.83
N HIS D 36 -12.06 -10.81 48.76
CA HIS D 36 -12.42 -10.54 50.15
C HIS D 36 -12.30 -9.09 50.58
N TRP D 37 -11.70 -8.25 49.73
CA TRP D 37 -11.44 -6.85 50.10
C TRP D 37 -12.66 -6.15 50.69
N GLY D 38 -13.82 -6.38 50.07
CA GLY D 38 -15.06 -5.73 50.49
C GLY D 38 -15.50 -6.10 51.90
N ASP D 39 -14.99 -7.22 52.43
CA ASP D 39 -15.34 -7.66 53.79
C ASP D 39 -14.23 -7.37 54.83
N LEU D 40 -13.16 -6.72 54.40
CA LEU D 40 -12.02 -6.51 55.29
C LEU D 40 -12.15 -5.28 56.18
N SER D 41 -12.94 -4.32 55.73
CA SER D 41 -13.10 -3.04 56.43
C SER D 41 -14.37 -2.37 55.90
N PRO D 42 -15.11 -1.65 56.77
CA PRO D 42 -16.24 -0.84 56.27
C PRO D 42 -15.79 0.21 55.25
N GLU D 43 -14.55 0.65 55.36
CA GLU D 43 -13.96 1.61 54.43
C GLU D 43 -13.87 1.09 52.99
N TYR D 44 -13.91 -0.23 52.82
CA TYR D 44 -13.68 -0.86 51.52
C TYR D 44 -14.98 -1.28 50.85
N LEU D 45 -16.10 -0.72 51.31
CA LEU D 45 -17.44 -1.10 50.86
C LEU D 45 -17.63 -1.05 49.32
N MET D 46 -17.01 -0.07 48.66
CA MET D 46 -17.13 0.05 47.20
CA MET D 46 -17.12 0.07 47.20
C MET D 46 -16.61 -1.18 46.46
N CYS D 47 -15.63 -1.88 47.04
CA CYS D 47 -15.19 -3.17 46.46
C CYS D 47 -16.34 -4.15 46.32
N LYS D 48 -17.25 -4.16 47.29
CA LYS D 48 -18.37 -5.11 47.24
CA LYS D 48 -18.38 -5.10 47.28
C LYS D 48 -19.61 -4.58 46.51
N ILE D 49 -19.94 -3.30 46.71
CA ILE D 49 -21.17 -2.73 46.14
C ILE D 49 -21.01 -1.84 44.89
N GLY D 50 -19.79 -1.41 44.56
CA GLY D 50 -19.58 -0.53 43.40
C GLY D 50 -19.99 -1.15 42.07
N LYS D 51 -20.61 -0.35 41.20
CA LYS D 51 -20.97 -0.82 39.85
C LYS D 51 -20.08 -0.18 38.77
N ASN D 52 -19.10 0.61 39.21
CA ASN D 52 -18.19 1.28 38.27
C ASN D 52 -16.72 1.06 38.68
N GLN D 53 -16.37 -0.23 38.82
CA GLN D 53 -15.06 -0.64 39.34
C GLN D 53 -14.05 -0.90 38.25
N SER D 54 -12.77 -0.79 38.62
CA SER D 54 -11.64 -1.06 37.73
C SER D 54 -10.75 -2.15 38.35
N PRO D 55 -9.94 -2.87 37.54
CA PRO D 55 -9.79 -2.75 36.10
C PRO D 55 -10.91 -3.47 35.38
N ILE D 56 -10.89 -3.44 34.06
CA ILE D 56 -11.90 -4.12 33.26
C ILE D 56 -11.21 -4.86 32.11
N ASP D 57 -11.93 -5.82 31.54
CA ASP D 57 -11.59 -6.31 30.21
C ASP D 57 -12.09 -5.32 29.17
N ILE D 58 -11.21 -4.92 28.26
CA ILE D 58 -11.59 -4.06 27.15
C ILE D 58 -11.80 -4.93 25.92
N ASN D 59 -13.08 -5.24 25.64
CA ASN D 59 -13.44 -5.95 24.43
C ASN D 59 -13.53 -4.91 23.32
N SER D 60 -12.63 -5.01 22.33
CA SER D 60 -12.46 -3.95 21.33
C SER D 60 -13.68 -3.79 20.42
N ALA D 61 -14.33 -4.91 20.09
CA ALA D 61 -15.55 -4.87 19.30
C ALA D 61 -16.72 -4.24 20.05
N ASP D 62 -16.80 -4.45 21.37
CA ASP D 62 -17.87 -3.87 22.19
C ASP D 62 -17.66 -2.40 22.53
N ALA D 63 -16.43 -1.91 22.38
CA ALA D 63 -16.11 -0.50 22.67
C ALA D 63 -16.73 0.36 21.58
N VAL D 64 -17.10 1.59 21.91
CA VAL D 64 -17.77 2.49 20.98
CA VAL D 64 -17.75 2.46 20.93
C VAL D 64 -16.77 3.49 20.37
N LYS D 65 -16.66 3.49 19.05
CA LYS D 65 -15.83 4.46 18.36
C LYS D 65 -16.35 5.86 18.70
N ALA D 66 -15.47 6.75 19.14
CA ALA D 66 -15.92 8.05 19.68
C ALA D 66 -14.90 9.14 19.39
N CYS D 67 -15.37 10.38 19.20
CA CYS D 67 -14.50 11.49 18.81
C CYS D 67 -13.75 12.07 20.01
N LEU D 68 -12.85 11.26 20.57
CA LEU D 68 -12.12 11.60 21.79
C LEU D 68 -11.04 12.67 21.53
N ALA D 69 -10.92 13.63 22.44
CA ALA D 69 -9.91 14.70 22.34
C ALA D 69 -8.50 14.16 22.57
N PRO D 70 -7.48 14.74 21.89
CA PRO D 70 -6.11 14.34 22.21
CA PRO D 70 -6.11 14.34 22.21
C PRO D 70 -5.82 14.63 23.68
N VAL D 71 -5.09 13.74 24.33
CA VAL D 71 -4.66 13.97 25.72
C VAL D 71 -3.24 14.56 25.66
N SER D 72 -3.15 15.88 25.80
CA SER D 72 -1.89 16.61 25.72
CA SER D 72 -1.87 16.56 25.69
C SER D 72 -1.06 16.38 26.97
N VAL D 73 0.23 16.14 26.80
CA VAL D 73 1.11 15.81 27.91
C VAL D 73 2.16 16.92 28.11
N TYR D 74 2.22 17.46 29.34
CA TYR D 74 3.16 18.51 29.73
C TYR D 74 3.89 18.06 31.00
N TYR D 75 4.67 17.00 30.86
CA TYR D 75 5.42 16.45 31.98
C TYR D 75 6.74 17.20 32.19
N VAL D 76 7.23 17.17 33.43
CA VAL D 76 8.56 17.69 33.75
C VAL D 76 9.36 16.64 34.52
N SER D 77 10.68 16.79 34.54
CA SER D 77 11.55 15.86 35.26
C SER D 77 11.65 16.18 36.75
N ASP D 78 10.55 16.03 37.49
CA ASP D 78 10.58 16.32 38.93
C ASP D 78 10.39 15.12 39.85
N ALA D 79 10.92 13.96 39.43
CA ALA D 79 10.92 12.77 40.27
C ALA D 79 11.72 12.96 41.56
N LYS D 80 11.13 12.52 42.68
CA LYS D 80 11.73 12.70 43.99
CA LYS D 80 11.71 12.69 44.00
C LYS D 80 12.47 11.44 44.45
N TYR D 81 11.80 10.29 44.41
CA TYR D 81 12.38 9.04 44.84
C TYR D 81 11.57 7.86 44.30
N VAL D 82 12.14 6.67 44.41
CA VAL D 82 11.42 5.44 44.10
C VAL D 82 11.25 4.64 45.40
N VAL D 83 10.06 4.08 45.60
CA VAL D 83 9.76 3.34 46.83
C VAL D 83 9.16 1.96 46.51
N ASN D 84 9.59 0.96 47.28
CA ASN D 84 8.92 -0.33 47.33
C ASN D 84 7.96 -0.25 48.52
N ASN D 85 6.67 -0.16 48.24
CA ASN D 85 5.70 0.06 49.33
C ASN D 85 5.00 -1.21 49.76
N GLY D 86 5.49 -2.34 49.28
CA GLY D 86 4.92 -3.63 49.65
C GLY D 86 3.84 -4.18 48.72
N HIS D 87 3.26 -3.33 47.87
CA HIS D 87 2.28 -3.81 46.88
CA HIS D 87 2.23 -3.75 46.91
C HIS D 87 2.63 -3.43 45.46
N THR D 88 3.63 -2.56 45.30
CA THR D 88 4.14 -2.10 43.99
C THR D 88 5.52 -1.43 44.14
N ILE D 89 6.12 -1.13 42.99
CA ILE D 89 7.25 -0.21 42.90
C ILE D 89 6.72 1.13 42.37
N LYS D 90 6.91 2.21 43.14
CA LYS D 90 6.33 3.51 42.83
C LYS D 90 7.39 4.63 42.74
N VAL D 91 7.34 5.39 41.66
CA VAL D 91 8.13 6.62 41.55
C VAL D 91 7.30 7.83 41.94
N VAL D 92 7.73 8.54 42.98
CA VAL D 92 7.00 9.70 43.49
C VAL D 92 7.52 10.98 42.84
N MET D 93 6.60 11.82 42.35
CA MET D 93 6.92 13.03 41.60
C MET D 93 6.67 14.27 42.44
N GLY D 94 7.23 15.39 42.00
CA GLY D 94 7.00 16.67 42.66
C GLY D 94 5.63 17.25 42.39
N GLY D 95 4.96 16.78 41.32
CA GLY D 95 3.60 17.20 41.00
C GLY D 95 3.43 18.43 40.13
N ARG D 96 4.50 18.83 39.42
CA ARG D 96 4.43 20.02 38.54
CA ARG D 96 4.43 20.02 38.53
C ARG D 96 4.03 19.66 37.11
N GLY D 97 4.33 18.44 36.69
CA GLY D 97 3.97 17.98 35.34
C GLY D 97 2.48 17.69 35.30
N TYR D 98 1.88 17.76 34.12
CA TYR D 98 0.43 17.53 34.01
C TYR D 98 -0.01 17.03 32.62
N VAL D 99 -1.20 16.44 32.57
CA VAL D 99 -1.88 16.14 31.33
C VAL D 99 -3.18 16.94 31.28
N VAL D 100 -3.68 17.15 30.06
CA VAL D 100 -4.94 17.87 29.89
C VAL D 100 -6.06 16.88 29.51
N VAL D 101 -7.05 16.77 30.38
CA VAL D 101 -8.22 15.90 30.18
C VAL D 101 -9.48 16.74 30.48
N ASP D 102 -10.45 16.69 29.57
CA ASP D 102 -11.69 17.47 29.72
C ASP D 102 -11.39 18.96 29.93
N GLY D 103 -10.37 19.46 29.22
CA GLY D 103 -9.97 20.87 29.29
C GLY D 103 -9.33 21.29 30.61
N LYS D 104 -9.04 20.33 31.48
CA LYS D 104 -8.47 20.63 32.80
CA LYS D 104 -8.47 20.62 32.80
C LYS D 104 -7.10 20.00 32.99
N ARG D 105 -6.28 20.63 33.85
CA ARG D 105 -4.95 20.12 34.18
C ARG D 105 -5.02 19.10 35.31
N PHE D 106 -4.52 17.90 35.04
CA PHE D 106 -4.39 16.86 36.07
C PHE D 106 -2.89 16.64 36.29
N TYR D 107 -2.42 16.93 37.50
CA TYR D 107 -0.97 16.90 37.82
C TYR D 107 -0.44 15.52 38.18
N LEU D 108 0.67 15.14 37.55
CA LEU D 108 1.30 13.84 37.78
C LEU D 108 1.95 13.76 39.15
N LYS D 109 1.37 12.92 40.02
CA LYS D 109 1.84 12.78 41.40
C LYS D 109 2.81 11.63 41.58
N GLN D 110 2.59 10.55 40.81
CA GLN D 110 3.39 9.34 40.92
C GLN D 110 3.08 8.43 39.75
N PHE D 111 3.99 7.52 39.47
CA PHE D 111 3.69 6.36 38.62
C PHE D 111 4.17 5.05 39.25
N HIS D 112 3.50 3.95 38.90
CA HIS D 112 3.78 2.65 39.52
C HIS D 112 3.43 1.52 38.57
N PHE D 113 3.67 0.28 38.99
CA PHE D 113 3.65 -0.83 38.05
C PHE D 113 2.90 -2.07 38.57
N HIS D 114 2.31 -2.80 37.61
CA HIS D 114 1.64 -4.05 37.88
C HIS D 114 2.13 -5.15 36.92
N ALA D 115 2.26 -6.38 37.44
CA ALA D 115 2.51 -7.55 36.61
C ALA D 115 1.73 -8.73 37.18
N PRO D 116 0.95 -9.44 36.33
CA PRO D 116 0.64 -9.14 34.92
C PRO D 116 -0.26 -7.89 34.83
N SER D 117 -0.67 -7.51 33.62
CA SER D 117 -1.48 -6.28 33.46
C SER D 117 -2.78 -6.40 34.26
N GLU D 118 -3.29 -5.26 34.71
CA GLU D 118 -4.59 -5.20 35.37
C GLU D 118 -5.72 -5.21 34.35
N HIS D 119 -5.66 -4.30 33.37
CA HIS D 119 -6.59 -4.33 32.25
C HIS D 119 -6.25 -5.48 31.31
N THR D 120 -7.27 -6.09 30.73
CA THR D 120 -7.07 -7.04 29.64
C THR D 120 -7.68 -6.47 28.36
N VAL D 121 -7.22 -6.96 27.21
CA VAL D 121 -7.79 -6.56 25.92
C VAL D 121 -8.25 -7.83 25.20
N ASN D 122 -9.55 -7.91 24.89
CA ASN D 122 -10.14 -9.13 24.35
C ASN D 122 -9.81 -10.40 25.16
N GLY D 123 -9.83 -10.27 26.49
CA GLY D 123 -9.67 -11.40 27.41
C GLY D 123 -8.24 -11.81 27.68
N LYS D 124 -7.28 -11.07 27.11
CA LYS D 124 -5.87 -11.41 27.25
CA LYS D 124 -5.87 -11.41 27.23
C LYS D 124 -5.06 -10.35 27.98
N HIS D 125 -4.18 -10.80 28.87
CA HIS D 125 -3.27 -9.89 29.59
C HIS D 125 -2.04 -9.52 28.77
N TYR D 126 -1.49 -8.34 29.03
CA TYR D 126 -0.10 -8.05 28.74
C TYR D 126 0.71 -8.45 29.97
N PRO D 127 2.04 -8.66 29.82
CA PRO D 127 2.88 -9.06 30.96
C PRO D 127 3.06 -7.99 32.03
N PHE D 128 2.79 -6.74 31.70
CA PHE D 128 3.18 -5.62 32.56
C PHE D 128 2.31 -4.41 32.19
N GLU D 129 2.03 -3.57 33.19
CA GLU D 129 1.21 -2.36 32.99
C GLU D 129 1.70 -1.25 33.93
N ALA D 130 1.91 -0.06 33.37
CA ALA D 130 2.30 1.11 34.17
C ALA D 130 1.09 2.03 34.34
N HIS D 131 0.98 2.60 35.53
CA HIS D 131 -0.08 3.57 35.86
C HIS D 131 0.50 4.91 36.26
N PHE D 132 0.06 5.96 35.57
CA PHE D 132 0.49 7.34 35.85
C PHE D 132 -0.69 8.06 36.51
N VAL D 133 -0.52 8.43 37.79
CA VAL D 133 -1.63 8.86 38.63
C VAL D 133 -1.63 10.37 38.76
N HIS D 134 -2.75 10.99 38.37
CA HIS D 134 -2.88 12.45 38.34
C HIS D 134 -4.06 12.97 39.17
N LEU D 135 -3.88 14.17 39.73
CA LEU D 135 -4.94 14.85 40.46
CA LEU D 135 -4.93 14.86 40.48
C LEU D 135 -5.13 16.26 39.92
N ASP D 136 -6.38 16.67 39.71
CA ASP D 136 -6.64 18.06 39.34
C ASP D 136 -6.67 18.91 40.60
N LYS D 137 -6.86 20.21 40.43
CA LYS D 137 -6.81 21.15 41.56
C LYS D 137 -7.85 20.85 42.64
N ASN D 138 -8.89 20.11 42.28
CA ASN D 138 -9.94 19.74 43.23
C ASN D 138 -9.83 18.30 43.77
N GLY D 139 -8.78 17.59 43.39
CA GLY D 139 -8.58 16.23 43.88
C GLY D 139 -9.21 15.13 43.04
N ASN D 140 -9.79 15.49 41.90
CA ASN D 140 -10.28 14.48 40.95
C ASN D 140 -9.11 13.72 40.32
N ILE D 141 -9.26 12.41 40.23
CA ILE D 141 -8.19 11.53 39.77
C ILE D 141 -8.34 11.11 38.31
N THR D 142 -7.24 11.20 37.56
CA THR D 142 -7.11 10.57 36.24
C THR D 142 -5.91 9.64 36.26
N VAL D 143 -6.11 8.41 35.80
CA VAL D 143 -4.99 7.48 35.66
C VAL D 143 -4.74 7.18 34.17
N LEU D 144 -3.49 7.36 33.72
CA LEU D 144 -3.09 6.88 32.39
C LEU D 144 -2.47 5.50 32.52
N GLY D 145 -2.95 4.56 31.69
CA GLY D 145 -2.45 3.19 31.67
C GLY D 145 -1.63 2.91 30.42
N VAL D 146 -0.47 2.28 30.60
CA VAL D 146 0.41 1.92 29.48
C VAL D 146 0.74 0.44 29.59
N PHE D 147 0.40 -0.30 28.54
CA PHE D 147 0.73 -1.71 28.44
C PHE D 147 2.19 -1.87 27.98
N PHE D 148 2.86 -2.91 28.49
CA PHE D 148 4.19 -3.28 28.01
C PHE D 148 4.17 -4.70 27.48
N LYS D 149 4.93 -4.94 26.40
CA LYS D 149 5.17 -6.28 25.90
C LYS D 149 6.68 -6.57 25.94
N VAL D 150 7.06 -7.85 25.90
CA VAL D 150 8.48 -8.21 25.92
C VAL D 150 9.12 -7.94 24.56
N GLY D 151 10.19 -7.15 24.56
CA GLY D 151 10.97 -6.86 23.34
C GLY D 151 12.33 -6.33 23.74
N LYS D 152 12.70 -5.17 23.21
CA LYS D 152 13.98 -4.55 23.54
CA LYS D 152 13.98 -4.55 23.54
C LYS D 152 13.94 -3.88 24.91
N GLU D 153 15.11 -3.79 25.55
CA GLU D 153 15.26 -3.13 26.85
C GLU D 153 14.76 -1.68 26.76
N ASN D 154 14.02 -1.26 27.79
CA ASN D 154 13.48 0.08 27.83
C ASN D 154 14.43 1.00 28.57
N PRO D 155 15.03 1.96 27.85
CA PRO D 155 16.07 2.84 28.39
C PRO D 155 15.57 3.71 29.52
N GLU D 156 14.38 4.29 29.37
CA GLU D 156 13.82 5.12 30.42
C GLU D 156 13.46 4.29 31.66
N LEU D 157 12.90 3.10 31.46
CA LEU D 157 12.57 2.20 32.58
C LEU D 157 13.84 1.77 33.33
N GLU D 158 14.90 1.50 32.58
CA GLU D 158 16.19 1.08 33.16
C GLU D 158 16.74 2.08 34.18
N LYS D 159 16.48 3.37 33.97
CA LYS D 159 16.86 4.41 34.93
C LYS D 159 16.27 4.15 36.32
N VAL D 160 15.03 3.64 36.34
CA VAL D 160 14.38 3.29 37.60
C VAL D 160 14.83 1.91 38.08
N TRP D 161 14.89 0.95 37.16
CA TRP D 161 15.20 -0.43 37.50
C TRP D 161 16.58 -0.59 38.13
N ARG D 162 17.55 0.20 37.66
CA ARG D 162 18.89 0.13 38.22
CA ARG D 162 18.91 0.24 38.19
C ARG D 162 18.95 0.48 39.70
N VAL D 163 18.00 1.29 40.19
CA VAL D 163 17.93 1.67 41.61
C VAL D 163 16.68 1.16 42.35
N MET D 164 16.07 0.08 41.84
CA MET D 164 14.83 -0.46 42.41
C MET D 164 15.01 -0.93 43.86
N PRO D 165 14.21 -0.41 44.81
CA PRO D 165 14.31 -0.88 46.21
C PRO D 165 13.82 -2.32 46.33
N GLU D 166 14.64 -3.19 46.91
CA GLU D 166 14.39 -4.63 46.91
CA GLU D 166 14.36 -4.62 46.88
C GLU D 166 13.46 -5.10 48.02
N GLU D 167 13.29 -4.28 49.06
CA GLU D 167 12.47 -4.67 50.20
CA GLU D 167 12.47 -4.67 50.20
C GLU D 167 11.38 -3.66 50.50
N PRO D 168 10.19 -4.15 50.94
CA PRO D 168 9.11 -3.23 51.29
C PRO D 168 9.55 -2.24 52.35
N GLY D 169 9.20 -0.98 52.16
CA GLY D 169 9.54 0.07 53.10
C GLY D 169 10.77 0.85 52.68
N GLN D 170 11.56 0.28 51.76
CA GLN D 170 12.76 0.95 51.27
C GLN D 170 12.52 2.00 50.19
N LYS D 171 13.19 3.14 50.33
CA LYS D 171 13.18 4.21 49.34
CA LYS D 171 13.17 4.16 49.29
C LYS D 171 14.59 4.45 48.80
N ARG D 172 14.70 4.78 47.52
CA ARG D 172 15.99 5.06 46.89
CA ARG D 172 15.99 5.06 46.90
C ARG D 172 15.93 6.37 46.12
N HIS D 173 16.99 7.17 46.23
CA HIS D 173 17.09 8.37 45.42
CA HIS D 173 17.18 8.39 45.44
C HIS D 173 17.49 8.00 43.99
N LEU D 174 17.06 8.82 43.04
CA LEU D 174 17.25 8.53 41.62
C LEU D 174 18.54 9.13 41.06
N THR D 175 19.40 8.28 40.53
CA THR D 175 20.71 8.71 40.04
C THR D 175 20.67 9.38 38.66
N ALA D 176 19.67 9.04 37.85
CA ALA D 176 19.49 9.64 36.52
C ALA D 176 18.27 10.54 36.50
N ARG D 177 18.20 11.43 35.51
CA ARG D 177 17.04 12.30 35.34
CA ARG D 177 17.03 12.29 35.37
C ARG D 177 15.91 11.52 34.68
N ILE D 178 14.76 11.47 35.34
CA ILE D 178 13.60 10.74 34.83
C ILE D 178 12.77 11.66 33.93
N ASP D 179 12.52 11.21 32.70
CA ASP D 179 11.60 11.89 31.79
CA ASP D 179 11.56 11.90 31.81
C ASP D 179 10.37 10.99 31.62
N PRO D 180 9.31 11.19 32.44
CA PRO D 180 8.21 10.21 32.39
C PRO D 180 7.51 10.09 31.02
N GLU D 181 7.56 11.15 30.22
CA GLU D 181 6.89 11.12 28.92
CA GLU D 181 6.95 11.19 28.89
C GLU D 181 7.54 10.10 27.99
N LYS D 182 8.81 9.78 28.22
CA LYS D 182 9.49 8.79 27.43
C LYS D 182 9.01 7.37 27.69
N LEU D 183 8.18 7.19 28.72
CA LEU D 183 7.60 5.88 29.02
C LEU D 183 6.27 5.63 28.26
N LEU D 184 5.67 6.70 27.75
CA LEU D 184 4.41 6.60 26.99
C LEU D 184 4.66 6.13 25.56
N PRO D 185 3.67 5.45 24.94
CA PRO D 185 3.84 5.05 23.53
C PRO D 185 3.90 6.26 22.61
N GLU D 186 4.45 6.07 21.42
CA GLU D 186 4.55 7.15 20.43
CA GLU D 186 4.55 7.15 20.43
C GLU D 186 3.17 7.51 19.90
N ASN D 187 2.38 6.49 19.57
CA ASN D 187 1.00 6.71 19.16
C ASN D 187 0.16 6.90 20.41
N ARG D 188 -0.64 7.96 20.43
CA ARG D 188 -1.37 8.35 21.65
C ARG D 188 -2.87 8.05 21.61
N ASP D 189 -3.29 7.17 20.70
CA ASP D 189 -4.67 6.68 20.69
C ASP D 189 -4.95 5.94 21.98
N TYR D 190 -6.18 6.07 22.47
CA TYR D 190 -6.53 5.51 23.76
C TYR D 190 -7.98 5.03 23.87
N TYR D 191 -8.20 4.17 24.84
CA TYR D 191 -9.53 3.78 25.32
C TYR D 191 -9.82 4.66 26.54
N ARG D 192 -11.09 5.07 26.72
CA ARG D 192 -11.46 5.81 27.93
C ARG D 192 -12.71 5.21 28.54
N TYR D 193 -12.74 5.12 29.87
CA TYR D 193 -13.97 4.76 30.59
C TYR D 193 -13.91 5.38 31.98
N SER D 194 -15.04 5.38 32.68
CA SER D 194 -15.18 5.89 34.05
CA SER D 194 -15.09 5.88 34.04
C SER D 194 -15.09 4.70 35.01
N GLY D 195 -14.18 4.77 35.98
CA GLY D 195 -13.97 3.64 36.88
C GLY D 195 -13.52 3.99 38.29
N SER D 196 -12.55 3.22 38.80
CA SER D 196 -12.17 3.30 40.21
C SER D 196 -10.66 3.10 40.36
N LEU D 197 -10.15 3.36 41.56
CA LEU D 197 -8.81 2.91 41.93
C LEU D 197 -8.84 1.38 42.01
N THR D 198 -7.71 0.72 41.73
CA THR D 198 -7.68 -0.74 41.70
C THR D 198 -7.13 -1.36 43.00
N THR D 199 -6.81 -0.53 43.99
CA THR D 199 -6.49 -1.01 45.35
C THR D 199 -7.45 -0.42 46.36
N PRO D 200 -7.71 -1.13 47.47
CA PRO D 200 -8.62 -0.61 48.49
C PRO D 200 -8.26 0.83 48.87
N PRO D 201 -9.27 1.72 49.07
CA PRO D 201 -10.70 1.48 49.14
C PRO D 201 -11.45 1.42 47.79
N CYS D 202 -10.73 1.45 46.67
CA CYS D 202 -11.32 1.29 45.33
C CYS D 202 -12.40 2.35 45.05
N SER D 203 -12.07 3.61 45.40
CA SER D 203 -12.97 4.75 45.23
CA SER D 203 -13.03 4.69 45.24
C SER D 203 -13.35 4.96 43.77
N GLU D 204 -14.60 5.35 43.50
CA GLU D 204 -15.04 5.57 42.11
C GLU D 204 -14.89 7.04 41.73
N GLY D 205 -15.40 7.42 40.55
CA GLY D 205 -15.18 8.76 40.02
C GLY D 205 -13.79 8.97 39.44
N VAL D 206 -13.14 7.89 38.99
CA VAL D 206 -11.79 7.95 38.41
C VAL D 206 -11.85 7.93 36.88
N ARG D 207 -11.19 8.88 36.22
CA ARG D 207 -11.07 8.84 34.76
C ARG D 207 -9.90 7.92 34.35
N TRP D 208 -10.20 6.97 33.48
CA TRP D 208 -9.18 6.03 32.98
C TRP D 208 -8.88 6.30 31.51
N ILE D 209 -7.61 6.58 31.24
CA ILE D 209 -7.09 6.73 29.89
C ILE D 209 -6.08 5.61 29.64
N VAL D 210 -6.47 4.60 28.86
CA VAL D 210 -5.63 3.42 28.62
C VAL D 210 -5.14 3.43 27.17
N PHE D 211 -3.84 3.65 26.96
CA PHE D 211 -3.29 3.73 25.59
C PHE D 211 -3.37 2.39 24.87
N LYS D 212 -3.68 2.45 23.57
CA LYS D 212 -3.90 1.24 22.80
C LYS D 212 -2.59 0.51 22.46
N GLU D 213 -1.55 1.29 22.17
CA GLU D 213 -0.27 0.73 21.69
CA GLU D 213 -0.30 0.69 21.71
C GLU D 213 0.66 0.40 22.87
N PRO D 214 1.14 -0.86 22.95
CA PRO D 214 2.07 -1.21 24.03
C PRO D 214 3.48 -0.69 23.78
N VAL D 215 4.24 -0.51 24.86
CA VAL D 215 5.67 -0.21 24.71
CA VAL D 215 5.66 -0.17 24.81
C VAL D 215 6.47 -1.45 25.09
N GLU D 216 7.76 -1.46 24.77
CA GLU D 216 8.57 -2.67 24.99
C GLU D 216 9.43 -2.61 26.25
N MET D 217 9.64 -3.78 26.86
CA MET D 217 10.65 -3.93 27.92
C MET D 217 11.36 -5.24 27.67
N SER D 218 12.56 -5.42 28.23
CA SER D 218 13.27 -6.68 28.03
C SER D 218 12.73 -7.76 28.96
N ARG D 219 12.94 -9.03 28.58
CA ARG D 219 12.59 -10.16 29.44
CA ARG D 219 12.60 -10.15 29.44
C ARG D 219 13.25 -9.98 30.81
N GLU D 220 14.49 -9.49 30.80
CA GLU D 220 15.26 -9.26 32.02
CA GLU D 220 15.27 -9.26 32.03
C GLU D 220 14.62 -8.22 32.94
N GLN D 221 14.18 -7.11 32.34
CA GLN D 221 13.50 -6.07 33.12
C GLN D 221 12.21 -6.59 33.78
N LEU D 222 11.47 -7.42 33.05
CA LEU D 222 10.22 -8.00 33.56
C LEU D 222 10.52 -8.97 34.69
N GLU D 223 11.50 -9.86 34.48
CA GLU D 223 11.86 -10.84 35.50
C GLU D 223 12.40 -10.19 36.78
N LYS D 224 13.10 -9.06 36.65
CA LYS D 224 13.59 -8.37 37.83
C LYS D 224 12.44 -7.80 38.68
N PHE D 225 11.44 -7.23 38.02
CA PHE D 225 10.25 -6.76 38.73
C PHE D 225 9.55 -7.91 39.45
N ARG D 226 9.34 -9.02 38.76
CA ARG D 226 8.62 -10.16 39.32
C ARG D 226 9.37 -10.80 40.51
N LYS D 227 10.69 -10.88 40.38
CA LYS D 227 11.55 -11.43 41.43
C LYS D 227 11.50 -10.58 42.70
N VAL D 228 11.60 -9.26 42.54
CA VAL D 228 11.57 -8.34 43.67
C VAL D 228 10.20 -8.32 44.34
N MET D 229 9.14 -8.25 43.54
CA MET D 229 7.79 -8.23 44.08
C MET D 229 7.46 -9.51 44.83
N GLY D 230 7.76 -10.65 44.21
CA GLY D 230 7.47 -11.95 44.81
C GLY D 230 6.04 -12.45 44.65
N PHE D 231 5.19 -11.66 44.00
CA PHE D 231 3.80 -12.06 43.76
C PHE D 231 3.16 -11.22 42.64
N ASP D 232 2.15 -11.78 41.99
CA ASP D 232 1.31 -11.01 41.05
C ASP D 232 0.60 -9.90 41.82
N ASN D 233 0.59 -8.68 41.26
CA ASN D 233 -0.11 -7.60 41.93
C ASN D 233 -1.23 -6.94 41.08
N ASN D 234 -2.01 -7.76 40.39
CA ASN D 234 -3.15 -7.26 39.61
C ASN D 234 -4.48 -7.65 40.24
N ARG D 235 -5.36 -6.66 40.41
CA ARG D 235 -6.75 -6.93 40.78
C ARG D 235 -7.46 -7.61 39.61
N PRO D 236 -8.31 -8.62 39.88
CA PRO D 236 -9.10 -9.20 38.79
C PRO D 236 -10.02 -8.17 38.12
N VAL D 237 -10.30 -8.38 36.84
CA VAL D 237 -11.17 -7.51 36.06
C VAL D 237 -12.58 -7.52 36.64
N GLN D 238 -13.28 -6.38 36.50
CA GLN D 238 -14.58 -6.17 37.12
C GLN D 238 -15.62 -6.00 36.03
N PRO D 239 -16.91 -6.30 36.32
CA PRO D 239 -17.93 -6.18 35.28
C PRO D 239 -18.16 -4.74 34.81
N LEU D 240 -18.40 -4.59 33.52
CA LEU D 240 -18.66 -3.30 32.91
CA LEU D 240 -18.67 -3.28 32.91
C LEU D 240 -19.97 -2.69 33.41
N ASN D 241 -20.98 -3.54 33.63
CA ASN D 241 -22.33 -3.11 34.04
C ASN D 241 -22.96 -2.17 33.01
N ALA D 242 -23.32 -0.94 33.40
CA ALA D 242 -23.95 -0.01 32.45
C ALA D 242 -22.98 0.74 31.55
N ARG D 243 -21.68 0.62 31.82
CA ARG D 243 -20.68 1.41 31.10
C ARG D 243 -20.39 0.97 29.68
N LYS D 244 -19.99 1.93 28.85
CA LYS D 244 -19.33 1.63 27.58
C LYS D 244 -17.92 2.16 27.65
N VAL D 245 -17.01 1.46 26.97
CA VAL D 245 -15.65 1.95 26.80
C VAL D 245 -15.64 2.69 25.47
N MET D 246 -15.02 3.87 25.44
CA MET D 246 -14.86 4.63 24.21
CA MET D 246 -14.88 4.64 24.22
C MET D 246 -13.52 4.34 23.59
N LYS D 247 -13.48 4.25 22.26
CA LYS D 247 -12.23 3.95 21.52
C LYS D 247 -12.05 4.89 20.32
N GLY E 23 20.09 5.58 -28.81
CA GLY E 23 19.45 4.25 -29.09
C GLY E 23 18.14 4.08 -28.33
N ALA E 24 17.33 3.12 -28.78
CA ALA E 24 16.00 2.90 -28.22
C ALA E 24 16.00 2.41 -26.77
N HIS E 25 14.97 2.78 -26.01
CA HIS E 25 14.83 2.35 -24.61
C HIS E 25 14.65 0.84 -24.52
N TRP E 26 15.29 0.25 -23.52
CA TRP E 26 15.25 -1.20 -23.32
C TRP E 26 15.20 -1.51 -21.83
N GLY E 27 14.79 -2.72 -21.49
CA GLY E 27 14.76 -3.14 -20.08
C GLY E 27 14.96 -4.63 -19.94
N TYR E 28 14.66 -5.13 -18.73
CA TYR E 28 14.83 -6.55 -18.43
C TYR E 28 13.53 -7.36 -18.42
N SER E 29 12.39 -6.70 -18.63
CA SER E 29 11.10 -7.41 -18.67
C SER E 29 10.11 -6.75 -19.61
N GLY E 30 9.00 -7.45 -19.86
CA GLY E 30 7.90 -6.94 -20.66
C GLY E 30 8.27 -6.79 -22.13
N SER E 31 7.64 -5.81 -22.77
CA SER E 31 7.77 -5.58 -24.20
C SER E 31 9.15 -5.05 -24.60
N ILE E 32 9.88 -4.48 -23.65
CA ILE E 32 11.22 -3.96 -23.89
C ILE E 32 12.33 -4.88 -23.32
N GLY E 33 11.95 -6.11 -22.97
CA GLY E 33 12.85 -7.09 -22.36
C GLY E 33 13.77 -7.80 -23.35
N PRO E 34 14.70 -8.65 -22.85
CA PRO E 34 15.81 -9.20 -23.64
C PRO E 34 15.40 -9.96 -24.91
N GLU E 35 14.30 -10.71 -24.85
CA GLU E 35 13.83 -11.43 -26.04
C GLU E 35 13.37 -10.47 -27.16
N HIS E 36 13.18 -9.20 -26.84
CA HIS E 36 12.73 -8.20 -27.81
C HIS E 36 13.78 -7.18 -28.24
N TRP E 37 14.95 -7.20 -27.58
CA TRP E 37 15.97 -6.18 -27.83
C TRP E 37 16.30 -6.03 -29.32
N GLY E 38 16.43 -7.17 -30.01
CA GLY E 38 16.80 -7.18 -31.42
C GLY E 38 15.77 -6.51 -32.32
N ASP E 39 14.55 -6.31 -31.80
CA ASP E 39 13.47 -5.66 -32.56
C ASP E 39 13.25 -4.20 -32.19
N LEU E 40 13.96 -3.70 -31.18
CA LEU E 40 13.73 -2.35 -30.69
C LEU E 40 14.41 -1.26 -31.51
N SER E 41 15.42 -1.63 -32.29
CA SER E 41 16.24 -0.66 -33.01
C SER E 41 17.11 -1.40 -34.01
N PRO E 42 17.31 -0.82 -35.21
CA PRO E 42 18.26 -1.42 -36.17
C PRO E 42 19.68 -1.50 -35.59
N GLU E 43 20.00 -0.58 -34.68
CA GLU E 43 21.30 -0.58 -34.01
CA GLU E 43 21.29 -0.55 -33.97
C GLU E 43 21.51 -1.82 -33.12
N TYR E 44 20.42 -2.48 -32.73
CA TYR E 44 20.47 -3.63 -31.82
C TYR E 44 20.42 -4.96 -32.55
N LEU E 45 20.72 -4.94 -33.83
CA LEU E 45 20.62 -6.11 -34.68
C LEU E 45 21.40 -7.35 -34.20
N MET E 46 22.58 -7.16 -33.61
CA MET E 46 23.39 -8.30 -33.16
CA MET E 46 23.40 -8.29 -33.14
C MET E 46 22.68 -9.14 -32.10
N CYS E 47 21.77 -8.52 -31.33
CA CYS E 47 20.99 -9.27 -30.33
C CYS E 47 20.22 -10.39 -31.01
N LYS E 48 19.75 -10.10 -32.22
CA LYS E 48 18.90 -10.96 -33.01
C LYS E 48 19.72 -11.94 -33.86
N ILE E 49 20.77 -11.44 -34.52
CA ILE E 49 21.49 -12.26 -35.50
C ILE E 49 22.87 -12.76 -35.07
N GLY E 50 23.41 -12.23 -33.97
CA GLY E 50 24.74 -12.64 -33.50
C GLY E 50 24.84 -14.10 -33.12
N LYS E 51 25.98 -14.72 -33.44
CA LYS E 51 26.22 -16.12 -33.10
C LYS E 51 27.32 -16.26 -32.06
N ASN E 52 27.83 -15.12 -31.59
CA ASN E 52 28.84 -15.10 -30.54
C ASN E 52 28.43 -14.15 -29.40
N GLN E 53 27.24 -14.40 -28.85
CA GLN E 53 26.67 -13.53 -27.83
C GLN E 53 26.99 -13.96 -26.39
N SER E 54 26.89 -13.00 -25.47
CA SER E 54 27.07 -13.23 -24.05
C SER E 54 25.83 -12.80 -23.27
N PRO E 55 25.62 -13.35 -22.05
CA PRO E 55 26.43 -14.33 -21.33
C PRO E 55 26.11 -15.75 -21.84
N ILE E 56 26.81 -16.73 -21.29
CA ILE E 56 26.60 -18.13 -21.65
C ILE E 56 26.55 -18.99 -20.39
N ASP E 57 26.03 -20.21 -20.55
CA ASP E 57 26.27 -21.26 -19.56
C ASP E 57 27.67 -21.83 -19.78
N ILE E 58 28.45 -21.90 -18.72
CA ILE E 58 29.78 -22.52 -18.79
C ILE E 58 29.66 -23.93 -18.24
N ASN E 59 29.58 -24.90 -19.14
CA ASN E 59 29.57 -26.31 -18.73
C ASN E 59 31.04 -26.73 -18.56
N SER E 60 31.44 -27.04 -17.33
CA SER E 60 32.89 -27.24 -17.06
C SER E 60 33.48 -28.46 -17.76
N ALA E 61 32.68 -29.51 -17.92
CA ALA E 61 33.12 -30.72 -18.65
C ALA E 61 33.32 -30.47 -20.15
N ASP E 62 32.48 -29.60 -20.74
CA ASP E 62 32.59 -29.24 -22.15
C ASP E 62 33.72 -28.22 -22.44
N ALA E 63 34.19 -27.52 -21.42
CA ALA E 63 35.27 -26.55 -21.60
C ALA E 63 36.57 -27.30 -21.91
N VAL E 64 37.45 -26.68 -22.70
CA VAL E 64 38.69 -27.31 -23.16
CA VAL E 64 38.68 -27.35 -23.11
C VAL E 64 39.84 -26.89 -22.24
N LYS E 65 40.45 -27.85 -21.56
CA LYS E 65 41.64 -27.58 -20.75
C LYS E 65 42.74 -27.03 -21.67
N ALA E 66 43.28 -25.86 -21.33
CA ALA E 66 44.18 -25.13 -22.23
C ALA E 66 45.27 -24.37 -21.49
N CYS E 67 46.38 -24.11 -22.20
CA CYS E 67 47.56 -23.49 -21.60
C CYS E 67 47.39 -21.96 -21.57
N LEU E 68 46.43 -21.50 -20.78
CA LEU E 68 46.07 -20.10 -20.67
C LEU E 68 47.13 -19.31 -19.88
N ALA E 69 47.47 -18.12 -20.37
CA ALA E 69 48.44 -17.28 -19.69
C ALA E 69 47.82 -16.64 -18.45
N PRO E 70 48.63 -16.35 -17.41
CA PRO E 70 48.09 -15.61 -16.27
C PRO E 70 47.60 -14.25 -16.75
N VAL E 71 46.49 -13.77 -16.20
CA VAL E 71 46.01 -12.41 -16.46
C VAL E 71 46.53 -11.51 -15.32
N SER E 72 47.62 -10.79 -15.57
CA SER E 72 48.25 -9.91 -14.58
CA SER E 72 48.23 -9.94 -14.55
C SER E 72 47.42 -8.65 -14.37
N VAL E 73 47.30 -8.22 -13.11
CA VAL E 73 46.44 -7.10 -12.75
C VAL E 73 47.31 -5.97 -12.18
N TYR E 74 47.18 -4.79 -12.76
CA TYR E 74 47.89 -3.57 -12.35
C TYR E 74 46.89 -2.45 -12.13
N TYR E 75 46.01 -2.62 -11.16
CA TYR E 75 44.96 -1.65 -10.89
C TYR E 75 45.48 -0.51 -10.01
N VAL E 76 44.85 0.66 -10.14
CA VAL E 76 45.16 1.80 -9.27
C VAL E 76 43.88 2.29 -8.62
N SER E 77 44.02 3.02 -7.51
CA SER E 77 42.87 3.59 -6.83
C SER E 77 42.46 4.91 -7.49
N ASP E 78 41.82 4.85 -8.65
CA ASP E 78 41.37 6.08 -9.32
C ASP E 78 39.87 6.18 -9.61
N ALA E 79 39.06 5.64 -8.70
CA ALA E 79 37.60 5.74 -8.79
C ALA E 79 37.14 7.19 -8.68
N LYS E 80 36.22 7.59 -9.58
CA LYS E 80 35.76 8.97 -9.62
CA LYS E 80 35.74 8.97 -9.63
C LYS E 80 34.43 9.15 -8.89
N TYR E 81 33.45 8.30 -9.20
CA TYR E 81 32.15 8.33 -8.54
C TYR E 81 31.42 7.02 -8.78
N VAL E 82 30.31 6.88 -8.06
CA VAL E 82 29.39 5.78 -8.26
CA VAL E 82 29.38 5.78 -8.27
C VAL E 82 28.08 6.35 -8.82
N VAL E 83 27.47 5.63 -9.75
CA VAL E 83 26.24 6.09 -10.38
C VAL E 83 25.19 4.97 -10.45
N ASN E 84 23.95 5.34 -10.17
CA ASN E 84 22.80 4.47 -10.43
C ASN E 84 22.26 4.89 -11.78
N ASN E 85 22.47 4.07 -12.82
CA ASN E 85 22.11 4.50 -14.17
C ASN E 85 20.79 3.93 -14.68
N GLY E 86 20.03 3.33 -13.77
CA GLY E 86 18.74 2.76 -14.14
C GLY E 86 18.76 1.30 -14.58
N HIS E 87 19.95 0.78 -14.88
CA HIS E 87 20.04 -0.65 -15.21
CA HIS E 87 20.12 -0.62 -15.31
C HIS E 87 21.11 -1.37 -14.40
N THR E 88 21.94 -0.63 -13.66
CA THR E 88 22.96 -1.18 -12.77
C THR E 88 23.48 -0.12 -11.77
N ILE E 89 24.34 -0.54 -10.86
CA ILE E 89 25.15 0.37 -10.04
C ILE E 89 26.57 0.27 -10.59
N LYS E 90 27.14 1.40 -10.98
CA LYS E 90 28.43 1.43 -11.66
C LYS E 90 29.41 2.39 -10.98
N VAL E 91 30.61 1.90 -10.74
CA VAL E 91 31.72 2.73 -10.27
C VAL E 91 32.56 3.13 -11.48
N VAL E 92 32.64 4.44 -11.75
CA VAL E 92 33.41 4.96 -12.87
C VAL E 92 34.85 5.23 -12.42
N MET E 93 35.82 4.74 -13.21
CA MET E 93 37.24 4.90 -12.89
C MET E 93 37.93 5.93 -13.77
N GLY E 94 39.13 6.32 -13.34
CA GLY E 94 39.97 7.24 -14.13
C GLY E 94 40.60 6.62 -15.37
N GLY E 95 40.68 5.29 -15.42
CA GLY E 95 41.23 4.61 -16.60
C GLY E 95 42.73 4.41 -16.61
N ARG E 96 43.40 4.56 -15.47
CA ARG E 96 44.87 4.41 -15.40
CA ARG E 96 44.86 4.40 -15.41
C ARG E 96 45.30 2.98 -15.06
N GLY E 97 44.45 2.25 -14.34
CA GLY E 97 44.74 0.86 -13.98
C GLY E 97 44.49 -0.01 -15.20
N TYR E 98 45.11 -1.19 -15.24
CA TYR E 98 44.93 -2.08 -16.39
C TYR E 98 45.17 -3.55 -16.03
N VAL E 99 44.68 -4.45 -16.90
CA VAL E 99 45.06 -5.86 -16.91
C VAL E 99 45.82 -6.17 -18.21
N VAL E 100 46.62 -7.23 -18.20
CA VAL E 100 47.32 -7.67 -19.41
C VAL E 100 46.69 -8.96 -19.94
N VAL E 101 46.18 -8.87 -21.16
CA VAL E 101 45.55 -9.98 -21.88
C VAL E 101 46.16 -9.98 -23.29
N ASP E 102 46.57 -11.17 -23.76
CA ASP E 102 47.21 -11.30 -25.08
C ASP E 102 48.38 -10.31 -25.25
N GLY E 103 49.12 -10.10 -24.16
CA GLY E 103 50.32 -9.26 -24.14
C GLY E 103 50.02 -7.76 -24.25
N LYS E 104 48.73 -7.39 -24.17
CA LYS E 104 48.33 -5.99 -24.32
CA LYS E 104 48.27 -6.00 -24.35
C LYS E 104 47.67 -5.43 -23.06
N ARG E 105 47.81 -4.12 -22.86
CA ARG E 105 47.19 -3.42 -21.72
C ARG E 105 45.73 -3.03 -22.02
N PHE E 106 44.82 -3.53 -21.18
CA PHE E 106 43.40 -3.21 -21.25
C PHE E 106 43.05 -2.40 -19.99
N TYR E 107 42.71 -1.12 -20.19
CA TYR E 107 42.54 -0.17 -19.08
C TYR E 107 41.17 -0.22 -18.42
N LEU E 108 41.13 -0.28 -17.09
CA LEU E 108 39.89 -0.37 -16.34
C LEU E 108 39.12 0.94 -16.33
N LYS E 109 37.95 0.95 -16.97
CA LYS E 109 37.15 2.17 -17.12
C LYS E 109 36.07 2.27 -16.09
N GLN E 110 35.51 1.12 -15.71
CA GLN E 110 34.36 1.05 -14.81
C GLN E 110 34.14 -0.38 -14.38
N PHE E 111 33.48 -0.54 -13.24
CA PHE E 111 32.93 -1.83 -12.87
C PHE E 111 31.50 -1.69 -12.41
N HIS E 112 30.71 -2.75 -12.60
CA HIS E 112 29.26 -2.73 -12.27
C HIS E 112 28.77 -4.12 -11.89
N PHE E 113 27.48 -4.24 -11.61
CA PHE E 113 26.95 -5.43 -10.94
C PHE E 113 25.64 -5.95 -11.53
N HIS E 114 25.44 -7.26 -11.43
CA HIS E 114 24.20 -7.90 -11.84
C HIS E 114 23.72 -8.88 -10.75
N ALA E 115 22.41 -8.95 -10.57
CA ALA E 115 21.79 -10.01 -9.75
C ALA E 115 20.51 -10.43 -10.41
N PRO E 116 20.29 -11.75 -10.55
CA PRO E 116 21.24 -12.83 -10.30
C PRO E 116 22.39 -12.81 -11.32
N SER E 117 23.31 -13.78 -11.23
CA SER E 117 24.46 -13.81 -12.16
C SER E 117 24.00 -13.87 -13.62
N GLU E 118 24.79 -13.27 -14.52
CA GLU E 118 24.53 -13.39 -15.95
C GLU E 118 25.04 -14.72 -16.49
N HIS E 119 26.31 -15.02 -16.22
CA HIS E 119 26.83 -16.34 -16.59
C HIS E 119 26.33 -17.38 -15.60
N THR E 120 26.14 -18.62 -16.06
CA THR E 120 25.86 -19.76 -15.19
C THR E 120 27.00 -20.76 -15.32
N VAL E 121 27.12 -21.65 -14.35
CA VAL E 121 28.16 -22.68 -14.37
C VAL E 121 27.43 -24.01 -14.16
N ASN E 122 27.57 -24.91 -15.13
CA ASN E 122 26.86 -26.19 -15.10
C ASN E 122 25.35 -26.01 -14.87
N GLY E 123 24.81 -24.94 -15.46
CA GLY E 123 23.37 -24.69 -15.45
C GLY E 123 22.86 -23.96 -14.23
N LYS E 124 23.76 -23.53 -13.35
CA LYS E 124 23.36 -22.87 -12.11
CA LYS E 124 23.37 -22.88 -12.10
C LYS E 124 23.87 -21.43 -12.01
N HIS E 125 22.99 -20.55 -11.50
CA HIS E 125 23.34 -19.16 -11.24
C HIS E 125 24.05 -19.01 -9.91
N TYR E 126 24.93 -18.02 -9.84
CA TYR E 126 25.33 -17.41 -8.58
C TYR E 126 24.33 -16.30 -8.29
N PRO E 127 24.25 -15.85 -7.03
CA PRO E 127 23.26 -14.81 -6.72
C PRO E 127 23.64 -13.43 -7.25
N PHE E 128 24.91 -13.25 -7.62
CA PHE E 128 25.46 -11.93 -7.90
C PHE E 128 26.73 -12.05 -8.76
N GLU E 129 26.96 -11.09 -9.66
CA GLU E 129 28.12 -11.13 -10.56
C GLU E 129 28.61 -9.70 -10.77
N ALA E 130 29.93 -9.50 -10.62
CA ALA E 130 30.53 -8.21 -10.96
C ALA E 130 31.26 -8.27 -12.31
N HIS E 131 31.21 -7.16 -13.05
CA HIS E 131 31.92 -7.00 -14.33
C HIS E 131 32.88 -5.82 -14.31
N PHE E 132 34.14 -6.09 -14.64
CA PHE E 132 35.18 -5.07 -14.72
C PHE E 132 35.45 -4.84 -16.19
N VAL E 133 35.13 -3.64 -16.69
CA VAL E 133 35.13 -3.35 -18.12
C VAL E 133 36.40 -2.58 -18.50
N HIS E 134 37.16 -3.14 -19.44
CA HIS E 134 38.46 -2.59 -19.85
C HIS E 134 38.52 -2.30 -21.36
N LEU E 135 39.24 -1.25 -21.72
CA LEU E 135 39.51 -0.97 -23.13
CA LEU E 135 39.50 -0.91 -23.13
C LEU E 135 41.00 -0.85 -23.37
N ASP E 136 41.47 -1.46 -24.46
CA ASP E 136 42.86 -1.24 -24.88
C ASP E 136 42.96 0.08 -25.65
N LYS E 137 44.18 0.44 -26.08
CA LYS E 137 44.42 1.73 -26.74
C LYS E 137 43.65 1.89 -28.06
N ASN E 138 43.25 0.77 -28.66
CA ASN E 138 42.46 0.79 -29.90
C ASN E 138 40.96 0.60 -29.70
N GLY E 139 40.50 0.64 -28.44
CA GLY E 139 39.07 0.50 -28.14
C GLY E 139 38.53 -0.94 -28.07
N ASN E 140 39.41 -1.94 -28.17
CA ASN E 140 38.98 -3.34 -27.96
C ASN E 140 38.61 -3.59 -26.50
N ILE E 141 37.55 -4.35 -26.27
CA ILE E 141 36.98 -4.52 -24.93
C ILE E 141 37.34 -5.87 -24.33
N THR E 142 37.77 -5.86 -23.07
CA THR E 142 37.87 -7.08 -22.24
C THR E 142 37.06 -6.87 -20.96
N VAL E 143 36.24 -7.84 -20.63
CA VAL E 143 35.48 -7.80 -19.38
C VAL E 143 35.94 -8.96 -18.50
N LEU E 144 36.31 -8.62 -17.26
CA LEU E 144 36.56 -9.63 -16.24
C LEU E 144 35.29 -9.84 -15.41
N GLY E 145 34.91 -11.09 -15.20
CA GLY E 145 33.71 -11.44 -14.43
C GLY E 145 34.06 -12.15 -13.14
N VAL E 146 33.40 -11.73 -12.06
CA VAL E 146 33.65 -12.29 -10.73
C VAL E 146 32.30 -12.68 -10.15
N PHE E 147 32.16 -13.96 -9.82
CA PHE E 147 30.95 -14.47 -9.17
C PHE E 147 30.99 -14.19 -7.67
N PHE E 148 29.82 -13.95 -7.07
CA PHE E 148 29.71 -13.79 -5.60
C PHE E 148 28.74 -14.83 -5.05
N LYS E 149 29.07 -15.39 -3.90
CA LYS E 149 28.14 -16.21 -3.15
C LYS E 149 27.85 -15.53 -1.80
N VAL E 150 26.75 -15.90 -1.16
CA VAL E 150 26.39 -15.34 0.16
CA VAL E 150 26.44 -15.30 0.14
C VAL E 150 27.27 -15.95 1.23
N GLY E 151 27.95 -15.11 2.02
CA GLY E 151 28.80 -15.56 3.12
C GLY E 151 29.05 -14.35 3.99
N LYS E 152 30.32 -14.06 4.27
CA LYS E 152 30.63 -12.89 5.09
CA LYS E 152 30.70 -12.90 5.08
C LYS E 152 30.57 -11.59 4.30
N GLU E 153 30.33 -10.50 5.04
CA GLU E 153 30.26 -9.17 4.48
C GLU E 153 31.56 -8.86 3.74
N ASN E 154 31.43 -8.30 2.54
CA ASN E 154 32.58 -7.98 1.72
C ASN E 154 33.05 -6.57 2.05
N PRO E 155 34.24 -6.44 2.66
CA PRO E 155 34.75 -5.14 3.10
C PRO E 155 34.94 -4.14 1.97
N GLU E 156 35.51 -4.57 0.84
CA GLU E 156 35.72 -3.64 -0.28
C GLU E 156 34.39 -3.23 -0.93
N LEU E 157 33.48 -4.18 -1.10
CA LEU E 157 32.14 -3.90 -1.61
C LEU E 157 31.40 -2.91 -0.70
N GLU E 158 31.59 -3.07 0.61
CA GLU E 158 30.91 -2.21 1.59
C GLU E 158 31.23 -0.72 1.41
N LYS E 159 32.46 -0.41 0.96
CA LYS E 159 32.85 0.97 0.68
C LYS E 159 31.94 1.63 -0.36
N VAL E 160 31.53 0.86 -1.36
CA VAL E 160 30.65 1.35 -2.43
C VAL E 160 29.20 1.31 -1.94
N TRP E 161 28.83 0.22 -1.27
CA TRP E 161 27.46 0.02 -0.80
C TRP E 161 27.02 1.12 0.17
N ARG E 162 27.95 1.63 0.98
CA ARG E 162 27.66 2.69 1.95
CA ARG E 162 27.61 2.67 1.96
C ARG E 162 27.14 3.96 1.27
N VAL E 163 27.65 4.23 0.07
CA VAL E 163 27.26 5.41 -0.70
C VAL E 163 26.46 5.09 -1.97
N MET E 164 25.75 3.96 -1.98
CA MET E 164 24.96 3.54 -3.14
C MET E 164 23.89 4.57 -3.51
N PRO E 165 23.95 5.13 -4.75
CA PRO E 165 22.90 6.04 -5.21
C PRO E 165 21.56 5.31 -5.33
N GLU E 166 20.55 5.82 -4.62
CA GLU E 166 19.30 5.09 -4.45
C GLU E 166 18.30 5.24 -5.62
N GLU E 167 18.49 6.24 -6.46
CA GLU E 167 17.56 6.50 -7.56
CA GLU E 167 17.55 6.48 -7.56
C GLU E 167 18.27 6.61 -8.89
N PRO E 168 17.64 6.10 -9.98
CA PRO E 168 18.25 6.21 -11.30
C PRO E 168 18.60 7.65 -11.65
N GLY E 169 19.80 7.87 -12.18
CA GLY E 169 20.27 9.21 -12.50
C GLY E 169 21.13 9.87 -11.41
N GLN E 170 21.14 9.28 -10.21
CA GLN E 170 21.93 9.85 -9.12
C GLN E 170 23.39 9.38 -9.13
N LYS E 171 24.30 10.31 -8.82
CA LYS E 171 25.71 9.97 -8.63
CA LYS E 171 25.70 9.96 -8.63
C LYS E 171 26.21 10.43 -7.27
N ARG E 172 27.10 9.65 -6.68
CA ARG E 172 27.62 9.93 -5.34
CA ARG E 172 27.62 9.91 -5.33
C ARG E 172 29.13 9.87 -5.34
N HIS E 173 29.75 10.73 -4.53
CA HIS E 173 31.19 10.70 -4.39
C HIS E 173 31.59 9.56 -3.46
N LEU E 174 32.80 9.05 -3.65
CA LEU E 174 33.28 7.94 -2.87
C LEU E 174 34.05 8.45 -1.67
N THR E 175 33.56 8.10 -0.48
CA THR E 175 34.14 8.57 0.78
C THR E 175 35.39 7.80 1.21
N ALA E 176 35.41 6.50 0.93
CA ALA E 176 36.59 5.67 1.18
C ALA E 176 37.38 5.44 -0.12
N ARG E 177 38.65 5.07 0.02
CA ARG E 177 39.48 4.77 -1.15
C ARG E 177 39.15 3.38 -1.68
N ILE E 178 38.83 3.31 -2.96
CA ILE E 178 38.47 2.05 -3.61
C ILE E 178 39.73 1.37 -4.16
N ASP E 179 39.96 0.13 -3.75
CA ASP E 179 41.03 -0.70 -4.28
CA ASP E 179 41.02 -0.70 -4.34
C ASP E 179 40.36 -1.83 -5.09
N PRO E 180 40.16 -1.64 -6.41
CA PRO E 180 39.36 -2.62 -7.13
C PRO E 180 39.92 -4.07 -7.13
N GLU E 181 41.25 -4.22 -6.99
CA GLU E 181 41.82 -5.58 -7.00
CA GLU E 181 41.89 -5.54 -6.96
C GLU E 181 41.36 -6.40 -5.80
N LYS E 182 40.96 -5.74 -4.71
CA LYS E 182 40.47 -6.45 -3.54
C LYS E 182 39.09 -7.09 -3.73
N LEU E 183 38.42 -6.75 -4.83
CA LEU E 183 37.15 -7.42 -5.19
C LEU E 183 37.36 -8.74 -5.96
N LEU E 184 38.55 -8.93 -6.53
CA LEU E 184 38.88 -10.16 -7.28
C LEU E 184 39.14 -11.35 -6.34
N PRO E 185 38.84 -12.58 -6.80
CA PRO E 185 39.22 -13.72 -5.95
C PRO E 185 40.74 -13.83 -5.83
N GLU E 186 41.19 -14.50 -4.77
CA GLU E 186 42.61 -14.72 -4.53
CA GLU E 186 42.61 -14.72 -4.53
C GLU E 186 43.17 -15.68 -5.57
N ASN E 187 42.43 -16.75 -5.86
CA ASN E 187 42.78 -17.71 -6.92
C ASN E 187 42.42 -17.06 -8.25
N ARG E 188 43.39 -16.95 -9.16
CA ARG E 188 43.16 -16.24 -10.42
C ARG E 188 42.92 -17.14 -11.66
N ASP E 189 42.64 -18.42 -11.45
CA ASP E 189 42.24 -19.31 -12.56
C ASP E 189 40.94 -18.82 -13.18
N TYR E 190 40.81 -18.98 -14.50
CA TYR E 190 39.66 -18.43 -15.20
C TYR E 190 39.23 -19.25 -16.38
N TYR E 191 37.97 -19.03 -16.79
CA TYR E 191 37.44 -19.47 -18.08
C TYR E 191 37.61 -18.33 -19.06
N ARG E 192 37.91 -18.64 -20.32
CA ARG E 192 37.96 -17.60 -21.36
C ARG E 192 37.14 -17.99 -22.57
N TYR E 193 36.41 -17.02 -23.13
CA TYR E 193 35.74 -17.21 -24.43
C TYR E 193 35.58 -15.85 -25.11
N SER E 194 35.21 -15.88 -26.39
CA SER E 194 34.95 -14.70 -27.21
CA SER E 194 34.94 -14.66 -27.12
C SER E 194 33.44 -14.47 -27.25
N GLY E 195 33.00 -13.26 -26.92
CA GLY E 195 31.57 -13.00 -26.86
C GLY E 195 31.19 -11.57 -27.16
N SER E 196 30.25 -11.05 -26.37
CA SER E 196 29.64 -9.75 -26.65
C SER E 196 29.38 -8.97 -25.36
N LEU E 197 28.99 -7.70 -25.50
CA LEU E 197 28.42 -7.00 -24.35
C LEU E 197 27.05 -7.60 -24.04
N THR E 198 26.63 -7.53 -22.77
CA THR E 198 25.36 -8.17 -22.37
C THR E 198 24.17 -7.18 -22.33
N THR E 199 24.40 -5.92 -22.70
CA THR E 199 23.31 -4.94 -22.87
C THR E 199 23.34 -4.37 -24.28
N PRO E 200 22.18 -3.92 -24.80
CA PRO E 200 22.18 -3.38 -26.16
C PRO E 200 23.25 -2.29 -26.33
N PRO E 201 23.91 -2.25 -27.50
CA PRO E 201 23.66 -3.01 -28.74
C PRO E 201 24.25 -4.42 -28.80
N CYS E 202 24.80 -4.91 -27.69
CA CYS E 202 25.32 -6.30 -27.63
C CYS E 202 26.41 -6.56 -28.66
N SER E 203 27.33 -5.61 -28.80
CA SER E 203 28.42 -5.69 -29.78
CA SER E 203 28.38 -5.72 -29.80
C SER E 203 29.30 -6.89 -29.51
N GLU E 204 29.77 -7.54 -30.57
CA GLU E 204 30.63 -8.70 -30.45
C GLU E 204 32.09 -8.29 -30.52
N GLY E 205 33.00 -9.26 -30.62
CA GLY E 205 34.44 -9.02 -30.49
C GLY E 205 34.92 -8.67 -29.08
N VAL E 206 34.19 -9.12 -28.05
CA VAL E 206 34.57 -8.86 -26.64
C VAL E 206 35.28 -10.07 -26.04
N ARG E 207 36.43 -9.84 -25.39
CA ARG E 207 37.13 -10.87 -24.65
C ARG E 207 36.51 -11.03 -23.25
N TRP E 208 36.10 -12.25 -22.90
CA TRP E 208 35.58 -12.56 -21.57
C TRP E 208 36.56 -13.40 -20.77
N ILE E 209 36.88 -12.90 -19.57
CA ILE E 209 37.70 -13.60 -18.58
C ILE E 209 36.81 -13.77 -17.34
N VAL E 210 36.34 -15.00 -17.09
CA VAL E 210 35.41 -15.28 -15.99
C VAL E 210 36.15 -16.12 -14.93
N PHE E 211 36.43 -15.52 -13.77
CA PHE E 211 37.20 -16.21 -12.74
C PHE E 211 36.42 -17.39 -12.18
N LYS E 212 37.10 -18.51 -11.97
CA LYS E 212 36.41 -19.72 -11.52
C LYS E 212 35.96 -19.65 -10.06
N GLU E 213 36.76 -18.99 -9.21
CA GLU E 213 36.50 -18.97 -7.76
CA GLU E 213 36.48 -18.99 -7.77
C GLU E 213 35.60 -17.81 -7.36
N PRO E 214 34.47 -18.08 -6.68
CA PRO E 214 33.63 -16.96 -6.25
C PRO E 214 34.20 -16.27 -5.02
N VAL E 215 33.78 -15.03 -4.79
CA VAL E 215 34.08 -14.33 -3.55
C VAL E 215 32.77 -14.20 -2.77
N GLU E 216 32.83 -13.62 -1.58
CA GLU E 216 31.67 -13.62 -0.67
C GLU E 216 31.10 -12.22 -0.48
N MET E 217 29.80 -12.17 -0.24
CA MET E 217 29.12 -10.96 0.19
C MET E 217 28.08 -11.38 1.23
N SER E 218 27.66 -10.46 2.09
CA SER E 218 26.60 -10.83 3.05
C SER E 218 25.22 -10.83 2.38
N ARG E 219 24.29 -11.59 2.96
CA ARG E 219 22.89 -11.52 2.57
C ARG E 219 22.37 -10.08 2.55
N GLU E 220 22.75 -9.29 3.55
CA GLU E 220 22.33 -7.90 3.67
CA GLU E 220 22.33 -7.89 3.67
C GLU E 220 22.85 -7.04 2.50
N GLN E 221 24.08 -7.29 2.08
CA GLN E 221 24.66 -6.57 0.94
C GLN E 221 23.89 -6.88 -0.36
N LEU E 222 23.55 -8.15 -0.54
CA LEU E 222 22.81 -8.59 -1.70
C LEU E 222 21.40 -7.99 -1.69
N GLU E 223 20.75 -8.03 -0.52
CA GLU E 223 19.40 -7.48 -0.40
C GLU E 223 19.32 -5.97 -0.62
N LYS E 224 20.32 -5.21 -0.18
CA LYS E 224 20.35 -3.78 -0.46
C LYS E 224 20.40 -3.50 -1.97
N PHE E 225 21.25 -4.26 -2.68
CA PHE E 225 21.34 -4.15 -4.13
C PHE E 225 20.01 -4.46 -4.81
N ARG E 226 19.39 -5.60 -4.46
CA ARG E 226 18.11 -5.98 -5.05
C ARG E 226 17.00 -4.97 -4.74
N LYS E 227 17.04 -4.40 -3.54
CA LYS E 227 16.04 -3.42 -3.13
C LYS E 227 16.17 -2.11 -3.93
N VAL E 228 17.39 -1.60 -4.06
CA VAL E 228 17.65 -0.37 -4.78
C VAL E 228 17.32 -0.53 -6.28
N MET E 229 17.76 -1.67 -6.85
CA MET E 229 17.50 -1.92 -8.28
CA MET E 229 17.50 -2.01 -8.26
C MET E 229 16.02 -2.05 -8.58
N GLY E 230 15.30 -2.85 -7.80
CA GLY E 230 13.87 -3.08 -7.99
C GLY E 230 13.53 -4.14 -9.00
N PHE E 231 14.56 -4.75 -9.63
CA PHE E 231 14.33 -5.82 -10.62
C PHE E 231 15.61 -6.63 -10.88
N ASP E 232 15.45 -7.86 -11.38
CA ASP E 232 16.57 -8.68 -11.87
C ASP E 232 17.17 -7.99 -13.08
N ASN E 233 18.50 -7.94 -13.16
CA ASN E 233 19.13 -7.27 -14.30
C ASN E 233 20.17 -8.14 -15.04
N ASN E 234 19.86 -9.42 -15.22
CA ASN E 234 20.69 -10.34 -16.02
C ASN E 234 20.04 -10.64 -17.36
N ARG E 235 20.84 -10.56 -18.41
CA ARG E 235 20.39 -11.07 -19.71
C ARG E 235 20.42 -12.61 -19.65
N PRO E 236 19.42 -13.28 -20.26
CA PRO E 236 19.42 -14.73 -20.38
C PRO E 236 20.68 -15.23 -21.11
N VAL E 237 21.15 -16.42 -20.74
CA VAL E 237 22.30 -17.05 -21.40
C VAL E 237 22.00 -17.31 -22.89
N GLN E 238 23.06 -17.25 -23.69
CA GLN E 238 22.96 -17.34 -25.14
C GLN E 238 23.68 -18.61 -25.62
N PRO E 239 23.26 -19.16 -26.78
CA PRO E 239 23.87 -20.42 -27.25
C PRO E 239 25.37 -20.27 -27.58
N LEU E 240 26.15 -21.28 -27.24
CA LEU E 240 27.60 -21.27 -27.52
CA LEU E 240 27.58 -21.27 -27.51
C LEU E 240 27.87 -21.29 -29.02
N ASN E 241 26.99 -21.99 -29.76
CA ASN E 241 27.15 -22.18 -31.21
C ASN E 241 28.50 -22.83 -31.53
N ALA E 242 29.35 -22.17 -32.30
CA ALA E 242 30.63 -22.79 -32.72
C ALA E 242 31.75 -22.67 -31.70
N ARG E 243 31.55 -21.86 -30.67
CA ARG E 243 32.63 -21.56 -29.71
C ARG E 243 32.97 -22.67 -28.73
N LYS E 244 34.22 -22.66 -28.26
CA LYS E 244 34.56 -23.44 -27.07
C LYS E 244 35.01 -22.48 -26.00
N VAL E 245 34.78 -22.86 -24.75
CA VAL E 245 35.30 -22.13 -23.61
C VAL E 245 36.59 -22.82 -23.23
N MET E 246 37.65 -22.04 -22.98
CA MET E 246 38.89 -22.59 -22.46
CA MET E 246 38.90 -22.57 -22.49
C MET E 246 38.94 -22.47 -20.95
N LYS E 247 39.54 -23.49 -20.31
CA LYS E 247 39.63 -23.56 -18.84
C LYS E 247 41.04 -23.96 -18.36
N GLY F 23 20.53 -13.57 -53.27
CA GLY F 23 21.75 -12.73 -53.08
C GLY F 23 22.30 -12.15 -54.37
N ALA F 24 22.95 -10.99 -54.26
CA ALA F 24 23.53 -10.30 -55.40
C ALA F 24 24.79 -11.00 -55.92
N HIS F 25 25.15 -10.71 -57.16
CA HIS F 25 26.34 -11.27 -57.80
CA HIS F 25 26.34 -11.30 -57.77
C HIS F 25 27.58 -10.80 -57.05
N TRP F 26 28.55 -11.70 -56.84
CA TRP F 26 29.79 -11.36 -56.18
C TRP F 26 30.92 -12.09 -56.86
N GLY F 27 32.13 -11.57 -56.69
CA GLY F 27 33.32 -12.27 -57.19
C GLY F 27 34.59 -11.97 -56.43
N TYR F 28 35.73 -12.24 -57.06
CA TYR F 28 37.02 -12.07 -56.39
C TYR F 28 37.82 -10.85 -56.84
N SER F 29 37.23 -10.00 -57.69
CA SER F 29 37.91 -8.79 -58.16
C SER F 29 36.91 -7.75 -58.68
N GLY F 30 37.38 -6.54 -58.89
CA GLY F 30 36.55 -5.46 -59.42
C GLY F 30 35.57 -4.93 -58.38
N SER F 31 34.49 -4.35 -58.87
CA SER F 31 33.47 -3.72 -58.03
C SER F 31 32.69 -4.71 -57.15
N ILE F 32 32.79 -6.01 -57.47
CA ILE F 32 32.08 -7.04 -56.70
C ILE F 32 33.03 -7.93 -55.90
N GLY F 33 34.27 -7.46 -55.74
CA GLY F 33 35.33 -8.21 -55.05
C GLY F 33 35.21 -8.14 -53.53
N PRO F 34 36.03 -8.92 -52.80
CA PRO F 34 35.86 -9.14 -51.35
C PRO F 34 35.69 -7.89 -50.49
N GLU F 35 36.43 -6.83 -50.79
CA GLU F 35 36.35 -5.59 -50.01
CA GLU F 35 36.35 -5.59 -50.01
C GLU F 35 34.99 -4.91 -50.16
N HIS F 36 34.23 -5.28 -51.19
CA HIS F 36 32.92 -4.67 -51.44
C HIS F 36 31.74 -5.57 -51.08
N TRP F 37 32.00 -6.82 -50.71
CA TRP F 37 30.92 -7.78 -50.49
C TRP F 37 29.84 -7.24 -49.53
N GLY F 38 30.30 -6.61 -48.44
CA GLY F 38 29.38 -6.08 -47.43
C GLY F 38 28.40 -5.03 -47.95
N ASP F 39 28.71 -4.44 -49.10
CA ASP F 39 27.90 -3.37 -49.69
C ASP F 39 27.01 -3.84 -50.85
N LEU F 40 27.15 -5.11 -51.25
CA LEU F 40 26.44 -5.64 -52.42
C LEU F 40 24.99 -6.00 -52.16
N SER F 41 24.65 -6.27 -50.90
CA SER F 41 23.33 -6.76 -50.54
C SER F 41 23.16 -6.65 -49.02
N PRO F 42 21.95 -6.32 -48.56
CA PRO F 42 21.72 -6.33 -47.11
C PRO F 42 21.94 -7.73 -46.51
N GLU F 43 21.77 -8.76 -47.32
CA GLU F 43 21.97 -10.15 -46.91
CA GLU F 43 21.97 -10.15 -46.89
C GLU F 43 23.44 -10.43 -46.55
N TYR F 44 24.35 -9.61 -47.08
CA TYR F 44 25.80 -9.81 -46.90
C TYR F 44 26.39 -8.94 -45.77
N LEU F 45 25.54 -8.44 -44.89
CA LEU F 45 25.95 -7.52 -43.85
C LEU F 45 27.09 -8.04 -42.95
N MET F 46 27.12 -9.34 -42.65
CA MET F 46 28.16 -9.88 -41.78
CA MET F 46 28.16 -9.88 -41.78
C MET F 46 29.57 -9.72 -42.37
N CYS F 47 29.69 -9.69 -43.70
CA CYS F 47 30.98 -9.39 -44.36
C CYS F 47 31.54 -8.07 -43.84
N LYS F 48 30.63 -7.13 -43.58
CA LYS F 48 30.97 -5.77 -43.19
C LYS F 48 31.10 -5.62 -41.66
N ILE F 49 30.15 -6.18 -40.92
CA ILE F 49 30.07 -5.92 -39.48
C ILE F 49 30.58 -7.06 -38.58
N GLY F 50 30.76 -8.25 -39.15
CA GLY F 50 31.21 -9.42 -38.38
C GLY F 50 32.55 -9.25 -37.69
N LYS F 51 32.66 -9.74 -36.45
CA LYS F 51 33.92 -9.74 -35.70
C LYS F 51 34.50 -11.15 -35.57
N ASN F 52 33.82 -12.13 -36.17
CA ASN F 52 34.27 -13.52 -36.10
C ASN F 52 34.32 -14.13 -37.51
N GLN F 53 35.04 -13.46 -38.40
CA GLN F 53 35.09 -13.83 -39.83
C GLN F 53 36.26 -14.74 -40.20
N SER F 54 36.10 -15.46 -41.32
CA SER F 54 37.11 -16.38 -41.85
C SER F 54 37.43 -15.98 -43.30
N PRO F 55 38.63 -16.33 -43.83
CA PRO F 55 39.69 -17.07 -43.17
C PRO F 55 40.53 -16.15 -42.28
N ILE F 56 41.54 -16.72 -41.64
CA ILE F 56 42.43 -15.96 -40.75
C ILE F 56 43.85 -16.39 -41.01
N ASP F 57 44.81 -15.56 -40.58
CA ASP F 57 46.17 -16.02 -40.42
C ASP F 57 46.26 -16.77 -39.11
N ILE F 58 46.86 -17.95 -39.14
CA ILE F 58 47.10 -18.75 -37.95
C ILE F 58 48.55 -18.55 -37.55
N ASN F 59 48.76 -17.69 -36.55
CA ASN F 59 50.08 -17.53 -35.95
C ASN F 59 50.26 -18.62 -34.91
N SER F 60 51.19 -19.55 -35.16
CA SER F 60 51.32 -20.75 -34.31
C SER F 60 51.77 -20.44 -32.88
N ALA F 61 52.62 -19.43 -32.70
CA ALA F 61 53.00 -18.97 -31.35
C ALA F 61 51.84 -18.35 -30.57
N ASP F 62 50.95 -17.64 -31.28
CA ASP F 62 49.79 -17.00 -30.64
C ASP F 62 48.64 -17.99 -30.33
N ALA F 63 48.65 -19.14 -30.98
CA ALA F 63 47.61 -20.15 -30.75
C ALA F 63 47.80 -20.74 -29.36
N VAL F 64 46.71 -21.16 -28.72
CA VAL F 64 46.79 -21.70 -27.37
C VAL F 64 46.85 -23.21 -27.42
N LYS F 65 47.92 -23.78 -26.89
CA LYS F 65 48.03 -25.23 -26.73
C LYS F 65 46.88 -25.75 -25.86
N ALA F 66 46.13 -26.75 -26.36
CA ALA F 66 44.87 -27.13 -25.73
C ALA F 66 44.58 -28.61 -25.91
N CYS F 67 43.79 -29.16 -24.98
CA CYS F 67 43.47 -30.57 -24.95
C CYS F 67 42.29 -30.87 -25.89
N LEU F 68 42.52 -30.68 -27.18
CA LEU F 68 41.50 -30.87 -28.21
C LEU F 68 41.22 -32.36 -28.44
N ALA F 69 39.96 -32.73 -28.61
CA ALA F 69 39.59 -34.13 -28.87
C ALA F 69 39.94 -34.56 -30.31
N PRO F 70 40.22 -35.86 -30.51
CA PRO F 70 40.40 -36.31 -31.91
C PRO F 70 39.13 -36.04 -32.70
N VAL F 71 39.26 -35.65 -33.96
CA VAL F 71 38.11 -35.49 -34.82
C VAL F 71 38.01 -36.82 -35.58
N SER F 72 37.09 -37.69 -35.17
CA SER F 72 36.93 -39.01 -35.80
CA SER F 72 36.97 -39.00 -35.81
C SER F 72 36.25 -38.90 -37.15
N VAL F 73 36.74 -39.66 -38.13
CA VAL F 73 36.24 -39.56 -39.51
C VAL F 73 35.53 -40.85 -39.90
N TYR F 74 34.26 -40.73 -40.29
CA TYR F 74 33.44 -41.87 -40.73
C TYR F 74 32.84 -41.60 -42.10
N TYR F 75 33.72 -41.46 -43.08
CA TYR F 75 33.29 -41.11 -44.44
C TYR F 75 32.84 -42.34 -45.23
N VAL F 76 31.99 -42.10 -46.22
CA VAL F 76 31.63 -43.17 -47.17
C VAL F 76 31.87 -42.65 -48.58
N SER F 77 32.04 -43.58 -49.52
CA SER F 77 32.24 -43.20 -50.91
C SER F 77 30.92 -42.94 -51.60
N ASP F 78 30.32 -41.79 -51.30
CA ASP F 78 29.07 -41.39 -51.95
C ASP F 78 29.16 -40.10 -52.76
N ALA F 79 30.32 -39.85 -53.37
CA ALA F 79 30.48 -38.70 -54.27
C ALA F 79 29.58 -38.91 -55.48
N LYS F 80 28.77 -37.92 -55.82
CA LYS F 80 27.79 -38.04 -56.90
C LYS F 80 28.28 -37.43 -58.22
N TYR F 81 28.63 -36.16 -58.15
CA TYR F 81 29.11 -35.43 -59.31
C TYR F 81 30.06 -34.30 -58.91
N VAL F 82 30.75 -33.77 -59.92
CA VAL F 82 31.59 -32.58 -59.78
CA VAL F 82 31.58 -32.58 -59.74
C VAL F 82 30.94 -31.45 -60.53
N VAL F 83 30.95 -30.25 -59.96
CA VAL F 83 30.38 -29.07 -60.59
C VAL F 83 31.36 -27.90 -60.61
N ASN F 84 31.37 -27.16 -61.72
CA ASN F 84 32.08 -25.90 -61.81
C ASN F 84 31.00 -24.84 -61.65
N ASN F 85 30.96 -24.17 -60.49
CA ASN F 85 29.89 -23.20 -60.25
C ASN F 85 30.32 -21.75 -60.51
N GLY F 86 31.48 -21.59 -61.13
CA GLY F 86 32.01 -20.26 -61.43
C GLY F 86 32.81 -19.62 -60.30
N HIS F 87 32.78 -20.19 -59.10
CA HIS F 87 33.63 -19.67 -58.04
CA HIS F 87 33.53 -19.68 -57.93
C HIS F 87 34.54 -20.72 -57.42
N THR F 88 34.32 -21.99 -57.77
CA THR F 88 35.16 -23.10 -57.32
C THR F 88 34.82 -24.34 -58.14
N ILE F 89 35.58 -25.40 -57.91
CA ILE F 89 35.23 -26.75 -58.37
C ILE F 89 34.77 -27.52 -57.13
N LYS F 90 33.55 -28.03 -57.16
CA LYS F 90 32.94 -28.67 -55.99
C LYS F 90 32.50 -30.11 -56.29
N VAL F 91 32.86 -31.03 -55.41
CA VAL F 91 32.39 -32.41 -55.45
C VAL F 91 31.19 -32.53 -54.50
N VAL F 92 30.04 -32.91 -55.06
CA VAL F 92 28.79 -33.02 -54.28
C VAL F 92 28.57 -34.45 -53.84
N MET F 93 28.28 -34.62 -52.54
CA MET F 93 28.16 -35.93 -51.92
C MET F 93 26.70 -36.25 -51.63
N GLY F 94 26.42 -37.53 -51.39
CA GLY F 94 25.11 -37.98 -50.96
C GLY F 94 24.81 -37.63 -49.51
N GLY F 95 25.85 -37.36 -48.72
CA GLY F 95 25.63 -36.83 -47.37
C GLY F 95 25.53 -37.83 -46.24
N ARG F 96 25.97 -39.06 -46.49
CA ARG F 96 25.90 -40.14 -45.49
CA ARG F 96 25.87 -40.07 -45.44
C ARG F 96 27.14 -40.22 -44.60
N GLY F 97 28.28 -39.80 -45.12
CA GLY F 97 29.53 -39.85 -44.34
C GLY F 97 29.51 -38.72 -43.34
N TYR F 98 30.26 -38.85 -42.24
CA TYR F 98 30.28 -37.78 -41.23
C TYR F 98 31.60 -37.75 -40.46
N VAL F 99 31.84 -36.62 -39.77
CA VAL F 99 32.91 -36.51 -38.77
C VAL F 99 32.24 -36.25 -37.43
N VAL F 100 32.97 -36.54 -36.35
CA VAL F 100 32.46 -36.28 -35.01
C VAL F 100 33.22 -35.11 -34.41
N VAL F 101 32.48 -34.06 -34.06
CA VAL F 101 33.01 -32.84 -33.44
C VAL F 101 32.05 -32.50 -32.30
N ASP F 102 32.60 -32.19 -31.13
CA ASP F 102 31.79 -31.86 -29.93
C ASP F 102 30.73 -32.96 -29.65
N GLY F 103 31.13 -34.21 -29.88
CA GLY F 103 30.26 -35.38 -29.66
C GLY F 103 29.08 -35.54 -30.62
N LYS F 104 29.03 -34.74 -31.69
CA LYS F 104 27.91 -34.76 -32.63
CA LYS F 104 27.90 -34.74 -32.64
C LYS F 104 28.37 -35.13 -34.04
N ARG F 105 27.46 -35.72 -34.81
CA ARG F 105 27.76 -36.10 -36.19
C ARG F 105 27.51 -34.91 -37.12
N PHE F 106 28.55 -34.54 -37.87
CA PHE F 106 28.42 -33.50 -38.89
C PHE F 106 28.61 -34.18 -40.24
N TYR F 107 27.56 -34.16 -41.06
CA TYR F 107 27.56 -34.94 -42.33
C TYR F 107 28.20 -34.21 -43.48
N LEU F 108 29.10 -34.91 -44.19
CA LEU F 108 29.81 -34.34 -45.34
C LEU F 108 28.91 -34.16 -46.56
N LYS F 109 28.62 -32.91 -46.91
CA LYS F 109 27.69 -32.58 -47.98
CA LYS F 109 27.69 -32.58 -47.98
C LYS F 109 28.40 -32.35 -49.31
N GLN F 110 29.62 -31.79 -49.23
CA GLN F 110 30.39 -31.41 -50.41
C GLN F 110 31.82 -31.09 -50.01
N PHE F 111 32.74 -31.16 -50.96
CA PHE F 111 34.06 -30.57 -50.77
C PHE F 111 34.49 -29.76 -51.98
N HIS F 112 35.29 -28.73 -51.78
CA HIS F 112 35.64 -27.83 -52.89
C HIS F 112 37.02 -27.22 -52.63
N PHE F 113 37.47 -26.33 -53.50
CA PHE F 113 38.91 -25.98 -53.52
C PHE F 113 39.18 -24.48 -53.73
N HIS F 114 40.29 -24.01 -53.17
CA HIS F 114 40.75 -22.64 -53.36
C HIS F 114 42.23 -22.64 -53.70
N ALA F 115 42.62 -21.73 -54.58
CA ALA F 115 44.02 -21.47 -54.91
C ALA F 115 44.17 -19.96 -55.03
N PRO F 116 45.16 -19.37 -54.32
CA PRO F 116 46.00 -19.97 -53.30
C PRO F 116 45.18 -20.23 -52.02
N SER F 117 45.83 -20.70 -50.95
CA SER F 117 45.14 -21.02 -49.70
C SER F 117 44.39 -19.80 -49.17
N GLU F 118 43.28 -20.04 -48.51
CA GLU F 118 42.54 -18.97 -47.85
C GLU F 118 43.16 -18.67 -46.49
N HIS F 119 43.34 -19.71 -45.67
CA HIS F 119 44.08 -19.58 -44.41
C HIS F 119 45.57 -19.44 -44.68
N THR F 120 46.25 -18.67 -43.85
CA THR F 120 47.70 -18.64 -43.89
C THR F 120 48.23 -19.15 -42.55
N VAL F 121 49.49 -19.56 -42.53
CA VAL F 121 50.13 -20.03 -41.31
C VAL F 121 51.38 -19.19 -41.16
N ASN F 122 51.51 -18.51 -40.01
CA ASN F 122 52.60 -17.55 -39.82
C ASN F 122 52.82 -16.58 -40.98
N GLY F 123 51.72 -16.07 -41.54
CA GLY F 123 51.76 -15.12 -42.65
C GLY F 123 52.06 -15.66 -44.06
N LYS F 124 52.14 -16.98 -44.20
CA LYS F 124 52.49 -17.63 -45.47
CA LYS F 124 52.47 -17.61 -45.48
C LYS F 124 51.30 -18.44 -46.04
N HIS F 125 51.04 -18.30 -47.34
CA HIS F 125 50.03 -19.12 -48.03
C HIS F 125 50.61 -20.47 -48.43
N TYR F 126 49.75 -21.50 -48.47
CA TYR F 126 50.00 -22.68 -49.29
C TYR F 126 49.42 -22.41 -50.68
N PRO F 127 49.87 -23.15 -51.72
CA PRO F 127 49.34 -22.88 -53.06
C PRO F 127 47.89 -23.35 -53.28
N PHE F 128 47.36 -24.18 -52.38
CA PHE F 128 46.05 -24.80 -52.60
C PHE F 128 45.45 -25.19 -51.24
N GLU F 129 44.12 -25.11 -51.13
CA GLU F 129 43.41 -25.51 -49.90
C GLU F 129 42.06 -26.15 -50.24
N ALA F 130 41.77 -27.30 -49.62
CA ALA F 130 40.48 -27.97 -49.81
C ALA F 130 39.63 -27.76 -48.57
N HIS F 131 38.32 -27.61 -48.78
CA HIS F 131 37.33 -27.44 -47.71
C HIS F 131 36.29 -28.53 -47.79
N PHE F 132 36.12 -29.26 -46.69
CA PHE F 132 35.13 -30.33 -46.57
C PHE F 132 34.03 -29.78 -45.67
N VAL F 133 32.83 -29.61 -46.25
CA VAL F 133 31.75 -28.85 -45.64
C VAL F 133 30.71 -29.83 -45.07
N HIS F 134 30.43 -29.72 -43.77
CA HIS F 134 29.57 -30.66 -43.07
C HIS F 134 28.44 -29.95 -42.35
N LEU F 135 27.28 -30.60 -42.27
CA LEU F 135 26.15 -30.07 -41.49
CA LEU F 135 26.15 -30.08 -41.51
C LEU F 135 25.69 -31.12 -40.48
N ASP F 136 25.41 -30.68 -39.26
CA ASP F 136 24.80 -31.58 -38.28
C ASP F 136 23.29 -31.58 -38.50
N LYS F 137 22.56 -32.36 -37.71
CA LYS F 137 21.12 -32.54 -37.94
C LYS F 137 20.34 -31.24 -37.77
N ASN F 138 20.91 -30.26 -37.08
CA ASN F 138 20.26 -28.97 -36.90
C ASN F 138 20.77 -27.88 -37.84
N GLY F 139 21.56 -28.28 -38.84
CA GLY F 139 22.09 -27.33 -39.82
C GLY F 139 23.31 -26.52 -39.36
N ASN F 140 23.92 -26.88 -38.24
CA ASN F 140 25.18 -26.22 -37.83
C ASN F 140 26.32 -26.68 -38.74
N ILE F 141 27.18 -25.74 -39.15
CA ILE F 141 28.23 -26.03 -40.13
C ILE F 141 29.60 -26.26 -39.49
N THR F 142 30.30 -27.32 -39.92
CA THR F 142 31.71 -27.53 -39.60
C THR F 142 32.47 -27.67 -40.92
N VAL F 143 33.55 -26.91 -41.08
CA VAL F 143 34.41 -27.06 -42.27
C VAL F 143 35.77 -27.61 -41.85
N LEU F 144 36.20 -28.68 -42.50
CA LEU F 144 37.56 -29.21 -42.33
C LEU F 144 38.43 -28.65 -43.45
N GLY F 145 39.57 -28.05 -43.07
CA GLY F 145 40.50 -27.44 -44.04
C GLY F 145 41.77 -28.27 -44.20
N VAL F 146 42.14 -28.53 -45.47
CA VAL F 146 43.36 -29.28 -45.78
C VAL F 146 44.24 -28.45 -46.70
N PHE F 147 45.46 -28.18 -46.27
CA PHE F 147 46.44 -27.49 -47.11
C PHE F 147 47.11 -28.49 -48.07
N PHE F 148 47.45 -28.04 -49.28
CA PHE F 148 48.23 -28.83 -50.23
C PHE F 148 49.51 -28.09 -50.59
N LYS F 149 50.59 -28.85 -50.75
CA LYS F 149 51.83 -28.28 -51.31
C LYS F 149 52.13 -29.01 -52.63
N VAL F 150 52.96 -28.39 -53.47
CA VAL F 150 53.42 -29.01 -54.72
C VAL F 150 54.41 -30.14 -54.44
N GLY F 151 54.13 -31.32 -54.97
CA GLY F 151 54.99 -32.49 -54.79
C GLY F 151 54.54 -33.59 -55.73
N LYS F 152 54.30 -34.78 -55.15
CA LYS F 152 53.88 -35.92 -55.95
CA LYS F 152 53.85 -35.96 -55.90
C LYS F 152 52.41 -35.82 -56.35
N GLU F 153 52.09 -36.40 -57.50
CA GLU F 153 50.71 -36.47 -57.98
C GLU F 153 49.83 -37.13 -56.93
N ASN F 154 48.67 -36.52 -56.67
CA ASN F 154 47.71 -37.06 -55.71
C ASN F 154 46.72 -37.99 -56.42
N PRO F 155 46.76 -39.31 -56.11
CA PRO F 155 46.00 -40.32 -56.85
C PRO F 155 44.50 -40.16 -56.68
N GLU F 156 44.05 -39.86 -55.46
CA GLU F 156 42.63 -39.65 -55.21
C GLU F 156 42.12 -38.37 -55.90
N LEU F 157 42.89 -37.29 -55.82
CA LEU F 157 42.52 -36.04 -56.48
C LEU F 157 42.41 -36.22 -58.00
N GLU F 158 43.31 -37.03 -58.56
CA GLU F 158 43.36 -37.24 -60.00
C GLU F 158 42.04 -37.80 -60.56
N LYS F 159 41.35 -38.62 -59.78
CA LYS F 159 40.03 -39.16 -60.16
C LYS F 159 39.02 -38.05 -60.43
N VAL F 160 39.05 -37.01 -59.59
CA VAL F 160 38.19 -35.83 -59.78
C VAL F 160 38.69 -34.95 -60.92
N TRP F 161 40.02 -34.76 -60.97
CA TRP F 161 40.62 -33.83 -61.91
C TRP F 161 40.42 -34.31 -63.35
N ARG F 162 40.43 -35.62 -63.53
CA ARG F 162 40.24 -36.26 -64.85
C ARG F 162 38.91 -35.84 -65.50
N VAL F 163 37.88 -35.63 -64.67
CA VAL F 163 36.57 -35.20 -65.17
C VAL F 163 36.18 -33.79 -64.70
N MET F 164 37.17 -32.93 -64.48
CA MET F 164 36.89 -31.56 -64.04
C MET F 164 36.07 -30.81 -65.09
N PRO F 165 34.91 -30.26 -64.67
CA PRO F 165 34.10 -29.48 -65.61
C PRO F 165 34.82 -28.17 -65.92
N GLU F 166 35.06 -27.92 -67.20
CA GLU F 166 35.91 -26.80 -67.60
C GLU F 166 35.20 -25.46 -67.69
N GLU F 167 33.87 -25.46 -67.74
CA GLU F 167 33.12 -24.21 -67.87
C GLU F 167 32.15 -24.02 -66.71
N PRO F 168 31.95 -22.78 -66.25
CA PRO F 168 30.95 -22.54 -65.22
C PRO F 168 29.59 -23.04 -65.67
N GLY F 169 28.86 -23.69 -64.78
CA GLY F 169 27.55 -24.24 -65.11
C GLY F 169 27.59 -25.71 -65.48
N GLN F 170 28.78 -26.24 -65.75
CA GLN F 170 28.89 -27.64 -66.13
C GLN F 170 29.01 -28.58 -64.94
N LYS F 171 28.32 -29.71 -65.07
CA LYS F 171 28.34 -30.78 -64.09
CA LYS F 171 28.28 -30.79 -64.09
C LYS F 171 28.87 -32.02 -64.77
N ARG F 172 29.62 -32.82 -64.02
CA ARG F 172 30.17 -34.08 -64.55
CA ARG F 172 30.19 -34.07 -64.54
C ARG F 172 29.93 -35.21 -63.56
N HIS F 173 29.26 -36.26 -64.05
CA HIS F 173 29.02 -37.46 -63.24
C HIS F 173 30.32 -38.20 -62.92
N LEU F 174 30.43 -38.68 -61.69
CA LEU F 174 31.59 -39.49 -61.30
C LEU F 174 31.30 -40.98 -61.42
N THR F 175 32.00 -41.63 -62.33
CA THR F 175 31.96 -43.09 -62.45
C THR F 175 32.99 -43.73 -61.53
N ALA F 176 34.21 -43.17 -61.50
CA ALA F 176 35.22 -43.55 -60.51
C ALA F 176 34.66 -43.39 -59.09
N ARG F 177 35.07 -44.26 -58.17
CA ARG F 177 34.60 -44.18 -56.78
CA ARG F 177 34.62 -44.22 -56.78
C ARG F 177 35.57 -43.35 -55.94
N ILE F 178 35.13 -42.15 -55.55
CA ILE F 178 35.95 -41.23 -54.75
C ILE F 178 35.84 -41.56 -53.26
N ASP F 179 37.00 -41.73 -52.63
CA ASP F 179 37.06 -41.92 -51.19
C ASP F 179 37.60 -40.63 -50.55
N PRO F 180 36.70 -39.80 -50.01
CA PRO F 180 37.17 -38.49 -49.52
C PRO F 180 38.18 -38.58 -48.38
N GLU F 181 38.17 -39.65 -47.56
CA GLU F 181 39.11 -39.84 -46.45
CA GLU F 181 39.12 -39.73 -46.46
C GLU F 181 40.55 -39.86 -46.94
N LYS F 182 40.75 -40.36 -48.17
CA LYS F 182 42.09 -40.44 -48.74
C LYS F 182 42.66 -39.08 -49.12
N LEU F 183 41.83 -38.04 -49.11
CA LEU F 183 42.32 -36.68 -49.36
C LEU F 183 42.85 -35.98 -48.09
N LEU F 184 42.55 -36.52 -46.90
CA LEU F 184 42.99 -35.89 -45.64
C LEU F 184 44.42 -36.30 -45.33
N PRO F 185 45.14 -35.47 -44.55
CA PRO F 185 46.50 -35.90 -44.16
C PRO F 185 46.46 -37.12 -43.25
N GLU F 186 47.56 -37.86 -43.24
CA GLU F 186 47.66 -39.02 -42.35
CA GLU F 186 47.74 -39.02 -42.35
C GLU F 186 47.75 -38.58 -40.88
N ASN F 187 48.52 -37.53 -40.60
CA ASN F 187 48.52 -36.94 -39.25
C ASN F 187 47.26 -36.07 -39.07
N ARG F 188 46.52 -36.28 -37.98
CA ARG F 188 45.22 -35.61 -37.81
C ARG F 188 45.20 -34.44 -36.79
N ASP F 189 46.39 -33.96 -36.40
CA ASP F 189 46.49 -32.77 -35.54
C ASP F 189 45.91 -31.56 -36.27
N TYR F 190 45.24 -30.69 -35.52
CA TYR F 190 44.55 -29.56 -36.16
C TYR F 190 44.55 -28.30 -35.32
N TYR F 191 44.37 -27.17 -35.98
CA TYR F 191 43.98 -25.91 -35.33
C TYR F 191 42.46 -25.80 -35.30
N ARG F 192 41.90 -25.26 -34.23
CA ARG F 192 40.45 -25.05 -34.20
C ARG F 192 40.13 -23.61 -33.80
N TYR F 193 39.16 -23.02 -34.48
CA TYR F 193 38.62 -21.72 -34.07
C TYR F 193 37.18 -21.56 -34.56
N SER F 194 36.50 -20.55 -34.05
CA SER F 194 35.10 -20.24 -34.43
CA SER F 194 35.12 -20.26 -34.47
C SER F 194 35.12 -19.10 -35.44
N GLY F 195 34.50 -19.30 -36.60
CA GLY F 195 34.54 -18.32 -37.68
C GLY F 195 33.29 -18.27 -38.54
N SER F 196 33.48 -18.18 -39.86
CA SER F 196 32.38 -17.89 -40.77
C SER F 196 32.61 -18.66 -42.06
N LEU F 197 31.59 -18.67 -42.92
CA LEU F 197 31.82 -19.07 -44.32
C LEU F 197 32.73 -18.02 -44.99
N THR F 198 33.54 -18.43 -45.96
CA THR F 198 34.45 -17.48 -46.64
C THR F 198 33.88 -16.86 -47.92
N THR F 199 32.63 -17.20 -48.27
CA THR F 199 31.97 -16.57 -49.40
C THR F 199 30.64 -16.00 -48.91
N PRO F 200 30.12 -14.96 -49.58
CA PRO F 200 28.87 -14.35 -49.12
C PRO F 200 27.77 -15.43 -48.99
N PRO F 201 26.91 -15.34 -47.95
CA PRO F 201 26.77 -14.22 -47.00
C PRO F 201 27.76 -14.20 -45.82
N CYS F 202 28.80 -15.04 -45.83
CA CYS F 202 29.81 -15.06 -44.74
C CYS F 202 29.19 -15.21 -43.35
N SER F 203 28.21 -16.11 -43.24
CA SER F 203 27.49 -16.39 -41.99
CA SER F 203 27.51 -16.34 -41.97
C SER F 203 28.47 -16.87 -40.92
N GLU F 204 28.27 -16.44 -39.67
CA GLU F 204 29.11 -16.86 -38.55
C GLU F 204 28.51 -18.09 -37.85
N GLY F 205 29.08 -18.48 -36.71
CA GLY F 205 28.69 -19.73 -36.03
C GLY F 205 29.21 -20.98 -36.73
N VAL F 206 30.28 -20.83 -37.52
CA VAL F 206 30.92 -21.97 -38.24
C VAL F 206 32.12 -22.52 -37.47
N ARG F 207 32.16 -23.85 -37.27
CA ARG F 207 33.30 -24.49 -36.64
C ARG F 207 34.39 -24.78 -37.69
N TRP F 208 35.61 -24.30 -37.45
CA TRP F 208 36.75 -24.54 -38.35
C TRP F 208 37.76 -25.49 -37.73
N ILE F 209 38.06 -26.55 -38.48
CA ILE F 209 39.05 -27.55 -38.11
C ILE F 209 40.08 -27.52 -39.26
N VAL F 210 41.26 -26.97 -38.98
CA VAL F 210 42.30 -26.81 -40.02
C VAL F 210 43.46 -27.73 -39.68
N PHE F 211 43.65 -28.77 -40.50
CA PHE F 211 44.73 -29.73 -40.26
C PHE F 211 46.11 -29.06 -40.42
N LYS F 212 47.02 -29.39 -39.50
CA LYS F 212 48.34 -28.76 -39.49
C LYS F 212 49.24 -29.26 -40.62
N GLU F 213 49.11 -30.54 -40.97
CA GLU F 213 50.01 -31.17 -41.96
CA GLU F 213 50.01 -31.16 -41.96
C GLU F 213 49.44 -31.09 -43.39
N PRO F 214 50.23 -30.54 -44.34
CA PRO F 214 49.73 -30.46 -45.71
C PRO F 214 49.82 -31.79 -46.47
N VAL F 215 49.02 -31.93 -47.52
CA VAL F 215 49.16 -33.10 -48.39
CA VAL F 215 49.05 -33.08 -48.43
C VAL F 215 49.75 -32.62 -49.73
N GLU F 216 50.16 -33.56 -50.59
CA GLU F 216 50.80 -33.17 -51.85
C GLU F 216 49.88 -33.30 -53.07
N MET F 217 50.10 -32.41 -54.04
CA MET F 217 49.55 -32.53 -55.40
C MET F 217 50.68 -32.22 -56.38
N SER F 218 50.53 -32.66 -57.63
CA SER F 218 51.57 -32.36 -58.62
C SER F 218 51.45 -30.94 -59.12
N ARG F 219 52.56 -30.41 -59.65
CA ARG F 219 52.53 -29.13 -60.34
C ARG F 219 51.46 -29.13 -61.44
N GLU F 220 51.34 -30.25 -62.15
CA GLU F 220 50.37 -30.37 -63.23
CA GLU F 220 50.35 -30.40 -63.23
C GLU F 220 48.93 -30.25 -62.71
N GLN F 221 48.64 -30.87 -61.56
CA GLN F 221 47.30 -30.83 -60.97
C GLN F 221 46.93 -29.41 -60.55
N LEU F 222 47.89 -28.72 -59.92
CA LEU F 222 47.71 -27.33 -59.53
C LEU F 222 47.44 -26.42 -60.73
N GLU F 223 48.26 -26.57 -61.78
CA GLU F 223 48.13 -25.73 -62.96
C GLU F 223 46.81 -25.95 -63.72
N LYS F 224 46.30 -27.19 -63.75
CA LYS F 224 44.98 -27.45 -64.37
C LYS F 224 43.84 -26.74 -63.63
N PHE F 225 43.81 -26.87 -62.30
CA PHE F 225 42.83 -26.11 -61.51
C PHE F 225 42.91 -24.61 -61.76
N ARG F 226 44.13 -24.07 -61.76
CA ARG F 226 44.31 -22.63 -61.98
CA ARG F 226 44.35 -22.64 -61.99
C ARG F 226 43.91 -22.20 -63.38
N LYS F 227 44.15 -23.07 -64.36
CA LYS F 227 43.78 -22.78 -65.76
C LYS F 227 42.26 -22.74 -65.91
N VAL F 228 41.58 -23.74 -65.36
CA VAL F 228 40.12 -23.86 -65.44
C VAL F 228 39.44 -22.70 -64.71
N MET F 229 39.92 -22.38 -63.50
CA MET F 229 39.35 -21.26 -62.74
C MET F 229 39.57 -19.93 -63.45
N GLY F 230 40.82 -19.66 -63.85
CA GLY F 230 41.14 -18.41 -64.53
C GLY F 230 41.35 -17.20 -63.63
N PHE F 231 41.28 -17.39 -62.31
CA PHE F 231 41.51 -16.30 -61.33
C PHE F 231 41.74 -16.89 -59.94
N ASP F 232 42.41 -16.16 -59.07
CA ASP F 232 42.59 -16.61 -57.69
C ASP F 232 41.27 -16.48 -56.94
N ASN F 233 40.91 -17.49 -56.15
CA ASN F 233 39.60 -17.50 -55.48
C ASN F 233 39.67 -17.59 -53.95
N ASN F 234 40.63 -16.87 -53.35
CA ASN F 234 40.75 -16.82 -51.88
C ASN F 234 40.25 -15.49 -51.33
N ARG F 235 39.42 -15.53 -50.29
CA ARG F 235 39.08 -14.30 -49.56
C ARG F 235 40.29 -13.87 -48.73
N PRO F 236 40.57 -12.55 -48.64
CA PRO F 236 41.66 -12.06 -47.79
C PRO F 236 41.45 -12.46 -46.33
N VAL F 237 42.55 -12.67 -45.60
CA VAL F 237 42.46 -13.02 -44.17
C VAL F 237 41.82 -11.88 -43.35
N GLN F 238 41.13 -12.26 -42.29
CA GLN F 238 40.29 -11.35 -41.50
C GLN F 238 40.87 -11.28 -40.08
N PRO F 239 40.63 -10.17 -39.36
CA PRO F 239 41.23 -10.03 -38.02
C PRO F 239 40.67 -11.03 -37.01
N LEU F 240 41.55 -11.58 -36.15
CA LEU F 240 41.12 -12.48 -35.08
CA LEU F 240 41.14 -12.48 -35.08
C LEU F 240 40.19 -11.81 -34.08
N ASN F 241 40.41 -10.52 -33.81
CA ASN F 241 39.62 -9.76 -32.82
C ASN F 241 39.73 -10.42 -31.41
N ALA F 242 38.61 -10.81 -30.80
CA ALA F 242 38.65 -11.41 -29.46
C ALA F 242 39.00 -12.89 -29.45
N ARG F 243 39.06 -13.52 -30.62
CA ARG F 243 39.26 -14.97 -30.67
C ARG F 243 40.68 -15.45 -30.36
N LYS F 244 40.77 -16.66 -29.83
CA LYS F 244 42.02 -17.42 -29.84
C LYS F 244 41.87 -18.66 -30.71
N VAL F 245 42.96 -19.04 -31.37
CA VAL F 245 43.01 -20.31 -32.08
C VAL F 245 43.57 -21.33 -31.13
N MET F 246 42.95 -22.52 -31.07
CA MET F 246 43.50 -23.60 -30.28
CA MET F 246 43.47 -23.62 -30.28
C MET F 246 44.35 -24.53 -31.15
N LYS F 247 45.41 -25.07 -30.55
CA LYS F 247 46.36 -25.96 -31.25
C LYS F 247 46.75 -27.19 -30.46
ZN ZN G . -3.58 -5.21 -7.23
C1 AZM H . -6.26 -3.97 -10.16
C2 AZM H . -6.99 -4.74 -12.25
C3 AZM H . -8.22 -6.45 -13.46
C4 AZM H . -8.36 -7.07 -14.81
N1 AZM H . -4.30 -3.66 -8.37
N2 AZM H . -6.12 -3.77 -12.35
N3 AZM H . -5.70 -3.31 -11.12
N4 AZM H . -7.48 -5.31 -13.40
O1 AZM H . -6.24 -2.17 -8.40
O2 AZM H . -6.53 -4.54 -7.65
O3 AZM H . -8.73 -6.92 -12.44
S1 AZM H . -5.89 -3.55 -8.48
S2 AZM H . -7.37 -5.21 -10.63
C41 PE3 I . -28.21 -13.76 4.27
O40 PE3 I . -27.21 -13.01 3.58
C39 PE3 I . -27.48 -11.62 3.60
C38 PE3 I . -26.71 -10.89 2.50
O37 PE3 I . -27.54 -9.82 2.02
C36 PE3 I . -26.84 -8.79 1.35
C35 PE3 I . -27.79 -8.10 0.39
O34 PE3 I . -28.20 -9.08 -0.58
C33 PE3 I . -29.19 -8.63 -1.51
C32 PE3 I . -29.42 -9.70 -2.59
O31 PE3 I . -29.98 -10.91 -2.04
C30 PE3 I . -30.22 -11.91 -3.04
C29 PE3 I . -30.96 -13.10 -2.44
O28 PE3 I . -32.19 -12.67 -1.84
C27 PE3 I . -33.05 -13.75 -1.51
C26 PE3 I . -33.70 -13.49 -0.16
O25 PE3 I . -34.31 -12.20 -0.12
C24 PE3 I . -34.92 -11.94 1.15
C23 PE3 I . -35.31 -10.47 1.25
O22 PE3 I . -34.54 -9.85 2.29
C21 PE3 I . -34.88 -8.47 2.47
C1 B3P J . 12.92 -13.46 -13.84
C2 B3P J . 12.06 -14.68 -13.48
C3 B3P J . 13.12 -13.31 -15.35
N1 B3P J . 14.38 -12.62 -15.66
C4 B3P J . 14.76 -12.20 -17.01
C4 B3P J . 14.76 -12.29 -17.03
C5 B3P J . 13.55 -12.21 -17.96
C6 B3P J . 15.28 -10.76 -16.97
C6 B3P J . 15.52 -10.98 -17.01
C7 B3P J . 15.86 -13.09 -17.56
C7 B3P J . 15.67 -13.40 -17.57
N2 B3P J . 12.81 -15.92 -13.56
C8 B3P J . 12.27 -17.25 -13.28
C9 B3P J . 12.74 -18.20 -14.38
C10 B3P J . 12.79 -17.75 -11.94
C11 B3P J . 10.75 -17.22 -13.30
O1 B3P J . 13.50 -17.46 -15.34
O2 B3P J . 14.06 -17.17 -11.65
O3 B3P J . 10.20 -18.20 -12.40
O4 B3P J . 12.58 -11.23 -17.53
O5 B3P J . 16.34 -10.60 -16.03
O5 B3P J . 15.96 -10.66 -18.33
O6 B3P J . 15.60 -14.48 -17.31
O6 B3P J . 17.03 -13.09 -17.26
S SO4 K . 4.65 -0.64 9.01
O1 SO4 K . 5.99 -0.39 9.54
O2 SO4 K . 4.02 -1.74 9.76
O3 SO4 K . 4.75 -1.01 7.58
O4 SO4 K . 3.83 0.59 9.14
CL CL L . -1.95 -28.19 -14.02
CL CL M . -4.71 -8.03 -11.53
C1 PEG N . -20.53 -12.49 -10.47
O1 PEG N . -20.23 -13.37 -11.54
C2 PEG N . -21.51 -11.42 -10.90
O2 PEG N . -20.86 -10.14 -10.92
C3 PEG N . -21.28 -9.37 -12.04
C4 PEG N . -20.18 -9.31 -13.09
O4 PEG N . -20.41 -8.16 -13.90
O1 TLA O . -26.28 -9.31 -6.74
O11 TLA O . -27.82 -8.54 -5.38
C1 TLA O . -27.40 -9.39 -6.20
C2 TLA O . -28.30 -10.56 -6.54
O2 TLA O . -27.82 -11.20 -7.75
C3 TLA O . -29.74 -10.09 -6.72
O3 TLA O . -29.84 -9.10 -7.75
C4 TLA O . -30.66 -11.25 -7.02
O4 TLA O . -31.43 -11.18 -8.01
O41 TLA O . -30.62 -12.23 -6.25
CL CL P . -13.47 -19.28 2.55
ZN ZN Q . -38.34 8.79 36.61
C1 AZM R . -36.74 5.51 38.65
C2 AZM R . -37.47 3.76 40.01
C3 AZM R . -38.99 1.89 40.13
C4 AZM R . -40.06 1.52 41.10
N1 AZM R . -37.05 7.98 37.81
N2 AZM R . -36.90 4.72 40.70
N3 AZM R . -36.47 5.75 39.90
N4 AZM R . -37.98 2.65 40.64
O1 AZM R . -34.87 6.75 37.52
O2 AZM R . -36.84 6.18 36.11
O3 AZM R . -38.98 1.55 38.94
S1 AZM R . -36.29 6.64 37.37
S2 AZM R . -37.54 4.02 38.30
C41 PE3 S . -36.24 -10.10 15.89
O40 PE3 S . -35.80 -9.63 17.17
C39 PE3 S . -34.51 -9.04 17.11
C38 PE3 S . -34.10 -8.55 18.50
O37 PE3 S . -33.27 -9.53 19.11
C36 PE3 S . -32.43 -9.01 20.14
C35 PE3 S . -31.68 -10.16 20.81
O34 PE3 S . -32.62 -11.16 21.20
C33 PE3 S . -32.05 -12.18 22.01
C32 PE3 S . -33.15 -12.98 22.73
O31 PE3 S . -33.90 -13.73 21.77
C30 PE3 S . -34.96 -14.50 22.36
C29 PE3 S . -35.84 -15.14 21.29
O28 PE3 S . -35.07 -16.05 20.49
C27 PE3 S . -35.75 -16.55 19.35
C26 PE3 S . -34.81 -17.52 18.64
O25 PE3 S . -33.89 -16.80 17.82
C24 PE3 S . -32.57 -17.36 17.84
C23 PE3 S . -31.80 -16.96 16.59
O22 PE3 S . -31.24 -15.64 16.73
C21 PE3 S . -29.84 -15.60 16.48
S SO4 T . -34.66 23.82 26.01
O1 SO4 T . -33.71 24.95 26.19
O2 SO4 T . -34.28 23.09 24.78
O3 SO4 T . -36.03 24.34 25.86
O4 SO4 T . -34.59 22.91 27.17
CL CL U . -60.97 2.04 37.04
CL CL V . -41.13 5.30 39.32
C1 PGE W . -36.97 -9.10 35.02
O1 PGE W . -37.39 -9.06 36.40
C2 PGE W . -38.18 -9.46 34.19
O2 PGE W . -37.93 -9.17 32.81
C3 PGE W . -38.84 -9.89 31.97
C4 PGE W . -40.17 -9.13 31.82
O4 PGE W . -43.54 -8.47 34.39
C6 PGE W . -43.27 -9.41 33.33
C5 PGE W . -41.82 -9.85 33.40
O3 PGE W . -41.27 -9.99 32.08
O1 TLA X . -35.69 -16.41 24.93
O11 TLA X . -34.89 -17.44 26.72
C1 TLA X . -34.95 -16.46 25.94
C2 TLA X . -34.10 -15.25 26.23
O2 TLA X . -33.39 -15.44 27.45
C3 TLA X . -34.99 -14.01 26.32
O3 TLA X . -35.95 -14.18 27.38
C4 TLA X . -34.15 -12.77 26.53
O4 TLA X . -33.04 -12.67 25.97
O41 TLA X . -34.58 -11.87 27.27
CL CL Y . -59.67 4.12 29.54
C1 PEG Z . -59.76 8.53 25.20
O1 PEG Z . -59.16 7.34 25.73
C2 PEG Z . -58.71 9.58 24.82
O2 PEG Z . -58.95 10.81 25.51
C3 PEG Z . -60.17 11.48 25.14
C4 PEG Z . -60.12 12.94 25.55
O4 PEG Z . -59.97 13.10 26.97
C1 PG5 AA . -56.24 -2.44 38.78
O1 PG5 AA . -57.41 -1.70 38.40
C2 PG5 AA . -57.70 -0.65 39.33
C3 PG5 AA . -59.07 -0.84 39.99
O2 PG5 AA . -59.77 0.39 39.97
C4 PG5 AA . -60.38 0.73 41.22
C5 PG5 AA . -61.80 1.17 40.94
O3 PG5 AA . -62.12 2.40 41.60
C6 PG5 AA . -63.39 2.36 42.22
C7 PG5 AA . -63.68 3.67 42.94
O4 PG5 AA . -63.90 4.70 41.98
C8 PG5 AA . -64.87 5.63 42.42
C1 PEG BA . -50.25 7.04 49.98
O1 PEG BA . -51.37 6.15 49.93
C2 PEG BA . -49.43 6.90 48.70
O2 PEG BA . -49.25 5.53 48.36
C3 PEG BA . -49.67 5.26 47.03
C4 PEG BA . -49.22 3.87 46.57
O4 PEG BA . -49.92 3.53 45.37
ZN ZN CA . -21.86 27.30 -7.44
C1 AZM DA . -18.24 26.58 -9.33
C2 AZM DA . -16.80 27.75 -10.76
C3 AZM DA . -15.30 29.64 -10.90
C4 AZM DA . -14.76 30.63 -11.88
N1 AZM DA . -20.70 26.09 -8.50
N2 AZM DA . -17.53 26.86 -11.40
N3 AZM DA . -18.37 26.18 -10.56
N4 AZM DA . -15.91 28.54 -11.43
O1 AZM DA . -18.85 24.46 -8.13
O2 AZM DA . -18.93 26.61 -6.84
O3 AZM DA . -15.21 29.77 -9.69
S1 AZM DA . -19.19 25.86 -8.03
S2 AZM DA . -17.07 27.82 -9.06
C1 B3P EA . -35.51 37.72 -17.73
C2 B3P EA . -34.66 38.68 -16.94
C3 B3P EA . -34.70 37.14 -18.86
N1 B3P EA . -34.82 37.88 -20.11
C4 B3P EA . -35.59 37.41 -21.26
C5 B3P EA . -34.28 37.48 -22.06
C6 B3P EA . -36.14 38.47 -22.22
C7 B3P EA . -35.73 35.93 -21.62
N2 B3P EA . -35.32 39.97 -16.77
C8 B3P EA . -34.49 41.16 -16.78
C9 B3P EA . -34.75 41.26 -15.28
C10 B3P EA . -35.03 42.59 -16.85
C11 B3P EA . -32.96 40.93 -16.64
O1 B3P EA . -36.16 41.42 -15.00
O2 B3P EA . -34.02 43.46 -17.35
O3 B3P EA . -32.51 41.39 -15.36
O4 B3P EA . -33.26 36.55 -21.60
O5 B3P EA . -37.44 38.86 -21.80
O6 B3P EA . -35.99 35.74 -23.02
S SO4 FA . -35.72 19.90 2.92
O1 SO4 FA . -35.16 20.40 1.64
O2 SO4 FA . -36.78 18.89 2.68
O3 SO4 FA . -36.30 21.04 3.65
O4 SO4 FA . -34.63 19.27 3.70
CL CL GA . -21.38 50.96 -9.42
CL CL HA . -19.20 30.91 -10.27
C1 PGE IA . -3.97 31.63 -6.12
O1 PGE IA . -5.09 32.46 -6.44
C2 PGE IA . -4.13 31.10 -4.69
O2 PGE IA . -4.75 32.09 -3.88
C3 PGE IA . -4.21 32.08 -2.55
C4 PGE IA . -3.66 33.47 -2.20
O4 PGE IA . -5.33 36.84 -4.04
C6 PGE IA . -5.45 36.60 -2.64
C5 PGE IA . -4.30 35.74 -2.14
O3 PGE IA . -4.72 34.39 -1.96
CL CL JA . -16.71 38.55 8.32
C1 PEG KA . -19.00 38.36 -17.85
O1 PEG KA . -19.09 39.24 -16.72
C2 PEG KA . -20.41 38.13 -18.42
O2 PEG KA . -20.34 37.40 -19.64
C3 PEG KA . -21.56 37.46 -20.38
C4 PEG KA . -21.40 38.39 -21.57
O4 PEG KA . -22.68 38.90 -21.95
ZN ZN LA . -2.05 0.85 39.61
C1 AZM MA . -4.24 3.12 42.31
C2 AZM MA . -3.85 4.15 44.39
C3 AZM MA . -2.75 5.97 45.55
C4 AZM MA . -2.37 6.44 46.91
N1 AZM MA . -3.79 1.09 40.61
N2 AZM MA . -4.52 3.03 44.50
N3 AZM MA . -4.76 2.43 43.28
N4 AZM MA . -3.53 4.86 45.52
O1 AZM MA . -5.80 2.51 40.43
O2 AZM MA . -3.60 3.44 39.82
O3 AZM MA . -2.39 6.52 44.51
S1 AZM MA . -4.39 2.58 40.63
S2 AZM MA . -3.43 4.57 42.77
C1 B3P NA . 10.30 -11.97 47.68
C2 B3P NA . 10.32 -12.41 49.15
C3 B3P NA . 11.39 -10.95 47.40
N1 B3P NA . 12.71 -11.57 47.39
C4 B3P NA . 13.98 -10.84 47.35
C5 B3P NA . 14.37 -10.52 48.80
C6 B3P NA . 15.02 -11.79 46.77
C7 B3P NA . 13.94 -9.60 46.46
N2 B3P NA . 9.73 -13.73 49.35
C8 B3P NA . 9.39 -14.29 50.65
C9 B3P NA . 8.20 -15.25 50.50
C10 B3P NA . 10.55 -15.15 51.16
C11 B3P NA . 9.01 -13.21 51.65
O1 B3P NA . 8.42 -16.19 49.46
O2 B3P NA . 11.70 -14.33 51.38
O3 B3P NA . 7.92 -12.41 51.16
O4 B3P NA . 15.54 -9.69 48.85
O5 B3P NA . 14.57 -12.24 45.50
O6 B3P NA . 13.30 -8.49 47.10
S SO4 OA . -2.51 -9.09 23.78
O1 SO4 OA . -1.72 -8.08 23.05
O2 SO4 OA . -1.98 -10.43 23.53
O3 SO4 OA . -3.92 -9.02 23.34
O4 SO4 OA . -2.46 -8.79 25.24
CL CL PA . -0.04 2.98 44.04
C1 PGE QA . 2.93 17.17 44.94
O1 PGE QA . 2.15 16.49 45.92
C2 PGE QA . 2.56 18.64 44.89
O2 PGE QA . 1.25 18.79 44.38
C3 PGE QA . 1.18 19.58 43.20
C4 PGE QA . -0.02 19.16 42.37
O4 PGE QA . -3.20 18.60 43.97
C6 PGE QA . -3.30 18.67 42.56
C5 PGE QA . -2.32 19.70 42.02
O3 PGE QA . -1.19 19.80 42.88
CL CL RA . 9.14 14.41 30.24
ZN ZN SA . 27.71 -6.28 -16.99
C1 AZM TA . 28.38 -4.30 -20.54
C2 AZM TA . 28.25 -2.12 -21.34
C3 AZM TA . 29.25 0.09 -21.26
C4 AZM TA . 28.92 1.52 -21.54
N1 AZM TA . 27.49 -6.23 -18.91
N2 AZM TA . 27.22 -2.84 -21.70
N3 AZM TA . 27.31 -4.12 -21.23
N4 AZM TA . 28.33 -0.80 -21.71
O1 AZM TA . 28.79 -6.77 -20.97
O2 AZM TA . 29.91 -5.78 -19.01
O3 AZM TA . 30.27 -0.28 -20.67
S1 AZM TA . 28.74 -5.90 -19.83
S2 AZM TA . 29.44 -2.94 -20.39
C1 B3P UA . 12.12 0.30 -6.89
C2 B3P UA . 13.30 1.01 -6.20
C3 B3P UA . 11.22 1.25 -7.67
N1 B3P UA . 9.87 0.74 -7.87
C4 B3P UA . 8.86 1.37 -8.73
C5 B3P UA . 8.04 0.27 -9.41
C6 B3P UA . 7.87 2.24 -7.94
C7 B3P UA . 9.55 2.24 -9.80
N2 B3P UA . 12.90 1.88 -5.11
C8 B3P UA . 13.83 2.37 -4.08
C9 B3P UA . 13.17 3.57 -3.41
C10 B3P UA . 14.10 1.29 -3.04
C11 B3P UA . 15.13 2.80 -4.76
O1 B3P UA . 13.03 4.66 -4.33
O2 B3P UA . 12.87 0.66 -2.65
O2 B3P UA . 13.47 1.56 -1.78
O3 B3P UA . 16.20 2.96 -3.83
O4 B3P UA . 7.48 -0.67 -8.48
O4 B3P UA . 7.15 0.83 -10.38
O5 B3P UA . 8.53 3.16 -7.06
O5 B3P UA . 7.52 1.66 -6.67
O6 B3P UA . 10.26 1.43 -10.76
S SO4 VA . 26.93 -22.91 -8.17
O1 SO4 VA . 28.25 -23.09 -8.81
O2 SO4 VA . 26.12 -24.12 -8.39
O3 SO4 VA . 26.25 -21.73 -8.76
O4 SO4 VA . 27.11 -22.69 -6.72
CL CL WA . 27.38 -1.13 -17.63
C1 PGE XA . 40.57 4.19 -24.36
O1 PGE XA . 40.34 3.83 -25.72
C2 PGE XA . 41.98 3.78 -23.98
O2 PGE XA . 42.07 3.64 -22.57
C3 PGE XA . 42.98 4.57 -22.00
C4 PGE XA . 42.48 5.02 -20.63
O4 PGE XA . 39.21 7.06 -18.86
C6 PGE XA . 40.24 7.73 -19.61
C5 PGE XA . 41.53 6.91 -19.54
O3 PGE XA . 41.71 6.21 -20.77
CL CL YA . 43.95 -1.96 -6.39
C1 PEG ZA . 20.48 -17.52 -6.50
O1 PEG ZA . 20.61 -18.84 -6.99
C2 PEG ZA . 20.18 -16.62 -7.69
O2 PEG ZA . 18.85 -16.12 -7.64
C3 PEG ZA . 17.92 -16.79 -8.51
C4 PEG ZA . 18.42 -16.95 -9.94
O4 PEG ZA . 17.35 -16.83 -10.88
C1 PEG AB . 23.91 8.75 -15.72
O1 PEG AB . 24.92 7.79 -16.05
C2 PEG AB . 22.73 8.05 -15.07
O2 PEG AB . 21.80 7.71 -16.09
C3 PEG AB . 20.45 7.69 -15.60
C4 PEG AB . 19.48 7.16 -16.65
O4 PEG AB . 18.16 7.18 -16.10
ZN ZN BB . 35.83 -22.88 -49.25
C1 AZM CB . 32.03 -21.99 -47.90
C2 AZM CB . 29.83 -22.07 -48.68
C3 AZM CB . 27.99 -23.53 -49.37
C4 AZM CB . 26.69 -23.49 -50.09
N1 AZM CB . 34.65 -21.67 -48.38
N2 AZM CB . 30.33 -20.87 -48.72
N3 AZM CB . 31.62 -20.82 -48.26
N4 AZM CB . 28.54 -22.30 -49.10
O1 AZM CB . 33.61 -21.33 -46.11
O2 AZM CB . 33.81 -23.60 -47.05
O3 AZM CB . 28.56 -24.55 -49.03
S1 AZM CB . 33.65 -22.21 -47.24
S2 AZM CB . 30.88 -23.28 -48.04
C41 PE3 DB . 25.52 -44.86 -26.99
O40 PE3 DB . 25.09 -45.56 -28.17
C39 PE3 DB . 23.68 -45.69 -28.23
C38 PE3 DB . 23.29 -46.57 -29.41
O37 PE3 DB . 23.20 -45.80 -30.61
C36 PE3 DB . 22.37 -46.42 -31.59
C35 PE3 DB . 22.71 -45.91 -32.98
O34 PE3 DB . 22.85 -44.49 -32.93
C33 PE3 DB . 23.22 -43.92 -34.18
C32 PE3 DB . 23.20 -42.39 -34.04
O31 PE3 DB . 24.22 -41.95 -33.13
C30 PE3 DB . 24.13 -40.55 -32.86
C29 PE3 DB . 25.25 -40.13 -31.90
O28 PE3 DB . 26.53 -40.30 -32.53
C27 PE3 DB . 27.61 -39.91 -31.69
C26 PE3 DB . 28.91 -40.29 -32.40
O25 PE3 DB . 28.87 -41.66 -32.75
C24 PE3 DB . 30.08 -42.11 -33.37
C23 PE3 DB . 30.30 -43.57 -33.02
O22 PE3 DB . 30.28 -44.35 -34.21
C21 PE3 DB . 30.10 -45.73 -33.91
C1 B3P EB . 39.77 -18.49 -68.41
C2 B3P EB . 39.04 -19.83 -68.30
C3 B3P EB . 38.97 -17.43 -69.19
N1 B3P EB . 39.65 -16.14 -69.22
C4 B3P EB . 39.17 -14.96 -69.96
C5 B3P EB . 37.69 -14.71 -69.67
C6 B3P EB . 40.04 -13.76 -69.48
C7 B3P EB . 39.26 -15.13 -71.47
N2 B3P EB . 38.80 -20.48 -69.58
C8 B3P EB . 38.91 -21.93 -69.76
C9 B3P EB . 38.53 -22.30 -71.19
C10 B3P EB . 40.35 -22.39 -69.51
C11 B3P EB . 37.98 -22.67 -68.79
O1 B3P EB . 37.19 -21.93 -71.48
O2 B3P EB . 41.25 -21.76 -70.42
O3 B3P EB . 38.34 -24.06 -68.74
O3 B3P EB . 36.76 -21.93 -68.59
O4 B3P EB . 37.43 -14.55 -68.27
O5 B3P EB . 41.44 -14.03 -69.56
O5 B3P EB . 39.77 -12.56 -70.21
O6 B3P EB . 40.57 -15.53 -71.88
S SO4 FB . 54.24 -22.66 -45.48
O1 SO4 FB . 54.08 -22.08 -46.83
O2 SO4 FB . 54.60 -24.08 -45.59
O3 SO4 FB . 52.98 -22.51 -44.72
O4 SO4 FB . 55.31 -21.93 -44.78
CL CL GB . 31.42 -23.78 -51.93
O1 TLA HB . 18.47 -40.32 -34.96
O11 TLA HB . 20.26 -41.47 -35.44
C1 TLA HB . 19.71 -40.42 -35.10
C2 TLA HB . 20.57 -39.22 -34.82
O2 TLA HB . 19.76 -38.03 -34.78
C3 TLA HB . 21.62 -39.08 -35.92
O3 TLA HB . 20.94 -38.82 -37.16
C4 TLA HB . 22.54 -37.93 -35.59
O4 TLA HB . 23.04 -37.85 -34.45
O41 TLA HB . 22.76 -37.07 -36.47
CL CL IB . 34.73 -40.73 -63.61
C1 PGE JB . 22.24 -35.85 -52.08
O1 PGE JB . 21.62 -37.14 -52.11
C2 PGE JB . 21.56 -34.91 -53.05
O2 PGE JB . 22.51 -34.51 -54.05
C3 PGE JB . 22.28 -33.17 -54.48
C4 PGE JB . 22.03 -33.15 -55.98
O4 PGE JB . 22.29 -36.31 -58.89
C6 PGE JB . 21.07 -35.92 -58.25
C5 PGE JB . 21.21 -34.49 -57.75
O3 PGE JB . 21.82 -34.48 -56.45
C1 PEG KB . 44.30 -39.74 -64.93
O1 PEG KB . 43.66 -38.56 -65.48
C2 PEG KB . 43.32 -40.80 -64.47
O2 PEG KB . 42.28 -40.27 -63.63
C3 PEG KB . 41.95 -41.11 -62.51
C4 PEG KB . 41.02 -42.26 -62.92
O4 PEG KB . 39.65 -42.04 -62.53
C1 PEG LB . 26.16 -23.13 -61.23
O1 PEG LB . 26.50 -24.51 -61.37
C2 PEG LB . 26.95 -22.31 -62.23
O2 PEG LB . 26.62 -20.92 -62.16
C3 PEG LB . 27.20 -20.17 -63.23
C4 PEG LB . 26.13 -19.86 -64.26
O4 PEG LB . 26.73 -19.81 -65.56
#